data_8SO5
#
_entry.id   8SO5
#
_cell.length_a   97.070
_cell.length_b   80.650
_cell.length_c   101.600
_cell.angle_alpha   90.00
_cell.angle_beta   90.81
_cell.angle_gamma   90.00
#
_symmetry.space_group_name_H-M   'P 1 21 1'
#
loop_
_entity.id
_entity.type
_entity.pdbx_description
1 polymer 'Protein related to penicillin acylase'
2 polymer 'Protein related to penicillin acylase'
3 non-polymer 'DECANOIC ACID'
4 water water
#
loop_
_entity_poly.entity_id
_entity_poly.type
_entity_poly.pdbx_seq_one_letter_code
_entity_poly.pdbx_strand_id
1 'polypeptide(L)'
;ACGGSGGGDGSTYSAEIRRTTMGVPHIKAGNWGSAGYGFGYVQAQDNLCTMADSFLTYRGERSRHLGGSAQLVYNSTLGR
PRNIDSDFFHRHVISDEAVDRTMAAQPAKLLQMVEGFAAGYNRYVREAKAGGSAHAACRSEAWVQPITARDVWRRIYAAN
LAGGYSNFAEAIANAQPPQAKAGAQEPAAFEPGRTRAPSLQVGGELGVG
;
G,J
2 'polypeptide(L)'
;SNMYGFGTAATGEGSGLLFGNPHWYWKGPDRFYQAQLTIDGEANVSGVSFLGLPVIQIGFNDSVAWSHTVSTARRFGFFQ
LSLVPGDPTSYLVDGVPVKMKPATITVPSRNADGSVSDVTRTLYHSEFGPLVNLAGLNPALAWSQQTAFAIRDINGENFR
TLRTWMRWNQAKSLDEFIAIQKEEAGIPWVNTVAVGRGDAKAWYADIGVVPNVSPAQLARCTTPFGKAFAQALPNVPFFD
GSRSECDWLTDADSVQPGAIGVSRMPSLQRDDYVGNMNDSYWLANVHAPLTGYPAIFGPAGTSAQTLRTRMGHTMVLERL
AGTDGYPGNKATPAVVREMVLGNRVFSAERFKDEVLDLICTPAQWTVNGAAVDAAQACAVLAAWDNRGRKDSRGAHLWDE
FWSRVPTASLFTVPFSAADPLNTPRGINAAAADALRQAMATAVARVGQSGYALDAPRGEVLYVTRGGTRLPLYGGCGAMG
YFTITCSENDITQGGYSMDGQPNASNSYMQVVSFPASGVQAHTFLTYSLSDDPASPHHGDYTKAYSAGQWLRVPFTEAEI
TGNADYRTATVKELE
;
I,L
#
loop_
_chem_comp.id
_chem_comp.type
_chem_comp.name
_chem_comp.formula
DKA non-polymer 'DECANOIC ACID' 'C10 H20 O2'
#
# COMPACT_ATOMS: atom_id res chain seq x y z
N SER A 11 -35.76 -13.33 -24.82
CA SER A 11 -35.57 -12.36 -25.93
C SER A 11 -36.43 -11.13 -25.70
N THR A 12 -37.74 -11.35 -25.55
CA THR A 12 -38.69 -10.28 -25.30
C THR A 12 -38.87 -10.13 -23.78
N TYR A 13 -37.88 -9.51 -23.14
CA TYR A 13 -37.86 -9.37 -21.69
C TYR A 13 -38.79 -8.24 -21.27
N SER A 14 -39.50 -8.46 -20.16
CA SER A 14 -40.36 -7.44 -19.56
C SER A 14 -40.32 -7.60 -18.04
N ALA A 15 -40.03 -6.49 -17.34
CA ALA A 15 -39.86 -6.53 -15.90
C ALA A 15 -40.40 -5.25 -15.27
N GLU A 16 -41.20 -5.41 -14.21
CA GLU A 16 -41.70 -4.28 -13.45
C GLU A 16 -40.80 -4.07 -12.23
N ILE A 17 -40.36 -2.82 -12.05
CA ILE A 17 -39.41 -2.49 -11.00
C ILE A 17 -40.08 -1.57 -10.00
N ARG A 18 -40.38 -2.12 -8.81
CA ARG A 18 -40.90 -1.32 -7.72
C ARG A 18 -39.76 -1.04 -6.74
N ARG A 19 -39.54 0.25 -6.45
CA ARG A 19 -38.57 0.64 -5.43
C ARG A 19 -39.32 1.21 -4.23
N THR A 20 -38.85 0.84 -3.04
CA THR A 20 -39.44 1.31 -1.80
C THR A 20 -38.38 2.07 -1.00
N THR A 21 -38.66 2.30 0.28
CA THR A 21 -37.77 3.06 1.14
C THR A 21 -36.34 2.54 0.98
N MET A 22 -35.40 3.47 0.89
CA MET A 22 -33.97 3.15 0.85
C MET A 22 -33.60 2.69 -0.57
N GLY A 23 -34.57 2.79 -1.49
CA GLY A 23 -34.34 2.48 -2.89
C GLY A 23 -34.36 0.98 -3.17
N VAL A 24 -34.80 0.20 -2.18
CA VAL A 24 -34.83 -1.25 -2.31
C VAL A 24 -35.75 -1.62 -3.47
N PRO A 25 -35.22 -2.31 -4.50
CA PRO A 25 -36.03 -2.73 -5.64
C PRO A 25 -36.73 -4.07 -5.43
N HIS A 26 -37.96 -4.17 -5.93
CA HIS A 26 -38.70 -5.42 -5.94
C HIS A 26 -39.08 -5.74 -7.39
N ILE A 27 -38.39 -6.71 -7.98
CA ILE A 27 -38.56 -7.06 -9.38
C ILE A 27 -39.75 -8.00 -9.52
N LYS A 28 -40.63 -7.70 -10.49
CA LYS A 28 -41.74 -8.56 -10.82
C LYS A 28 -41.68 -8.92 -12.30
N ALA A 29 -41.61 -10.23 -12.59
CA ALA A 29 -41.53 -10.71 -13.95
C ALA A 29 -42.36 -11.99 -14.08
N GLY A 30 -42.72 -12.33 -15.33
CA GLY A 30 -43.53 -13.50 -15.60
C GLY A 30 -42.69 -14.75 -15.79
N ASN A 31 -41.37 -14.57 -15.89
CA ASN A 31 -40.46 -15.69 -16.11
C ASN A 31 -39.07 -15.31 -15.61
N TRP A 32 -38.16 -16.29 -15.64
CA TRP A 32 -36.84 -16.15 -15.02
C TRP A 32 -35.95 -15.23 -15.86
N GLY A 33 -36.09 -15.31 -17.18
CA GLY A 33 -35.33 -14.46 -18.08
C GLY A 33 -35.60 -12.98 -17.81
N SER A 34 -36.89 -12.66 -17.62
CA SER A 34 -37.32 -11.28 -17.42
C SER A 34 -36.99 -10.82 -16.01
N ALA A 35 -36.87 -11.78 -15.09
CA ALA A 35 -36.48 -11.49 -13.72
C ALA A 35 -35.01 -11.05 -13.70
N GLY A 36 -34.18 -11.79 -14.45
CA GLY A 36 -32.77 -11.46 -14.59
C GLY A 36 -32.57 -10.10 -15.25
N TYR A 37 -33.43 -9.80 -16.23
CA TYR A 37 -33.38 -8.53 -16.93
C TYR A 37 -33.55 -7.39 -15.93
N GLY A 38 -34.61 -7.47 -15.13
CA GLY A 38 -34.90 -6.43 -14.14
C GLY A 38 -33.80 -6.33 -13.09
N PHE A 39 -33.24 -7.48 -12.70
CA PHE A 39 -32.28 -7.54 -11.62
C PHE A 39 -30.94 -6.97 -12.08
N GLY A 40 -30.52 -7.37 -13.28
CA GLY A 40 -29.28 -6.88 -13.86
C GLY A 40 -29.33 -5.37 -14.10
N TYR A 41 -30.52 -4.87 -14.46
CA TYR A 41 -30.70 -3.46 -14.76
C TYR A 41 -30.50 -2.62 -13.51
N VAL A 42 -31.14 -3.04 -12.40
CA VAL A 42 -31.17 -2.24 -11.19
C VAL A 42 -29.79 -2.27 -10.53
N GLN A 43 -29.10 -3.40 -10.63
CA GLN A 43 -27.77 -3.54 -10.07
C GLN A 43 -26.81 -2.56 -10.77
N ALA A 44 -26.91 -2.52 -12.11
CA ALA A 44 -26.08 -1.63 -12.90
C ALA A 44 -26.49 -0.18 -12.65
N GLN A 45 -27.80 0.04 -12.46
CA GLN A 45 -28.33 1.38 -12.27
C GLN A 45 -27.75 1.98 -10.99
N ASP A 46 -27.41 1.12 -10.02
CA ASP A 46 -27.00 1.58 -8.71
C ASP A 46 -25.49 1.44 -8.52
N ASN A 47 -24.85 0.55 -9.30
CA ASN A 47 -23.47 0.19 -9.04
C ASN A 47 -22.74 -0.13 -10.35
N LEU A 48 -22.82 0.79 -11.32
CA LEU A 48 -22.26 0.55 -12.64
C LEU A 48 -20.74 0.50 -12.57
N CYS A 49 -20.13 1.53 -11.97
CA CYS A 49 -18.68 1.68 -11.98
C CYS A 49 -18.03 0.43 -11.39
N THR A 50 -18.46 0.02 -10.19
CA THR A 50 -17.92 -1.14 -9.53
C THR A 50 -18.06 -2.37 -10.42
N MET A 51 -19.26 -2.56 -10.97
CA MET A 51 -19.59 -3.76 -11.72
C MET A 51 -18.80 -3.82 -13.02
N ALA A 52 -18.75 -2.69 -13.74
CA ALA A 52 -18.03 -2.60 -14.99
C ALA A 52 -16.56 -2.96 -14.77
N ASP A 53 -16.02 -2.50 -13.64
CA ASP A 53 -14.64 -2.76 -13.28
C ASP A 53 -14.46 -4.26 -13.03
N SER A 54 -15.49 -4.90 -12.46
CA SER A 54 -15.39 -6.28 -12.02
C SER A 54 -15.33 -7.22 -13.21
N PHE A 55 -15.93 -6.82 -14.34
CA PHE A 55 -16.01 -7.67 -15.51
C PHE A 55 -14.68 -7.62 -16.27
N LEU A 56 -13.91 -6.55 -16.06
CA LEU A 56 -12.53 -6.52 -16.52
C LEU A 56 -11.77 -7.66 -15.85
N THR A 57 -12.00 -7.82 -14.54
CA THR A 57 -11.26 -8.75 -13.73
C THR A 57 -11.49 -10.18 -14.22
N TYR A 58 -12.76 -10.56 -14.32
CA TYR A 58 -13.13 -11.95 -14.57
C TYR A 58 -12.81 -12.35 -16.01
N ARG A 59 -12.63 -11.34 -16.87
CA ARG A 59 -12.34 -11.57 -18.27
C ARG A 59 -10.83 -11.53 -18.49
N GLY A 60 -10.11 -10.94 -17.53
CA GLY A 60 -8.67 -10.80 -17.62
C GLY A 60 -8.27 -9.67 -18.57
N GLU A 61 -8.98 -8.55 -18.46
CA GLU A 61 -8.82 -7.43 -19.37
C GLU A 61 -8.51 -6.16 -18.59
N ARG A 62 -8.03 -6.32 -17.35
CA ARG A 62 -7.72 -5.18 -16.49
C ARG A 62 -6.53 -4.41 -17.07
N SER A 63 -5.47 -5.16 -17.42
CA SER A 63 -4.20 -4.57 -17.82
C SER A 63 -4.41 -3.64 -19.01
N ARG A 64 -5.21 -4.08 -19.98
CA ARG A 64 -5.42 -3.34 -21.21
C ARG A 64 -5.80 -1.89 -20.91
N HIS A 65 -6.64 -1.71 -19.88
CA HIS A 65 -7.26 -0.42 -19.63
C HIS A 65 -6.52 0.32 -18.51
N LEU A 66 -6.11 -0.42 -17.47
CA LEU A 66 -5.73 0.20 -16.21
C LEU A 66 -4.25 0.00 -15.92
N GLY A 67 -3.55 -0.73 -16.81
CA GLY A 67 -2.14 -1.00 -16.63
C GLY A 67 -1.91 -2.30 -15.87
N GLY A 68 -0.81 -2.99 -16.20
CA GLY A 68 -0.54 -4.32 -15.67
C GLY A 68 0.06 -4.29 -14.27
N SER A 69 0.81 -3.22 -13.97
CA SER A 69 1.53 -3.13 -12.71
C SER A 69 0.61 -2.67 -11.60
N ALA A 70 -0.48 -1.98 -11.96
CA ALA A 70 -1.42 -1.45 -10.99
C ALA A 70 -2.13 -2.61 -10.29
N GLN A 71 -2.58 -2.34 -9.05
CA GLN A 71 -3.31 -3.33 -8.26
C GLN A 71 -4.79 -3.29 -8.64
N LEU A 72 -5.51 -4.35 -8.25
CA LEU A 72 -6.96 -4.33 -8.24
C LEU A 72 -7.44 -3.11 -7.47
N VAL A 73 -8.47 -2.44 -8.00
CA VAL A 73 -8.99 -1.22 -7.39
C VAL A 73 -9.72 -1.58 -6.10
N TYR A 74 -10.49 -2.67 -6.14
CA TYR A 74 -11.37 -3.05 -5.05
C TYR A 74 -10.86 -4.32 -4.37
N ASN A 75 -11.04 -4.37 -3.05
CA ASN A 75 -10.76 -5.58 -2.29
C ASN A 75 -11.92 -6.55 -2.47
N SER A 76 -11.60 -7.84 -2.50
CA SER A 76 -12.60 -8.89 -2.72
C SER A 76 -12.06 -10.21 -2.20
N THR A 77 -12.80 -11.30 -2.48
CA THR A 77 -12.36 -12.64 -2.13
C THR A 77 -11.04 -12.93 -2.85
N LEU A 78 -10.76 -12.14 -3.89
CA LEU A 78 -9.59 -12.36 -4.73
C LEU A 78 -8.38 -11.61 -4.17
N GLY A 79 -8.60 -10.83 -3.11
CA GLY A 79 -7.59 -9.92 -2.62
C GLY A 79 -7.32 -8.80 -3.62
N ARG A 80 -6.09 -8.28 -3.63
CA ARG A 80 -5.75 -7.17 -4.49
C ARG A 80 -4.36 -7.38 -5.10
N PRO A 81 -4.19 -8.41 -5.96
CA PRO A 81 -2.93 -8.61 -6.68
C PRO A 81 -2.76 -7.61 -7.82
N ARG A 82 -1.66 -7.77 -8.57
CA ARG A 82 -1.40 -6.92 -9.73
C ARG A 82 -2.32 -7.35 -10.86
N ASN A 83 -2.80 -6.35 -11.63
CA ASN A 83 -3.71 -6.58 -12.73
C ASN A 83 -3.18 -7.71 -13.62
N ILE A 84 -1.88 -7.65 -13.93
CA ILE A 84 -1.29 -8.54 -14.91
C ILE A 84 -1.44 -9.98 -14.44
N ASP A 85 -1.19 -10.21 -13.14
CA ASP A 85 -1.24 -11.56 -12.57
C ASP A 85 -2.69 -12.02 -12.50
N SER A 86 -3.59 -11.09 -12.14
CA SER A 86 -5.01 -11.40 -12.06
C SER A 86 -5.52 -11.81 -13.44
N ASP A 87 -5.08 -11.09 -14.47
CA ASP A 87 -5.51 -11.35 -15.83
C ASP A 87 -5.12 -12.78 -16.22
N PHE A 88 -3.88 -13.16 -15.93
CA PHE A 88 -3.38 -14.49 -16.25
C PHE A 88 -4.17 -15.54 -15.47
N PHE A 89 -4.38 -15.27 -14.18
CA PHE A 89 -5.12 -16.17 -13.32
C PHE A 89 -6.47 -16.51 -13.95
N HIS A 90 -7.24 -15.46 -14.27
CA HIS A 90 -8.62 -15.61 -14.69
C HIS A 90 -8.68 -16.31 -16.05
N ARG A 91 -7.80 -15.91 -16.96
CA ARG A 91 -7.77 -16.49 -18.29
C ARG A 91 -7.40 -17.97 -18.21
N HIS A 92 -6.59 -18.32 -17.21
CA HIS A 92 -6.06 -19.67 -17.10
C HIS A 92 -7.08 -20.57 -16.41
N VAL A 93 -7.58 -20.12 -15.25
CA VAL A 93 -8.43 -20.94 -14.42
C VAL A 93 -9.87 -20.87 -14.92
N ILE A 94 -10.31 -19.66 -15.27
CA ILE A 94 -11.66 -19.47 -15.80
C ILE A 94 -11.59 -19.45 -17.31
N SER A 95 -11.16 -20.59 -17.88
CA SER A 95 -11.02 -20.73 -19.33
C SER A 95 -12.39 -20.93 -19.96
N ASP A 96 -12.43 -20.84 -21.30
CA ASP A 96 -13.67 -21.04 -22.04
C ASP A 96 -14.24 -22.42 -21.73
N GLU A 97 -13.35 -23.39 -21.50
CA GLU A 97 -13.76 -24.75 -21.20
C GLU A 97 -14.46 -24.78 -19.83
N ALA A 98 -13.89 -24.05 -18.87
CA ALA A 98 -14.44 -23.98 -17.54
C ALA A 98 -15.86 -23.42 -17.59
N VAL A 99 -16.03 -22.38 -18.41
CA VAL A 99 -17.33 -21.73 -18.58
C VAL A 99 -18.29 -22.71 -19.26
N ASP A 100 -17.76 -23.42 -20.28
CA ASP A 100 -18.57 -24.32 -21.08
C ASP A 100 -19.21 -25.38 -20.20
N ARG A 101 -18.45 -25.93 -19.25
CA ARG A 101 -18.91 -27.03 -18.43
C ARG A 101 -19.83 -26.51 -17.33
N THR A 102 -19.54 -25.31 -16.83
CA THR A 102 -20.40 -24.68 -15.84
C THR A 102 -21.80 -24.52 -16.43
N MET A 103 -21.84 -24.10 -17.71
CA MET A 103 -23.08 -23.78 -18.39
C MET A 103 -23.81 -25.07 -18.78
N ALA A 104 -23.02 -26.09 -19.13
CA ALA A 104 -23.57 -27.35 -19.63
C ALA A 104 -24.40 -28.03 -18.55
N ALA A 105 -24.16 -27.65 -17.29
CA ALA A 105 -24.77 -28.34 -16.16
C ALA A 105 -25.79 -27.45 -15.47
N GLN A 106 -26.40 -26.54 -16.25
CA GLN A 106 -27.35 -25.59 -15.69
C GLN A 106 -28.77 -25.92 -16.17
N PRO A 107 -29.79 -25.76 -15.32
CA PRO A 107 -31.18 -25.84 -15.74
C PRO A 107 -31.54 -24.71 -16.71
N ALA A 108 -32.46 -25.01 -17.63
CA ALA A 108 -32.83 -24.08 -18.69
C ALA A 108 -33.09 -22.69 -18.13
N LYS A 109 -33.77 -22.65 -16.99
CA LYS A 109 -34.28 -21.39 -16.43
C LYS A 109 -33.14 -20.51 -15.96
N LEU A 110 -32.05 -21.13 -15.48
CA LEU A 110 -30.89 -20.39 -15.03
C LEU A 110 -30.18 -19.74 -16.22
N LEU A 111 -29.90 -20.55 -17.24
CA LEU A 111 -29.26 -20.05 -18.45
C LEU A 111 -30.05 -18.86 -18.98
N GLN A 112 -31.38 -18.97 -18.90
CA GLN A 112 -32.27 -17.92 -19.38
C GLN A 112 -32.14 -16.70 -18.49
N MET A 113 -31.99 -16.93 -17.17
CA MET A 113 -31.96 -15.85 -16.21
C MET A 113 -30.67 -15.05 -16.39
N VAL A 114 -29.60 -15.74 -16.78
CA VAL A 114 -28.30 -15.12 -16.94
C VAL A 114 -28.28 -14.35 -18.26
N GLU A 115 -28.87 -14.93 -19.31
CA GLU A 115 -29.03 -14.24 -20.58
C GLU A 115 -29.71 -12.90 -20.31
N GLY A 116 -30.83 -12.95 -19.59
CA GLY A 116 -31.59 -11.76 -19.25
C GLY A 116 -30.77 -10.76 -18.44
N PHE A 117 -30.04 -11.27 -17.45
CA PHE A 117 -29.26 -10.42 -16.55
C PHE A 117 -28.26 -9.61 -17.37
N ALA A 118 -27.61 -10.26 -18.33
CA ALA A 118 -26.66 -9.59 -19.20
C ALA A 118 -27.36 -8.51 -20.01
N ALA A 119 -28.54 -8.85 -20.54
CA ALA A 119 -29.31 -7.93 -21.38
C ALA A 119 -29.76 -6.72 -20.56
N GLY A 120 -30.15 -6.97 -19.31
CA GLY A 120 -30.60 -5.91 -18.42
C GLY A 120 -29.46 -4.95 -18.06
N TYR A 121 -28.27 -5.53 -17.82
CA TYR A 121 -27.08 -4.76 -17.51
C TYR A 121 -26.74 -3.87 -18.70
N ASN A 122 -26.72 -4.49 -19.89
CA ASN A 122 -26.35 -3.79 -21.11
C ASN A 122 -27.33 -2.64 -21.36
N ARG A 123 -28.60 -2.84 -20.99
CA ARG A 123 -29.61 -1.82 -21.20
C ARG A 123 -29.17 -0.53 -20.51
N TYR A 124 -28.80 -0.64 -19.23
CA TYR A 124 -28.45 0.54 -18.45
C TYR A 124 -27.17 1.17 -18.98
N VAL A 125 -26.26 0.32 -19.49
CA VAL A 125 -25.01 0.80 -20.04
C VAL A 125 -25.31 1.81 -21.15
N ARG A 126 -26.31 1.50 -21.97
CA ARG A 126 -26.67 2.35 -23.10
C ARG A 126 -27.22 3.68 -22.60
N GLU A 127 -27.98 3.62 -21.50
CA GLU A 127 -28.58 4.81 -20.92
C GLU A 127 -27.49 5.70 -20.32
N ALA A 128 -26.50 5.07 -19.69
CA ALA A 128 -25.41 5.79 -19.05
C ALA A 128 -24.56 6.50 -20.09
N LYS A 129 -24.27 5.79 -21.19
CA LYS A 129 -23.48 6.34 -22.28
C LYS A 129 -24.23 7.48 -22.96
N ALA A 130 -25.55 7.32 -23.08
CA ALA A 130 -26.38 8.27 -23.80
C ALA A 130 -26.29 9.65 -23.15
N GLY A 131 -26.22 9.67 -21.81
CA GLY A 131 -26.12 10.91 -21.07
C GLY A 131 -26.36 10.71 -19.58
N GLY A 132 -26.82 11.79 -18.92
CA GLY A 132 -27.12 11.75 -17.50
C GLY A 132 -25.91 12.15 -16.66
N SER A 133 -26.14 12.35 -15.36
CA SER A 133 -25.09 12.74 -14.43
C SER A 133 -24.79 11.59 -13.46
N ALA A 134 -25.50 10.47 -13.64
CA ALA A 134 -25.28 9.29 -12.83
C ALA A 134 -24.00 8.58 -13.29
N HIS A 135 -23.20 8.14 -12.31
CA HIS A 135 -21.99 7.38 -12.59
C HIS A 135 -21.00 8.26 -13.35
N ALA A 136 -20.88 9.51 -12.93
CA ALA A 136 -20.05 10.49 -13.62
C ALA A 136 -18.59 10.03 -13.63
N ALA A 137 -18.25 9.11 -12.72
CA ALA A 137 -16.86 8.78 -12.46
C ALA A 137 -16.34 7.76 -13.46
N CYS A 138 -17.24 7.11 -14.21
CA CYS A 138 -16.81 6.01 -15.07
C CYS A 138 -17.61 5.95 -16.37
N ARG A 139 -18.69 6.73 -16.47
CA ARG A 139 -19.67 6.54 -17.54
C ARG A 139 -19.03 6.75 -18.90
N SER A 140 -17.92 7.49 -18.95
CA SER A 140 -17.31 7.86 -20.23
C SER A 140 -16.07 7.02 -20.50
N GLU A 141 -15.79 6.05 -19.61
CA GLU A 141 -14.61 5.21 -19.74
C GLU A 141 -14.90 4.05 -20.68
N ALA A 142 -13.83 3.44 -21.21
CA ALA A 142 -13.96 2.44 -22.26
C ALA A 142 -14.36 1.09 -21.67
N TRP A 143 -14.05 0.87 -20.39
CA TRP A 143 -14.33 -0.40 -19.75
C TRP A 143 -15.80 -0.49 -19.35
N VAL A 144 -16.51 0.64 -19.45
CA VAL A 144 -17.96 0.63 -19.32
C VAL A 144 -18.54 0.20 -20.65
N GLN A 145 -18.85 -1.10 -20.77
CA GLN A 145 -19.20 -1.68 -22.05
C GLN A 145 -20.15 -2.86 -21.86
N PRO A 146 -20.88 -3.26 -22.93
CA PRO A 146 -21.79 -4.41 -22.86
C PRO A 146 -21.05 -5.72 -22.55
N ILE A 147 -21.76 -6.62 -21.85
CA ILE A 147 -21.21 -7.90 -21.47
C ILE A 147 -22.04 -9.01 -22.12
N THR A 148 -21.52 -10.24 -22.03
CA THR A 148 -22.20 -11.41 -22.54
C THR A 148 -22.64 -12.29 -21.37
N ALA A 149 -23.55 -13.22 -21.64
CA ALA A 149 -24.02 -14.15 -20.62
C ALA A 149 -22.84 -14.91 -20.04
N ARG A 150 -21.86 -15.23 -20.91
CA ARG A 150 -20.69 -15.99 -20.49
C ARG A 150 -19.88 -15.16 -19.49
N ASP A 151 -19.89 -13.84 -19.67
CA ASP A 151 -19.13 -12.95 -18.78
C ASP A 151 -19.71 -13.05 -17.37
N VAL A 152 -21.04 -13.18 -17.29
CA VAL A 152 -21.71 -13.28 -16.00
C VAL A 152 -21.38 -14.64 -15.37
N TRP A 153 -21.30 -15.67 -16.23
CA TRP A 153 -20.99 -17.01 -15.76
C TRP A 153 -19.55 -17.06 -15.24
N ARG A 154 -18.69 -16.21 -15.79
CA ARG A 154 -17.32 -16.09 -15.31
C ARG A 154 -17.33 -15.59 -13.88
N ARG A 155 -18.15 -14.57 -13.61
CA ARG A 155 -18.24 -13.96 -12.29
C ARG A 155 -18.85 -14.95 -11.30
N ILE A 156 -19.81 -15.76 -11.79
CA ILE A 156 -20.48 -16.76 -10.98
C ILE A 156 -19.48 -17.84 -10.56
N TYR A 157 -18.69 -18.30 -11.52
CA TYR A 157 -17.71 -19.35 -11.28
C TYR A 157 -16.62 -18.82 -10.36
N ALA A 158 -16.25 -17.55 -10.56
CA ALA A 158 -15.17 -16.93 -9.80
C ALA A 158 -15.51 -16.90 -8.32
N ALA A 159 -16.81 -16.84 -8.01
CA ALA A 159 -17.27 -16.72 -6.62
C ALA A 159 -17.06 -18.03 -5.88
N ASN A 160 -17.00 -19.14 -6.62
CA ASN A 160 -16.89 -20.46 -6.02
C ASN A 160 -15.47 -20.70 -5.50
N LEU A 161 -14.50 -19.98 -6.07
CA LEU A 161 -13.09 -20.31 -5.88
C LEU A 161 -12.53 -19.57 -4.66
N ALA A 162 -13.39 -18.83 -3.96
CA ALA A 162 -12.95 -17.97 -2.87
C ALA A 162 -12.29 -18.80 -1.77
N GLY A 163 -12.63 -20.08 -1.71
CA GLY A 163 -12.13 -20.95 -0.66
C GLY A 163 -10.85 -21.68 -1.06
N GLY A 164 -10.43 -21.48 -2.31
CA GLY A 164 -9.30 -22.22 -2.86
C GLY A 164 -8.43 -21.35 -3.78
N TYR A 165 -8.63 -21.52 -5.09
CA TYR A 165 -7.75 -20.94 -6.09
C TYR A 165 -7.54 -19.45 -5.84
N SER A 166 -8.63 -18.73 -5.53
CA SER A 166 -8.60 -17.29 -5.39
C SER A 166 -7.45 -16.86 -4.49
N ASN A 167 -7.12 -17.70 -3.49
CA ASN A 167 -6.14 -17.35 -2.47
C ASN A 167 -4.74 -17.51 -3.02
N PHE A 168 -4.61 -18.19 -4.17
CA PHE A 168 -3.32 -18.40 -4.80
C PHE A 168 -3.37 -17.93 -6.25
N ALA A 169 -3.96 -16.75 -6.46
CA ALA A 169 -4.13 -16.19 -7.79
C ALA A 169 -2.76 -15.89 -8.41
N GLU A 170 -1.96 -15.10 -7.70
CA GLU A 170 -0.65 -14.69 -8.19
C GLU A 170 0.22 -15.93 -8.39
N ALA A 171 0.19 -16.83 -7.40
CA ALA A 171 1.02 -18.02 -7.40
C ALA A 171 0.71 -18.88 -8.63
N ILE A 172 -0.57 -18.95 -8.99
CA ILE A 172 -1.02 -19.79 -10.09
C ILE A 172 -0.58 -19.17 -11.42
N ALA A 173 -0.54 -17.83 -11.45
CA ALA A 173 -0.27 -17.10 -12.68
C ALA A 173 1.24 -17.04 -12.94
N ASN A 174 2.04 -17.41 -11.94
CA ASN A 174 3.49 -17.31 -12.04
C ASN A 174 4.11 -18.70 -11.92
N ALA A 175 3.27 -19.74 -11.95
CA ALA A 175 3.74 -21.11 -11.91
C ALA A 175 4.25 -21.51 -13.29
N GLN A 176 5.58 -21.39 -13.48
CA GLN A 176 6.19 -21.70 -14.76
C GLN A 176 7.28 -22.74 -14.57
N PRO A 177 7.44 -23.68 -15.54
CA PRO A 177 8.47 -24.71 -15.48
C PRO A 177 9.88 -24.15 -15.31
N PRO A 178 10.83 -24.96 -14.82
CA PRO A 178 12.20 -24.50 -14.59
C PRO A 178 12.85 -23.97 -15.86
N GLN A 179 13.65 -22.92 -15.71
CA GLN A 179 14.31 -22.30 -16.85
C GLN A 179 15.17 -23.36 -17.56
N SER B 1 -18.40 -13.22 10.38
CA SER B 1 -19.86 -13.33 10.13
C SER B 1 -20.55 -14.00 11.31
N ASN B 2 -21.78 -13.56 11.61
CA ASN B 2 -22.57 -14.16 12.67
C ASN B 2 -23.92 -14.59 12.10
N MET B 3 -24.52 -15.61 12.72
CA MET B 3 -25.90 -15.98 12.43
C MET B 3 -26.47 -16.79 13.60
N TYR B 4 -27.73 -16.49 13.94
CA TYR B 4 -28.46 -17.24 14.94
C TYR B 4 -29.65 -17.95 14.28
N GLY B 5 -29.94 -19.17 14.74
CA GLY B 5 -31.17 -19.86 14.39
C GLY B 5 -31.95 -20.26 15.65
N PHE B 6 -33.02 -19.51 15.93
CA PHE B 6 -33.79 -19.70 17.15
C PHE B 6 -35.00 -20.58 16.87
N GLY B 7 -35.18 -21.61 17.70
CA GLY B 7 -36.35 -22.47 17.63
C GLY B 7 -37.49 -21.93 18.49
N THR B 8 -38.62 -22.65 18.50
CA THR B 8 -39.82 -22.19 19.17
C THR B 8 -39.63 -22.21 20.69
N ALA B 9 -38.72 -23.07 21.15
CA ALA B 9 -38.41 -23.15 22.57
C ALA B 9 -37.75 -21.84 23.02
N ALA B 10 -37.10 -21.17 22.07
CA ALA B 10 -36.36 -19.95 22.37
C ALA B 10 -37.21 -18.72 22.06
N THR B 11 -38.10 -18.85 21.07
CA THR B 11 -38.94 -17.74 20.63
C THR B 11 -40.22 -17.71 21.45
N GLY B 12 -40.71 -18.90 21.84
CA GLY B 12 -41.97 -19.02 22.54
C GLY B 12 -43.15 -18.74 21.62
N GLU B 13 -42.94 -18.98 20.32
CA GLU B 13 -43.94 -18.72 19.30
C GLU B 13 -44.08 -19.94 18.41
N GLY B 14 -44.91 -19.81 17.37
CA GLY B 14 -45.21 -20.92 16.47
C GLY B 14 -44.05 -21.23 15.53
N SER B 15 -43.25 -20.21 15.22
CA SER B 15 -42.13 -20.37 14.30
C SER B 15 -40.84 -19.87 14.95
N GLY B 16 -39.71 -20.19 14.32
CA GLY B 16 -38.41 -19.79 14.81
C GLY B 16 -38.06 -18.37 14.39
N LEU B 17 -36.77 -18.02 14.53
CA LEU B 17 -36.30 -16.69 14.21
C LEU B 17 -34.84 -16.78 13.75
N LEU B 18 -34.55 -16.07 12.65
CA LEU B 18 -33.25 -16.16 12.00
C LEU B 18 -32.56 -14.80 12.05
N PHE B 19 -31.32 -14.80 12.55
CA PHE B 19 -30.48 -13.61 12.49
C PHE B 19 -29.33 -13.86 11.52
N GLY B 20 -29.37 -13.17 10.38
CA GLY B 20 -28.28 -13.19 9.42
C GLY B 20 -27.42 -11.94 9.55
N ASN B 21 -26.10 -12.14 9.70
CA ASN B 21 -25.19 -11.03 9.98
C ASN B 21 -23.83 -11.31 9.33
N PRO B 22 -23.76 -11.34 7.98
CA PRO B 22 -22.48 -11.49 7.29
C PRO B 22 -21.58 -10.26 7.46
N HIS B 23 -20.33 -10.49 7.88
CA HIS B 23 -19.32 -9.45 7.91
C HIS B 23 -18.54 -9.51 6.61
N TRP B 24 -18.79 -8.54 5.73
CA TRP B 24 -18.39 -8.63 4.34
C TRP B 24 -17.84 -7.28 3.87
N TYR B 25 -17.65 -7.15 2.56
CA TYR B 25 -16.98 -5.99 1.99
C TYR B 25 -17.95 -4.82 1.88
N TRP B 26 -17.42 -3.61 2.05
CA TRP B 26 -18.20 -2.38 1.96
C TRP B 26 -18.05 -1.77 0.57
N LYS B 27 -17.07 -2.28 -0.19
CA LYS B 27 -16.87 -1.88 -1.57
C LYS B 27 -16.42 -3.09 -2.37
N GLY B 28 -16.54 -2.98 -3.70
CA GLY B 28 -16.06 -4.02 -4.60
C GLY B 28 -17.21 -4.88 -5.13
N PRO B 29 -16.93 -5.78 -6.10
CA PRO B 29 -17.98 -6.57 -6.76
C PRO B 29 -18.57 -7.67 -5.90
N ASP B 30 -17.95 -7.96 -4.76
CA ASP B 30 -18.39 -9.02 -3.88
C ASP B 30 -19.37 -8.47 -2.84
N ARG B 31 -19.54 -7.14 -2.82
CA ARG B 31 -20.40 -6.52 -1.83
C ARG B 31 -21.86 -6.89 -2.14
N PHE B 32 -22.69 -6.87 -1.10
CA PHE B 32 -24.06 -7.36 -1.19
C PHE B 32 -24.98 -6.28 -1.77
N TYR B 33 -26.06 -6.74 -2.41
CA TYR B 33 -27.08 -5.87 -2.95
C TYR B 33 -28.45 -6.43 -2.57
N GLN B 34 -29.28 -5.61 -1.90
CA GLN B 34 -30.57 -6.05 -1.41
C GLN B 34 -31.62 -5.86 -2.50
N ALA B 35 -32.51 -6.85 -2.64
CA ALA B 35 -33.55 -6.82 -3.66
C ALA B 35 -34.54 -7.96 -3.44
N GLN B 36 -35.68 -7.88 -4.12
CA GLN B 36 -36.70 -8.90 -4.06
C GLN B 36 -37.03 -9.36 -5.49
N LEU B 37 -37.09 -10.68 -5.68
CA LEU B 37 -37.44 -11.29 -6.95
C LEU B 37 -38.79 -11.98 -6.83
N THR B 38 -39.74 -11.56 -7.68
CA THR B 38 -41.04 -12.21 -7.75
C THR B 38 -41.25 -12.73 -9.16
N ILE B 39 -41.20 -14.06 -9.32
CA ILE B 39 -41.34 -14.69 -10.63
C ILE B 39 -42.60 -15.53 -10.63
N ASP B 40 -43.62 -15.04 -11.36
CA ASP B 40 -44.95 -15.62 -11.37
C ASP B 40 -44.87 -17.15 -11.30
N GLY B 41 -45.37 -17.71 -10.21
CA GLY B 41 -45.61 -19.14 -10.09
C GLY B 41 -44.33 -19.95 -9.85
N GLU B 42 -43.23 -19.28 -9.50
CA GLU B 42 -41.96 -19.98 -9.36
C GLU B 42 -41.25 -19.56 -8.08
N ALA B 43 -41.22 -18.26 -7.76
CA ALA B 43 -40.49 -17.80 -6.60
C ALA B 43 -40.91 -16.39 -6.19
N ASN B 44 -40.84 -16.14 -4.88
CA ASN B 44 -41.00 -14.81 -4.31
C ASN B 44 -40.02 -14.67 -3.15
N VAL B 45 -38.76 -14.34 -3.49
CA VAL B 45 -37.68 -14.35 -2.53
C VAL B 45 -37.14 -12.94 -2.35
N SER B 46 -36.64 -12.66 -1.14
CA SER B 46 -36.07 -11.35 -0.81
C SER B 46 -34.80 -11.53 0.00
N GLY B 47 -33.79 -10.73 -0.32
CA GLY B 47 -32.53 -10.77 0.41
C GLY B 47 -31.40 -10.05 -0.32
N VAL B 48 -30.29 -10.78 -0.50
CA VAL B 48 -29.03 -10.15 -0.87
C VAL B 48 -28.27 -11.05 -1.86
N SER B 49 -27.50 -10.40 -2.75
CA SER B 49 -26.64 -11.08 -3.69
C SER B 49 -25.37 -10.27 -3.88
N PHE B 50 -24.27 -10.96 -4.23
CA PHE B 50 -23.09 -10.28 -4.75
C PHE B 50 -23.51 -9.50 -6.00
N LEU B 51 -22.94 -8.31 -6.18
CA LEU B 51 -23.07 -7.61 -7.44
C LEU B 51 -22.61 -8.55 -8.55
N GLY B 52 -23.52 -8.89 -9.47
CA GLY B 52 -23.19 -9.74 -10.60
C GLY B 52 -23.81 -11.12 -10.51
N LEU B 53 -24.48 -11.41 -9.39
CA LEU B 53 -25.16 -12.68 -9.20
C LEU B 53 -26.67 -12.46 -9.26
N PRO B 54 -27.41 -13.27 -10.05
CA PRO B 54 -28.83 -13.04 -10.29
C PRO B 54 -29.82 -13.75 -9.36
N VAL B 55 -29.31 -14.53 -8.41
CA VAL B 55 -30.17 -15.21 -7.44
C VAL B 55 -29.78 -14.76 -6.04
N ILE B 56 -30.67 -15.01 -5.07
CA ILE B 56 -30.49 -14.56 -3.70
C ILE B 56 -29.69 -15.62 -2.94
N GLN B 57 -28.57 -15.18 -2.35
CA GLN B 57 -27.66 -16.07 -1.65
C GLN B 57 -28.00 -16.11 -0.17
N ILE B 58 -28.49 -14.98 0.34
CA ILE B 58 -28.87 -14.85 1.74
C ILE B 58 -30.17 -14.05 1.80
N GLY B 59 -31.19 -14.61 2.46
CA GLY B 59 -32.46 -13.93 2.60
C GLY B 59 -33.56 -14.84 3.13
N PHE B 60 -34.77 -14.69 2.56
CA PHE B 60 -35.95 -15.37 3.07
C PHE B 60 -37.03 -15.40 2.00
N ASN B 61 -38.00 -16.31 2.18
CA ASN B 61 -39.21 -16.32 1.39
C ASN B 61 -40.39 -16.37 2.37
N ASP B 62 -41.52 -16.94 1.94
CA ASP B 62 -42.71 -16.95 2.77
C ASP B 62 -42.67 -18.15 3.71
N SER B 63 -41.66 -19.01 3.57
CA SER B 63 -41.64 -20.28 4.27
C SER B 63 -40.31 -20.51 5.00
N VAL B 64 -39.21 -19.94 4.49
CA VAL B 64 -37.89 -20.20 5.06
C VAL B 64 -37.09 -18.90 5.15
N ALA B 65 -36.00 -18.98 5.93
CA ALA B 65 -35.06 -17.88 6.11
C ALA B 65 -33.71 -18.47 6.50
N TRP B 66 -32.64 -17.99 5.86
CA TRP B 66 -31.32 -18.56 6.08
C TRP B 66 -30.23 -17.49 5.97
N SER B 67 -29.02 -17.86 6.40
CA SER B 67 -27.83 -17.04 6.21
C SER B 67 -26.60 -17.95 6.18
N HIS B 68 -25.44 -17.35 5.92
CA HIS B 68 -24.19 -18.09 5.79
C HIS B 68 -23.09 -17.43 6.60
N THR B 69 -22.06 -18.23 6.91
CA THR B 69 -20.81 -17.73 7.47
C THR B 69 -19.66 -18.60 6.94
N VAL B 70 -18.50 -17.98 6.73
CA VAL B 70 -17.34 -18.71 6.20
C VAL B 70 -17.04 -19.89 7.11
N SER B 71 -16.72 -21.04 6.49
CA SER B 71 -16.49 -22.27 7.21
C SER B 71 -14.99 -22.47 7.43
N THR B 72 -14.65 -23.22 8.49
CA THR B 72 -13.26 -23.53 8.80
C THR B 72 -12.77 -24.64 7.88
N ALA B 73 -13.72 -25.40 7.31
CA ALA B 73 -13.40 -26.52 6.45
C ALA B 73 -12.52 -26.06 5.30
N ARG B 74 -11.43 -26.80 5.05
CA ARG B 74 -10.55 -26.54 3.93
C ARG B 74 -11.22 -27.06 2.66
N ARG B 75 -11.19 -26.27 1.60
CA ARG B 75 -11.90 -26.61 0.37
C ARG B 75 -10.90 -26.91 -0.75
N PHE B 76 -9.60 -26.90 -0.40
CA PHE B 76 -8.57 -27.12 -1.40
C PHE B 76 -7.52 -28.10 -0.85
N GLY B 77 -6.59 -28.49 -1.73
CA GLY B 77 -5.48 -29.37 -1.36
C GLY B 77 -4.33 -29.25 -2.36
N PHE B 78 -3.17 -29.77 -1.97
CA PHE B 78 -1.97 -29.71 -2.81
C PHE B 78 -1.58 -31.11 -3.26
N PHE B 79 -0.95 -31.18 -4.43
CA PHE B 79 -0.44 -32.42 -4.98
C PHE B 79 1.00 -32.24 -5.43
N GLN B 80 1.92 -32.92 -4.71
CA GLN B 80 3.33 -32.89 -5.05
C GLN B 80 3.57 -33.80 -6.25
N LEU B 81 4.04 -33.21 -7.36
CA LEU B 81 4.18 -33.92 -8.61
C LEU B 81 5.61 -34.41 -8.79
N SER B 82 5.75 -35.69 -9.16
CA SER B 82 7.02 -36.26 -9.53
C SER B 82 7.21 -36.14 -11.04
N LEU B 83 8.13 -35.25 -11.44
CA LEU B 83 8.33 -34.92 -12.84
C LEU B 83 9.08 -36.04 -13.54
N VAL B 84 9.05 -36.01 -14.88
CA VAL B 84 9.79 -36.96 -15.70
C VAL B 84 11.12 -36.33 -16.07
N PRO B 85 12.25 -37.02 -15.82
CA PRO B 85 13.58 -36.46 -16.11
C PRO B 85 13.72 -36.11 -17.59
N GLY B 86 14.10 -34.86 -17.86
CA GLY B 86 14.25 -34.38 -19.22
C GLY B 86 13.12 -33.45 -19.64
N ASP B 87 11.89 -33.80 -19.25
CA ASP B 87 10.71 -33.03 -19.59
C ASP B 87 9.95 -32.68 -18.32
N PRO B 88 10.19 -31.49 -17.73
CA PRO B 88 9.56 -31.10 -16.47
C PRO B 88 8.10 -30.68 -16.61
N THR B 89 7.55 -30.86 -17.82
CA THR B 89 6.14 -30.57 -18.06
C THR B 89 5.35 -31.88 -18.16
N SER B 90 5.97 -32.95 -17.65
CA SER B 90 5.29 -34.24 -17.54
C SER B 90 5.56 -34.84 -16.17
N TYR B 91 4.54 -35.48 -15.59
CA TYR B 91 4.66 -36.07 -14.27
C TYR B 91 4.31 -37.56 -14.32
N LEU B 92 4.86 -38.31 -13.36
CA LEU B 92 4.67 -39.75 -13.29
C LEU B 92 3.49 -40.06 -12.37
N VAL B 93 2.61 -40.96 -12.84
CA VAL B 93 1.46 -41.40 -12.06
C VAL B 93 1.41 -42.92 -12.07
N ASP B 94 1.83 -43.53 -10.95
CA ASP B 94 1.88 -44.97 -10.82
C ASP B 94 2.83 -45.52 -11.88
N GLY B 95 3.75 -44.66 -12.36
CA GLY B 95 4.81 -45.09 -13.26
C GLY B 95 4.67 -44.48 -14.66
N VAL B 96 3.43 -44.44 -15.16
CA VAL B 96 3.19 -44.05 -16.54
C VAL B 96 3.30 -42.53 -16.66
N PRO B 97 4.11 -42.02 -17.62
CA PRO B 97 4.24 -40.58 -17.87
C PRO B 97 2.91 -39.94 -18.28
N VAL B 98 2.60 -38.79 -17.67
CA VAL B 98 1.42 -38.02 -18.03
C VAL B 98 1.87 -36.61 -18.43
N LYS B 99 1.31 -36.12 -19.54
CA LYS B 99 1.62 -34.80 -20.04
C LYS B 99 0.83 -33.74 -19.28
N MET B 100 1.49 -32.61 -19.00
CA MET B 100 0.82 -31.44 -18.47
C MET B 100 0.08 -30.73 -19.61
N LYS B 101 -1.11 -30.23 -19.31
CA LYS B 101 -1.96 -29.58 -20.29
C LYS B 101 -1.58 -28.10 -20.38
N PRO B 102 -0.82 -27.69 -21.42
CA PRO B 102 -0.34 -26.31 -21.52
C PRO B 102 -1.36 -25.35 -22.14
N ALA B 103 -1.09 -24.06 -21.99
CA ALA B 103 -1.93 -23.02 -22.57
C ALA B 103 -1.16 -21.70 -22.61
N THR B 104 -0.72 -21.31 -23.80
CA THR B 104 0.00 -20.06 -23.99
C THR B 104 -1.01 -18.92 -24.04
N ILE B 105 -0.84 -17.94 -23.16
CA ILE B 105 -1.80 -16.87 -22.98
C ILE B 105 -1.12 -15.52 -23.20
N THR B 106 -1.71 -14.69 -24.07
CA THR B 106 -1.21 -13.36 -24.34
C THR B 106 -2.17 -12.34 -23.72
N VAL B 107 -1.65 -11.53 -22.79
CA VAL B 107 -2.45 -10.52 -22.11
C VAL B 107 -2.00 -9.14 -22.58
N PRO B 108 -2.89 -8.37 -23.24
CA PRO B 108 -2.57 -6.98 -23.60
C PRO B 108 -2.47 -6.12 -22.34
N SER B 109 -1.36 -5.39 -22.21
CA SER B 109 -1.10 -4.60 -21.02
C SER B 109 -0.67 -3.19 -21.41
N ARG B 110 -1.36 -2.19 -20.84
CA ARG B 110 -1.09 -0.80 -21.14
C ARG B 110 0.14 -0.35 -20.35
N ASN B 111 1.12 0.20 -21.08
CA ASN B 111 2.37 0.65 -20.47
C ASN B 111 2.15 2.03 -19.86
N ALA B 112 3.15 2.49 -19.09
CA ALA B 112 3.04 3.72 -18.34
C ALA B 112 3.04 4.93 -19.28
N ASP B 113 3.50 4.72 -20.51
CA ASP B 113 3.63 5.80 -21.47
C ASP B 113 2.35 5.91 -22.29
N GLY B 114 1.45 4.93 -22.15
CA GLY B 114 0.14 4.99 -22.75
C GLY B 114 -0.03 3.99 -23.91
N SER B 115 1.05 3.28 -24.24
CA SER B 115 1.01 2.30 -25.30
C SER B 115 0.59 0.94 -24.73
N VAL B 116 0.10 0.06 -25.62
CA VAL B 116 -0.37 -1.25 -25.22
C VAL B 116 0.57 -2.31 -25.81
N SER B 117 1.21 -3.08 -24.93
CA SER B 117 2.15 -4.11 -25.32
C SER B 117 1.68 -5.47 -24.79
N ASP B 118 1.96 -6.53 -25.55
CA ASP B 118 1.49 -7.87 -25.23
C ASP B 118 2.49 -8.55 -24.29
N VAL B 119 1.95 -9.23 -23.26
CA VAL B 119 2.77 -10.06 -22.38
C VAL B 119 2.21 -11.47 -22.41
N THR B 120 3.08 -12.43 -22.76
CA THR B 120 2.66 -13.81 -22.99
C THR B 120 3.36 -14.73 -21.98
N ARG B 121 2.57 -15.60 -21.34
CA ARG B 121 3.11 -16.57 -20.39
C ARG B 121 2.48 -17.93 -20.68
N THR B 122 3.29 -19.00 -20.57
CA THR B 122 2.80 -20.35 -20.77
C THR B 122 2.59 -21.02 -19.41
N LEU B 123 1.33 -21.28 -19.09
CA LEU B 123 0.95 -21.85 -17.80
C LEU B 123 0.33 -23.23 -18.02
N TYR B 124 0.21 -24.02 -16.95
CA TYR B 124 -0.08 -25.43 -17.10
C TYR B 124 -1.16 -25.90 -16.14
N HIS B 125 -1.82 -27.00 -16.52
CA HIS B 125 -2.78 -27.71 -15.69
C HIS B 125 -2.34 -29.16 -15.54
N SER B 126 -2.74 -29.77 -14.42
CA SER B 126 -2.60 -31.21 -14.25
C SER B 126 -3.99 -31.82 -14.09
N GLU B 127 -4.05 -33.14 -13.97
CA GLU B 127 -5.32 -33.84 -13.83
C GLU B 127 -5.94 -33.50 -12.47
N PHE B 128 -5.12 -32.90 -11.60
CA PHE B 128 -5.55 -32.53 -10.26
C PHE B 128 -6.06 -31.09 -10.28
N GLY B 129 -5.34 -30.22 -10.98
CA GLY B 129 -5.68 -28.82 -11.06
C GLY B 129 -4.52 -28.00 -11.62
N PRO B 130 -4.58 -26.65 -11.54
CA PRO B 130 -3.52 -25.80 -12.09
C PRO B 130 -2.22 -25.88 -11.31
N LEU B 131 -1.10 -25.76 -12.04
CA LEU B 131 0.21 -25.68 -11.41
C LEU B 131 0.29 -24.40 -10.60
N VAL B 132 0.91 -24.50 -9.41
CA VAL B 132 0.99 -23.38 -8.49
C VAL B 132 2.44 -23.22 -8.05
N ASN B 133 2.87 -21.95 -7.94
CA ASN B 133 4.22 -21.62 -7.54
C ASN B 133 4.25 -21.39 -6.02
N LEU B 134 4.85 -22.33 -5.29
CA LEU B 134 4.88 -22.29 -3.84
C LEU B 134 6.26 -21.85 -3.36
N ALA B 135 7.05 -21.26 -4.27
CA ALA B 135 8.40 -20.84 -3.95
C ALA B 135 8.37 -19.71 -2.92
N GLY B 136 7.38 -18.81 -3.07
CA GLY B 136 7.20 -17.71 -2.13
C GLY B 136 6.88 -18.22 -0.73
N LEU B 137 6.32 -19.43 -0.67
CA LEU B 137 5.99 -20.06 0.60
C LEU B 137 7.27 -20.58 1.23
N ASN B 138 8.09 -21.25 0.41
CA ASN B 138 9.37 -21.78 0.84
C ASN B 138 10.24 -22.01 -0.39
N PRO B 139 11.45 -21.39 -0.47
CA PRO B 139 12.29 -21.50 -1.66
C PRO B 139 12.59 -22.93 -2.09
N ALA B 140 12.27 -23.90 -1.22
CA ALA B 140 12.63 -25.28 -1.45
C ALA B 140 11.55 -25.97 -2.29
N LEU B 141 10.39 -25.34 -2.41
CA LEU B 141 9.27 -25.92 -3.14
C LEU B 141 9.17 -25.29 -4.54
N ALA B 142 10.32 -24.89 -5.08
CA ALA B 142 10.37 -24.37 -6.44
C ALA B 142 10.10 -25.50 -7.43
N TRP B 143 9.44 -25.17 -8.54
CA TRP B 143 9.24 -26.11 -9.63
C TRP B 143 10.60 -26.50 -10.19
N SER B 144 11.01 -27.74 -9.92
CA SER B 144 12.36 -28.20 -10.24
C SER B 144 12.32 -29.18 -11.40
N GLN B 145 13.46 -29.82 -11.67
CA GLN B 145 13.57 -30.80 -12.73
C GLN B 145 13.20 -32.16 -12.18
N GLN B 146 12.55 -32.18 -11.01
CA GLN B 146 12.19 -33.41 -10.34
C GLN B 146 10.80 -33.28 -9.71
N THR B 147 10.53 -32.13 -9.09
CA THR B 147 9.29 -31.94 -8.35
C THR B 147 8.62 -30.63 -8.75
N ALA B 148 7.30 -30.68 -8.92
CA ALA B 148 6.47 -29.50 -9.11
C ALA B 148 5.27 -29.59 -8.18
N PHE B 149 4.41 -28.56 -8.23
CA PHE B 149 3.28 -28.49 -7.32
C PHE B 149 2.03 -28.03 -8.06
N ALA B 150 0.91 -28.66 -7.72
CA ALA B 150 -0.39 -28.29 -8.26
C ALA B 150 -1.38 -28.11 -7.11
N ILE B 151 -2.43 -27.31 -7.36
CA ILE B 151 -3.45 -27.06 -6.36
C ILE B 151 -4.80 -27.53 -6.91
N ARG B 152 -5.64 -28.07 -6.01
CA ARG B 152 -6.95 -28.55 -6.40
C ARG B 152 -8.01 -27.98 -5.45
N ASP B 153 -8.99 -27.28 -6.04
CA ASP B 153 -10.11 -26.74 -5.29
C ASP B 153 -11.38 -27.48 -5.71
N ILE B 154 -12.03 -28.13 -4.74
CA ILE B 154 -13.14 -29.03 -5.01
C ILE B 154 -14.27 -28.25 -5.69
N ASN B 155 -14.28 -26.93 -5.52
CA ASN B 155 -15.32 -26.09 -6.08
C ASN B 155 -15.05 -25.83 -7.56
N GLY B 156 -13.90 -26.29 -8.04
CA GLY B 156 -13.50 -26.10 -9.43
C GLY B 156 -14.38 -26.91 -10.38
N GLU B 157 -14.90 -28.04 -9.87
CA GLU B 157 -15.76 -28.91 -10.66
C GLU B 157 -17.17 -28.86 -10.09
N ASN B 158 -17.41 -27.91 -9.19
CA ASN B 158 -18.72 -27.75 -8.56
C ASN B 158 -19.55 -26.75 -9.37
N PHE B 159 -20.58 -27.27 -10.04
CA PHE B 159 -21.42 -26.46 -10.92
C PHE B 159 -22.85 -26.45 -10.40
N ARG B 160 -23.02 -26.55 -9.08
CA ARG B 160 -24.34 -26.78 -8.50
C ARG B 160 -24.70 -25.66 -7.52
N THR B 161 -23.83 -24.65 -7.39
CA THR B 161 -23.98 -23.66 -6.34
C THR B 161 -25.22 -22.80 -6.59
N LEU B 162 -25.29 -22.18 -7.78
CA LEU B 162 -26.40 -21.29 -8.09
C LEU B 162 -27.72 -22.07 -8.06
N ARG B 163 -27.69 -23.31 -8.57
CA ARG B 163 -28.89 -24.13 -8.65
C ARG B 163 -29.43 -24.37 -7.24
N THR B 164 -28.52 -24.42 -6.26
CA THR B 164 -28.91 -24.65 -4.87
C THR B 164 -29.62 -23.42 -4.33
N TRP B 165 -29.00 -22.25 -4.50
CA TRP B 165 -29.59 -21.00 -4.03
C TRP B 165 -30.91 -20.76 -4.75
N MET B 166 -30.98 -21.15 -6.02
CA MET B 166 -32.19 -20.97 -6.81
C MET B 166 -33.32 -21.80 -6.21
N ARG B 167 -33.02 -23.06 -5.89
CA ARG B 167 -34.01 -23.98 -5.36
C ARG B 167 -34.46 -23.52 -3.97
N TRP B 168 -33.51 -23.01 -3.18
CA TRP B 168 -33.81 -22.47 -1.86
C TRP B 168 -34.80 -21.32 -1.99
N ASN B 169 -34.57 -20.46 -2.99
CA ASN B 169 -35.41 -19.30 -3.22
C ASN B 169 -36.86 -19.75 -3.39
N GLN B 170 -37.04 -20.96 -3.92
CA GLN B 170 -38.36 -21.46 -4.28
C GLN B 170 -38.91 -22.38 -3.19
N ALA B 171 -38.02 -22.85 -2.32
CA ALA B 171 -38.37 -23.82 -1.29
C ALA B 171 -39.64 -23.35 -0.56
N LYS B 172 -40.43 -24.32 -0.09
CA LYS B 172 -41.72 -24.03 0.52
C LYS B 172 -41.70 -24.44 2.00
N SER B 173 -40.63 -25.14 2.40
CA SER B 173 -40.50 -25.62 3.76
C SER B 173 -39.03 -25.72 4.14
N LEU B 174 -38.75 -25.69 5.45
CA LEU B 174 -37.40 -25.87 5.94
C LEU B 174 -36.94 -27.28 5.61
N ASP B 175 -37.89 -28.21 5.54
CA ASP B 175 -37.60 -29.60 5.25
C ASP B 175 -37.14 -29.74 3.80
N GLU B 176 -37.77 -28.97 2.90
CA GLU B 176 -37.38 -28.96 1.50
C GLU B 176 -36.01 -28.28 1.39
N PHE B 177 -35.83 -27.20 2.14
CA PHE B 177 -34.57 -26.47 2.17
C PHE B 177 -33.44 -27.44 2.50
N ILE B 178 -33.67 -28.27 3.52
CA ILE B 178 -32.67 -29.23 3.98
C ILE B 178 -32.45 -30.29 2.90
N ALA B 179 -33.55 -30.79 2.33
CA ALA B 179 -33.50 -31.82 1.32
C ALA B 179 -32.69 -31.34 0.12
N ILE B 180 -32.88 -30.06 -0.22
CA ILE B 180 -32.18 -29.46 -1.34
C ILE B 180 -30.68 -29.43 -1.04
N GLN B 181 -30.33 -29.09 0.20
CA GLN B 181 -28.93 -28.93 0.59
C GLN B 181 -28.23 -30.28 0.54
N LYS B 182 -28.92 -31.34 0.99
CA LYS B 182 -28.36 -32.68 0.98
C LYS B 182 -28.30 -33.21 -0.45
N GLU B 183 -29.31 -32.84 -1.25
CA GLU B 183 -29.46 -33.38 -2.59
C GLU B 183 -28.39 -32.80 -3.51
N GLU B 184 -28.18 -31.47 -3.40
CA GLU B 184 -27.28 -30.76 -4.27
C GLU B 184 -25.87 -30.81 -3.71
N ALA B 185 -25.75 -30.60 -2.38
CA ALA B 185 -24.46 -30.57 -1.71
C ALA B 185 -23.50 -29.69 -2.51
N GLY B 186 -23.95 -28.48 -2.86
CA GLY B 186 -23.21 -27.61 -3.75
C GLY B 186 -22.68 -26.35 -3.06
N ILE B 187 -23.05 -26.14 -1.80
CA ILE B 187 -22.54 -25.00 -1.06
C ILE B 187 -21.01 -25.06 -1.07
N PRO B 188 -20.34 -23.97 -1.48
CA PRO B 188 -18.90 -24.00 -1.76
C PRO B 188 -17.91 -23.79 -0.61
N TRP B 189 -18.18 -22.81 0.28
CA TRP B 189 -17.20 -22.50 1.31
C TRP B 189 -17.81 -21.82 2.53
N VAL B 190 -19.11 -22.03 2.78
CA VAL B 190 -19.77 -21.39 3.91
C VAL B 190 -20.59 -22.41 4.70
N ASN B 191 -20.93 -22.03 5.94
CA ASN B 191 -21.88 -22.78 6.75
C ASN B 191 -23.28 -22.32 6.38
N THR B 192 -24.30 -23.01 6.93
CA THR B 192 -25.67 -22.64 6.65
C THR B 192 -26.52 -22.80 7.92
N VAL B 193 -27.28 -21.75 8.22
CA VAL B 193 -28.30 -21.81 9.26
C VAL B 193 -29.63 -21.39 8.63
N ALA B 194 -30.67 -22.18 8.88
CA ALA B 194 -31.99 -21.93 8.30
C ALA B 194 -33.07 -22.05 9.35
N VAL B 195 -34.09 -21.19 9.23
CA VAL B 195 -35.27 -21.25 10.06
C VAL B 195 -36.48 -21.37 9.13
N GLY B 196 -37.56 -21.99 9.62
CA GLY B 196 -38.72 -22.27 8.80
C GLY B 196 -40.02 -21.85 9.47
N ARG B 197 -41.01 -21.49 8.64
CA ARG B 197 -42.35 -21.20 9.11
C ARG B 197 -43.02 -22.49 9.55
N GLY B 198 -43.50 -22.51 10.80
CA GLY B 198 -44.25 -23.63 11.32
C GLY B 198 -43.35 -24.79 11.76
N ASP B 199 -42.03 -24.62 11.57
CA ASP B 199 -41.08 -25.65 11.95
C ASP B 199 -40.55 -25.32 13.35
N ALA B 200 -40.39 -26.37 14.17
CA ALA B 200 -40.09 -26.21 15.58
C ALA B 200 -38.59 -26.02 15.80
N LYS B 201 -37.78 -26.71 14.98
CA LYS B 201 -36.33 -26.69 15.18
C LYS B 201 -35.67 -25.76 14.16
N ALA B 202 -34.55 -25.16 14.57
CA ALA B 202 -33.68 -24.43 13.67
C ALA B 202 -32.66 -25.39 13.08
N TRP B 203 -32.07 -25.01 11.94
CA TRP B 203 -31.21 -25.90 11.18
C TRP B 203 -29.80 -25.29 11.06
N TYR B 204 -28.80 -26.11 11.39
CA TYR B 204 -27.42 -25.79 11.08
C TYR B 204 -26.82 -26.91 10.24
N ALA B 205 -25.87 -26.56 9.37
CA ALA B 205 -25.17 -27.53 8.56
C ALA B 205 -23.92 -26.91 7.97
N ASP B 206 -22.82 -27.68 7.97
CA ASP B 206 -21.66 -27.38 7.15
C ASP B 206 -21.66 -28.35 5.97
N ILE B 207 -22.83 -28.46 5.33
CA ILE B 207 -23.04 -29.38 4.22
C ILE B 207 -22.78 -28.64 2.92
N GLY B 208 -21.65 -28.98 2.29
CA GLY B 208 -21.28 -28.45 0.98
C GLY B 208 -20.29 -29.38 0.30
N VAL B 209 -19.41 -28.80 -0.52
CA VAL B 209 -18.39 -29.58 -1.21
C VAL B 209 -17.09 -29.48 -0.43
N VAL B 210 -16.56 -30.62 0.01
CA VAL B 210 -15.38 -30.66 0.86
C VAL B 210 -14.51 -31.85 0.45
N PRO B 211 -13.18 -31.66 0.32
CA PRO B 211 -12.27 -32.74 -0.07
C PRO B 211 -12.37 -33.95 0.87
N ASN B 212 -12.30 -35.15 0.29
CA ASN B 212 -12.46 -36.38 1.03
C ASN B 212 -11.14 -37.13 1.06
N VAL B 213 -10.53 -37.21 2.25
CA VAL B 213 -9.31 -37.97 2.47
C VAL B 213 -9.48 -38.81 3.73
N SER B 214 -8.92 -40.02 3.70
CA SER B 214 -9.03 -40.95 4.81
C SER B 214 -7.85 -40.79 5.76
N PRO B 215 -8.01 -41.11 7.06
CA PRO B 215 -6.89 -41.08 8.01
C PRO B 215 -5.68 -41.85 7.50
N ALA B 216 -5.95 -42.94 6.77
CA ALA B 216 -4.90 -43.75 6.18
C ALA B 216 -4.13 -42.92 5.16
N GLN B 217 -4.86 -42.10 4.40
CA GLN B 217 -4.25 -41.25 3.38
C GLN B 217 -3.36 -40.20 4.05
N LEU B 218 -3.84 -39.63 5.15
CA LEU B 218 -3.10 -38.59 5.85
C LEU B 218 -1.71 -39.12 6.24
N ALA B 219 -1.65 -40.40 6.60
CA ALA B 219 -0.43 -40.99 7.11
C ALA B 219 0.49 -41.41 5.96
N ARG B 220 -0.11 -42.00 4.91
CA ARG B 220 0.67 -42.59 3.83
C ARG B 220 1.03 -41.56 2.77
N CYS B 221 0.06 -40.70 2.43
CA CYS B 221 0.13 -39.93 1.20
C CYS B 221 0.74 -38.54 1.44
N THR B 222 0.87 -38.15 2.71
CA THR B 222 1.47 -36.86 3.03
C THR B 222 2.97 -36.92 2.74
N THR B 223 3.47 -35.93 2.02
CA THR B 223 4.85 -35.93 1.54
C THR B 223 5.75 -35.31 2.60
N PRO B 224 7.09 -35.54 2.52
CA PRO B 224 8.04 -34.85 3.39
C PRO B 224 7.76 -33.35 3.48
N PHE B 225 7.71 -32.69 2.31
CA PHE B 225 7.39 -31.28 2.25
C PHE B 225 6.06 -31.03 2.94
N GLY B 226 5.10 -31.92 2.71
CA GLY B 226 3.76 -31.78 3.26
C GLY B 226 3.77 -31.68 4.77
N LYS B 227 4.52 -32.58 5.42
CA LYS B 227 4.64 -32.60 6.87
C LYS B 227 5.16 -31.26 7.36
N ALA B 228 6.07 -30.67 6.57
CA ALA B 228 6.89 -29.55 7.01
C ALA B 228 6.03 -28.28 7.13
N PHE B 229 4.82 -28.31 6.57
CA PHE B 229 3.89 -27.20 6.75
C PHE B 229 2.46 -27.73 6.84
N ALA B 230 2.21 -28.53 7.88
CA ALA B 230 0.86 -28.90 8.28
C ALA B 230 0.47 -28.08 9.51
N GLN B 231 1.38 -27.19 9.90
CA GLN B 231 1.16 -26.29 11.02
C GLN B 231 0.91 -24.87 10.49
N ALA B 232 1.22 -24.68 9.20
CA ALA B 232 0.93 -23.43 8.52
C ALA B 232 -0.41 -23.54 7.82
N LEU B 233 -0.70 -24.73 7.29
CA LEU B 233 -2.00 -25.03 6.69
C LEU B 233 -2.60 -26.26 7.35
N PRO B 234 -3.01 -26.16 8.65
CA PRO B 234 -3.60 -27.31 9.35
C PRO B 234 -4.77 -27.95 8.60
N ASN B 235 -4.64 -29.26 8.35
CA ASN B 235 -5.74 -30.07 7.87
C ASN B 235 -5.91 -29.94 6.36
N VAL B 236 -4.92 -29.30 5.70
CA VAL B 236 -4.93 -29.21 4.25
C VAL B 236 -4.14 -30.39 3.69
N PRO B 237 -4.81 -31.31 2.94
CA PRO B 237 -4.13 -32.47 2.36
C PRO B 237 -3.01 -32.06 1.40
N PHE B 238 -1.77 -32.40 1.77
CA PHE B 238 -0.61 -32.13 0.94
C PHE B 238 -0.02 -33.46 0.49
N PHE B 239 -0.65 -34.05 -0.54
CA PHE B 239 -0.45 -35.45 -0.86
C PHE B 239 0.53 -35.62 -2.01
N ASP B 240 0.88 -36.89 -2.27
CA ASP B 240 1.79 -37.27 -3.33
C ASP B 240 1.00 -37.50 -4.62
N GLY B 241 1.42 -36.84 -5.70
CA GLY B 241 0.73 -36.93 -6.97
C GLY B 241 1.25 -38.08 -7.83
N SER B 242 2.11 -38.91 -7.24
CA SER B 242 2.69 -40.05 -7.93
C SER B 242 1.76 -41.26 -7.81
N ARG B 243 1.11 -41.39 -6.65
CA ARG B 243 0.27 -42.55 -6.36
C ARG B 243 -1.19 -42.16 -6.56
N SER B 244 -1.93 -43.03 -7.26
CA SER B 244 -3.35 -42.82 -7.51
C SER B 244 -4.14 -43.04 -6.23
N GLU B 245 -3.54 -43.80 -5.30
CA GLU B 245 -4.15 -44.06 -4.01
C GLU B 245 -4.20 -42.77 -3.20
N CYS B 246 -3.47 -41.75 -3.69
CA CYS B 246 -3.36 -40.49 -3.00
C CYS B 246 -4.34 -39.47 -3.57
N ASP B 247 -5.24 -39.95 -4.43
CA ASP B 247 -6.29 -39.11 -4.99
C ASP B 247 -7.51 -39.19 -4.09
N TRP B 248 -8.25 -38.08 -4.00
CA TRP B 248 -9.37 -37.95 -3.09
C TRP B 248 -10.43 -39.01 -3.41
N LEU B 249 -11.09 -39.50 -2.36
CA LEU B 249 -11.96 -40.65 -2.46
C LEU B 249 -13.40 -40.20 -2.68
N THR B 250 -14.26 -41.18 -3.03
CA THR B 250 -15.67 -40.93 -3.29
C THR B 250 -16.51 -41.94 -2.54
N ASP B 251 -17.36 -41.45 -1.64
CA ASP B 251 -18.25 -42.31 -0.87
C ASP B 251 -19.45 -42.68 -1.72
N ALA B 252 -20.32 -43.53 -1.16
CA ALA B 252 -21.49 -44.01 -1.88
C ALA B 252 -22.50 -42.88 -2.10
N ASP B 253 -22.61 -41.99 -1.09
CA ASP B 253 -23.58 -40.92 -1.12
C ASP B 253 -22.87 -39.61 -1.42
N SER B 254 -21.78 -39.68 -2.21
CA SER B 254 -21.08 -38.49 -2.66
C SER B 254 -21.68 -38.00 -3.96
N VAL B 255 -21.92 -36.69 -4.04
CA VAL B 255 -22.58 -36.08 -5.18
C VAL B 255 -21.53 -35.73 -6.23
N GLN B 256 -20.29 -35.53 -5.78
CA GLN B 256 -19.21 -35.08 -6.64
C GLN B 256 -17.97 -35.93 -6.38
N PRO B 257 -17.35 -36.50 -7.43
CA PRO B 257 -16.09 -37.25 -7.27
C PRO B 257 -15.04 -36.45 -6.50
N GLY B 258 -14.56 -37.03 -5.40
CA GLY B 258 -13.49 -36.44 -4.62
C GLY B 258 -14.01 -35.64 -3.43
N ALA B 259 -15.34 -35.65 -3.25
CA ALA B 259 -15.97 -34.89 -2.18
C ALA B 259 -16.51 -35.85 -1.12
N ILE B 260 -16.73 -35.30 0.09
CA ILE B 260 -17.22 -36.09 1.20
C ILE B 260 -18.70 -36.41 0.99
N GLY B 261 -19.09 -37.64 1.32
CA GLY B 261 -20.49 -38.04 1.32
C GLY B 261 -21.30 -37.16 2.26
N VAL B 262 -22.63 -37.18 2.08
CA VAL B 262 -23.51 -36.28 2.81
C VAL B 262 -23.75 -36.82 4.21
N SER B 263 -23.41 -38.10 4.43
CA SER B 263 -23.66 -38.76 5.69
C SER B 263 -22.64 -38.33 6.74
N ARG B 264 -21.42 -38.02 6.29
CA ARG B 264 -20.34 -37.70 7.20
C ARG B 264 -20.00 -36.21 7.14
N MET B 265 -21.03 -35.39 6.89
CA MET B 265 -20.88 -33.95 6.95
C MET B 265 -21.79 -33.42 8.05
N PRO B 266 -21.29 -32.52 8.93
CA PRO B 266 -22.00 -32.15 10.16
C PRO B 266 -23.27 -31.33 9.96
N SER B 267 -24.28 -31.64 10.77
CA SER B 267 -25.52 -30.89 10.83
C SER B 267 -26.16 -31.10 12.19
N LEU B 268 -27.15 -30.26 12.53
CA LEU B 268 -27.84 -30.36 13.80
C LEU B 268 -29.15 -29.57 13.73
N GLN B 269 -30.17 -30.10 14.40
CA GLN B 269 -31.44 -29.43 14.52
C GLN B 269 -31.77 -29.24 16.00
N ARG B 270 -32.20 -28.03 16.36
CA ARG B 270 -32.45 -27.68 17.75
C ARG B 270 -33.72 -26.84 17.84
N ASP B 271 -34.43 -26.98 18.96
CA ASP B 271 -35.61 -26.16 19.22
C ASP B 271 -35.21 -24.96 20.08
N ASP B 272 -33.95 -24.97 20.57
CA ASP B 272 -33.45 -23.87 21.36
C ASP B 272 -32.72 -22.88 20.46
N TYR B 273 -31.54 -23.26 19.94
CA TYR B 273 -30.79 -22.35 19.10
C TYR B 273 -29.65 -23.07 18.37
N VAL B 274 -29.30 -22.51 17.20
CA VAL B 274 -28.08 -22.83 16.49
C VAL B 274 -27.35 -21.51 16.22
N GLY B 275 -26.02 -21.56 16.04
CA GLY B 275 -25.24 -20.36 15.83
C GLY B 275 -23.81 -20.65 15.35
N ASN B 276 -23.22 -19.68 14.65
CA ASN B 276 -21.83 -19.77 14.22
C ASN B 276 -21.24 -18.37 14.07
N MET B 277 -19.98 -18.22 14.51
CA MET B 277 -19.28 -16.96 14.41
C MET B 277 -17.92 -17.19 13.76
N ASN B 278 -17.84 -18.24 12.93
CA ASN B 278 -16.70 -18.51 12.06
C ASN B 278 -15.76 -19.53 12.70
N ASP B 279 -16.13 -20.06 13.87
CA ASP B 279 -15.42 -21.22 14.41
C ASP B 279 -16.05 -22.48 13.83
N SER B 280 -15.47 -23.64 14.16
CA SER B 280 -15.88 -24.92 13.60
C SER B 280 -17.32 -25.25 14.02
N TYR B 281 -17.85 -26.31 13.41
CA TYR B 281 -19.20 -26.81 13.68
C TYR B 281 -19.37 -27.18 15.15
N TRP B 282 -18.23 -27.45 15.80
CA TRP B 282 -18.22 -28.04 17.14
C TRP B 282 -19.34 -27.48 18.00
N LEU B 283 -19.47 -26.15 18.08
CA LEU B 283 -20.40 -25.54 19.02
C LEU B 283 -21.57 -24.89 18.30
N ALA B 284 -22.11 -25.57 17.27
CA ALA B 284 -23.36 -25.15 16.67
C ALA B 284 -24.35 -24.83 17.79
N ASN B 285 -24.40 -25.72 18.78
CA ASN B 285 -25.12 -25.49 20.01
C ASN B 285 -24.20 -25.89 21.17
N VAL B 286 -24.11 -25.02 22.18
CA VAL B 286 -23.11 -25.17 23.22
C VAL B 286 -23.51 -26.30 24.16
N HIS B 287 -24.83 -26.55 24.25
CA HIS B 287 -25.35 -27.56 25.17
C HIS B 287 -25.23 -28.95 24.56
N ALA B 288 -24.97 -29.02 23.26
CA ALA B 288 -24.92 -30.28 22.54
C ALA B 288 -23.84 -30.25 21.47
N PRO B 289 -22.55 -30.36 21.86
CA PRO B 289 -21.45 -30.26 20.90
C PRO B 289 -21.45 -31.38 19.87
N LEU B 290 -21.00 -31.05 18.65
CA LEU B 290 -20.84 -32.03 17.59
C LEU B 290 -19.38 -32.47 17.54
N THR B 291 -19.17 -33.79 17.52
CA THR B 291 -17.83 -34.36 17.41
C THR B 291 -17.87 -35.56 16.48
N GLY B 292 -16.68 -36.01 16.06
CA GLY B 292 -16.54 -37.28 15.35
C GLY B 292 -16.28 -37.09 13.86
N TYR B 293 -16.69 -35.94 13.32
CA TYR B 293 -16.61 -35.71 11.89
C TYR B 293 -15.15 -35.50 11.48
N PRO B 294 -14.82 -35.65 10.18
CA PRO B 294 -13.43 -35.61 9.72
C PRO B 294 -12.69 -34.35 10.14
N ALA B 295 -11.35 -34.41 10.07
CA ALA B 295 -10.48 -33.38 10.60
C ALA B 295 -10.50 -32.15 9.69
N ILE B 296 -10.80 -32.36 8.40
CA ILE B 296 -10.68 -31.31 7.41
C ILE B 296 -11.76 -30.25 7.64
N PHE B 297 -12.72 -30.57 8.50
CA PHE B 297 -13.78 -29.63 8.84
C PHE B 297 -13.32 -28.68 9.95
N GLY B 298 -12.27 -29.09 10.67
CA GLY B 298 -11.68 -28.25 11.70
C GLY B 298 -11.68 -28.92 13.07
N PRO B 299 -11.09 -28.28 14.10
CA PRO B 299 -11.01 -28.87 15.43
C PRO B 299 -12.38 -28.93 16.12
N ALA B 300 -12.61 -30.02 16.86
CA ALA B 300 -13.86 -30.21 17.57
C ALA B 300 -13.57 -30.49 19.05
N GLY B 301 -12.84 -29.58 19.69
CA GLY B 301 -12.63 -29.64 21.13
C GLY B 301 -11.15 -29.58 21.51
N THR B 302 -10.28 -29.39 20.51
CA THR B 302 -8.84 -29.39 20.75
C THR B 302 -8.28 -27.98 20.60
N SER B 303 -9.11 -27.04 20.13
CA SER B 303 -8.69 -25.67 19.95
C SER B 303 -9.64 -24.72 20.69
N ALA B 304 -9.09 -23.64 21.22
CA ALA B 304 -9.88 -22.62 21.91
C ALA B 304 -10.72 -21.87 20.89
N GLN B 305 -11.89 -21.41 21.33
CA GLN B 305 -12.78 -20.61 20.48
C GLN B 305 -12.32 -19.17 20.49
N THR B 306 -12.63 -18.44 19.41
CA THR B 306 -12.33 -17.02 19.34
C THR B 306 -13.12 -16.28 20.40
N LEU B 307 -12.77 -15.00 20.62
CA LEU B 307 -13.46 -14.17 21.59
C LEU B 307 -14.87 -13.86 21.11
N ARG B 308 -15.04 -13.74 19.79
CA ARG B 308 -16.32 -13.38 19.21
C ARG B 308 -17.27 -14.57 19.30
N THR B 309 -16.75 -15.78 19.07
CA THR B 309 -17.54 -16.99 19.18
C THR B 309 -18.09 -17.10 20.60
N ARG B 310 -17.23 -16.82 21.58
CA ARG B 310 -17.57 -16.94 22.99
C ARG B 310 -18.58 -15.85 23.36
N MET B 311 -18.48 -14.71 22.67
CA MET B 311 -19.36 -13.58 22.94
C MET B 311 -20.76 -13.90 22.41
N GLY B 312 -20.80 -14.53 21.24
CA GLY B 312 -22.06 -14.86 20.57
C GLY B 312 -22.88 -15.86 21.37
N HIS B 313 -22.26 -16.99 21.72
CA HIS B 313 -22.93 -18.04 22.49
C HIS B 313 -23.34 -17.49 23.85
N THR B 314 -22.46 -16.68 24.45
CA THR B 314 -22.68 -16.14 25.78
C THR B 314 -23.93 -15.25 25.78
N MET B 315 -24.18 -14.57 24.66
CA MET B 315 -25.29 -13.65 24.55
C MET B 315 -26.61 -14.42 24.45
N VAL B 316 -26.57 -15.59 23.80
CA VAL B 316 -27.75 -16.41 23.62
C VAL B 316 -28.14 -17.04 24.97
N LEU B 317 -27.13 -17.51 25.70
CA LEU B 317 -27.35 -18.20 26.96
C LEU B 317 -27.90 -17.21 28.00
N GLU B 318 -27.43 -15.97 27.94
CA GLU B 318 -27.83 -14.96 28.89
C GLU B 318 -29.22 -14.43 28.52
N ARG B 319 -29.56 -14.51 27.23
CA ARG B 319 -30.88 -14.12 26.75
C ARG B 319 -31.92 -15.09 27.30
N LEU B 320 -31.65 -16.39 27.11
CA LEU B 320 -32.61 -17.44 27.45
C LEU B 320 -32.66 -17.62 28.96
N ALA B 321 -31.57 -17.28 29.64
CA ALA B 321 -31.53 -17.31 31.09
C ALA B 321 -32.16 -16.04 31.64
N GLY B 322 -32.39 -15.07 30.75
CA GLY B 322 -33.05 -13.82 31.09
C GLY B 322 -32.22 -12.97 32.05
N THR B 323 -30.92 -12.86 31.76
CA THR B 323 -30.00 -12.13 32.62
C THR B 323 -29.04 -11.28 31.79
N ASP B 324 -29.55 -10.68 30.72
CA ASP B 324 -28.74 -9.86 29.85
C ASP B 324 -29.24 -8.41 29.92
N GLY B 325 -30.26 -8.18 30.76
CA GLY B 325 -30.76 -6.83 30.99
C GLY B 325 -31.85 -6.45 29.99
N TYR B 326 -32.37 -7.44 29.27
CA TYR B 326 -33.46 -7.23 28.34
C TYR B 326 -34.71 -7.93 28.87
N PRO B 327 -35.91 -7.46 28.46
CA PRO B 327 -37.17 -8.06 28.94
C PRO B 327 -37.27 -9.55 28.66
N GLY B 328 -37.93 -10.28 29.57
CA GLY B 328 -38.25 -11.68 29.38
C GLY B 328 -37.00 -12.55 29.24
N ASN B 329 -37.20 -13.75 28.67
CA ASN B 329 -36.12 -14.72 28.53
C ASN B 329 -36.22 -15.38 27.16
N LYS B 330 -36.94 -14.75 26.24
CA LYS B 330 -37.20 -15.32 24.92
C LYS B 330 -36.53 -14.46 23.85
N ALA B 331 -36.13 -15.12 22.77
CA ALA B 331 -35.53 -14.45 21.63
C ALA B 331 -36.63 -13.95 20.70
N THR B 332 -37.19 -12.77 21.03
CA THR B 332 -38.24 -12.17 20.23
C THR B 332 -37.61 -11.24 19.20
N PRO B 333 -38.40 -10.79 18.18
CA PRO B 333 -37.85 -9.95 17.12
C PRO B 333 -37.31 -8.61 17.63
N ALA B 334 -38.03 -8.01 18.59
CA ALA B 334 -37.69 -6.68 19.09
C ALA B 334 -36.40 -6.74 19.91
N VAL B 335 -36.24 -7.83 20.67
CA VAL B 335 -35.12 -7.95 21.59
C VAL B 335 -33.86 -8.35 20.82
N VAL B 336 -34.02 -9.20 19.81
CA VAL B 336 -32.89 -9.65 19.01
C VAL B 336 -32.32 -8.47 18.23
N ARG B 337 -33.20 -7.53 17.86
CA ARG B 337 -32.81 -6.36 17.09
C ARG B 337 -31.87 -5.47 17.91
N GLU B 338 -32.02 -5.51 19.25
CA GLU B 338 -31.22 -4.68 20.12
C GLU B 338 -29.98 -5.44 20.58
N MET B 339 -30.19 -6.72 20.93
CA MET B 339 -29.12 -7.56 21.47
C MET B 339 -27.95 -7.61 20.49
N VAL B 340 -28.24 -7.67 19.19
CA VAL B 340 -27.22 -7.92 18.20
C VAL B 340 -26.45 -6.63 17.91
N LEU B 341 -27.02 -5.49 18.32
CA LEU B 341 -26.36 -4.21 18.18
C LEU B 341 -25.90 -3.71 19.55
N GLY B 342 -25.57 -4.66 20.43
CA GLY B 342 -25.30 -4.37 21.83
C GLY B 342 -23.94 -3.68 22.04
N ASN B 343 -22.97 -4.02 21.20
CA ASN B 343 -21.66 -3.39 21.22
C ASN B 343 -20.87 -3.88 22.44
N ARG B 344 -21.21 -5.09 22.92
CA ARG B 344 -20.50 -5.70 24.03
C ARG B 344 -19.11 -6.13 23.58
N VAL B 345 -18.12 -5.97 24.47
CA VAL B 345 -16.75 -6.34 24.19
C VAL B 345 -16.29 -7.38 25.20
N PHE B 346 -15.96 -8.59 24.70
CA PHE B 346 -15.69 -9.73 25.56
C PHE B 346 -14.37 -9.55 26.29
N SER B 347 -13.35 -9.04 25.58
CA SER B 347 -12.05 -8.80 26.18
C SER B 347 -12.20 -7.89 27.40
N ALA B 348 -12.97 -6.80 27.22
CA ALA B 348 -13.14 -5.82 28.29
C ALA B 348 -13.92 -6.44 29.44
N GLU B 349 -15.08 -7.01 29.14
CA GLU B 349 -15.98 -7.55 30.15
C GLU B 349 -15.24 -8.53 31.04
N ARG B 350 -14.32 -9.30 30.44
CA ARG B 350 -13.76 -10.46 31.11
C ARG B 350 -12.39 -10.15 31.70
N PHE B 351 -11.60 -9.29 31.06
CA PHE B 351 -10.18 -9.20 31.41
C PHE B 351 -9.76 -7.78 31.79
N LYS B 352 -10.57 -6.77 31.48
CA LYS B 352 -10.16 -5.38 31.67
C LYS B 352 -9.84 -5.11 33.13
N ASP B 353 -10.82 -5.38 34.01
CA ASP B 353 -10.68 -5.05 35.43
C ASP B 353 -9.43 -5.71 35.99
N GLU B 354 -9.15 -6.94 35.53
CA GLU B 354 -7.98 -7.68 35.99
C GLU B 354 -6.70 -6.94 35.59
N VAL B 355 -6.71 -6.35 34.40
CA VAL B 355 -5.51 -5.73 33.84
C VAL B 355 -5.21 -4.44 34.59
N LEU B 356 -6.26 -3.67 34.91
CA LEU B 356 -6.11 -2.39 35.58
C LEU B 356 -5.69 -2.62 37.03
N ASP B 357 -6.24 -3.68 37.65
CA ASP B 357 -5.93 -4.00 39.03
C ASP B 357 -4.45 -4.38 39.13
N LEU B 358 -3.89 -4.87 38.02
CA LEU B 358 -2.53 -5.39 38.00
C LEU B 358 -1.53 -4.26 37.71
N ILE B 359 -1.92 -3.30 36.85
CA ILE B 359 -0.94 -2.39 36.29
C ILE B 359 -1.20 -0.94 36.72
N CYS B 360 -2.37 -0.66 37.32
CA CYS B 360 -2.75 0.72 37.59
C CYS B 360 -2.58 1.07 39.06
N THR B 361 -1.72 0.33 39.78
CA THR B 361 -1.42 0.65 41.17
C THR B 361 0.07 0.40 41.43
N PRO B 362 0.95 1.41 41.24
CA PRO B 362 0.53 2.76 40.84
C PRO B 362 0.28 2.93 39.34
N ALA B 363 -0.02 4.17 38.93
CA ALA B 363 -0.30 4.47 37.54
C ALA B 363 0.82 5.31 36.92
N GLN B 364 1.78 5.74 37.76
CA GLN B 364 3.00 6.33 37.25
C GLN B 364 4.04 5.22 37.09
N TRP B 365 4.44 4.94 35.84
CA TRP B 365 5.21 3.76 35.53
C TRP B 365 6.61 4.11 35.08
N THR B 366 7.44 3.06 34.92
CA THR B 366 8.72 3.13 34.24
C THR B 366 8.75 2.02 33.19
N VAL B 367 8.64 2.42 31.91
CA VAL B 367 8.51 1.47 30.83
C VAL B 367 9.65 1.70 29.84
N ASN B 368 10.44 0.64 29.59
CA ASN B 368 11.58 0.72 28.70
C ASN B 368 12.52 1.82 29.19
N GLY B 369 12.66 1.92 30.52
CA GLY B 369 13.56 2.88 31.14
C GLY B 369 13.00 4.30 31.14
N ALA B 370 11.73 4.44 30.73
CA ALA B 370 11.13 5.75 30.56
C ALA B 370 9.96 5.93 31.51
N ALA B 371 9.84 7.14 32.07
CA ALA B 371 8.72 7.52 32.91
C ALA B 371 7.46 7.65 32.06
N VAL B 372 6.38 6.98 32.49
CA VAL B 372 5.12 7.00 31.78
C VAL B 372 3.99 7.33 32.74
N ASP B 373 3.18 8.33 32.37
CA ASP B 373 2.01 8.73 33.14
C ASP B 373 0.77 8.07 32.52
N ALA B 374 0.21 7.09 33.23
CA ALA B 374 -0.91 6.31 32.71
C ALA B 374 -2.16 6.55 33.55
N ALA B 375 -2.15 7.62 34.35
CA ALA B 375 -3.22 7.87 35.31
C ALA B 375 -4.55 8.04 34.59
N GLN B 376 -4.55 8.82 33.50
CA GLN B 376 -5.79 9.14 32.80
C GLN B 376 -6.31 7.90 32.09
N ALA B 377 -5.38 7.11 31.53
CA ALA B 377 -5.75 5.89 30.80
C ALA B 377 -6.46 4.92 31.74
N CYS B 378 -5.94 4.80 32.96
CA CYS B 378 -6.49 3.90 33.96
C CYS B 378 -7.87 4.39 34.40
N ALA B 379 -8.02 5.72 34.52
CA ALA B 379 -9.25 6.31 35.00
C ALA B 379 -10.35 6.17 33.94
N VAL B 380 -9.99 6.37 32.67
CA VAL B 380 -10.95 6.34 31.59
C VAL B 380 -11.49 4.92 31.44
N LEU B 381 -10.60 3.94 31.52
CA LEU B 381 -10.95 2.55 31.24
C LEU B 381 -11.76 1.98 32.40
N ALA B 382 -11.56 2.52 33.60
CA ALA B 382 -12.30 2.06 34.77
C ALA B 382 -13.73 2.59 34.71
N ALA B 383 -13.89 3.78 34.13
CA ALA B 383 -15.19 4.43 34.01
C ALA B 383 -15.98 3.84 32.85
N TRP B 384 -15.27 3.22 31.90
CA TRP B 384 -15.87 2.68 30.68
C TRP B 384 -16.60 1.38 31.01
N ASP B 385 -17.77 1.18 30.39
CA ASP B 385 -18.65 0.08 30.73
C ASP B 385 -18.48 -1.08 29.75
N ASN B 386 -17.35 -1.10 29.04
CA ASN B 386 -16.95 -2.26 28.27
C ASN B 386 -17.85 -2.42 27.05
N ARG B 387 -18.43 -1.31 26.58
CA ARG B 387 -19.27 -1.32 25.40
C ARG B 387 -18.69 -0.37 24.36
N GLY B 388 -18.96 -0.66 23.08
CA GLY B 388 -18.50 0.16 21.98
C GLY B 388 -19.66 0.89 21.30
N ARG B 389 -20.45 1.61 22.10
CA ARG B 389 -21.54 2.41 21.59
C ARG B 389 -20.98 3.78 21.19
N LYS B 390 -21.83 4.62 20.61
CA LYS B 390 -21.41 5.91 20.11
C LYS B 390 -21.05 6.84 21.27
N ASP B 391 -21.68 6.62 22.42
CA ASP B 391 -21.49 7.48 23.58
C ASP B 391 -20.41 6.91 24.49
N SER B 392 -19.96 5.68 24.20
CA SER B 392 -18.94 5.02 24.99
C SER B 392 -17.62 5.79 24.88
N ARG B 393 -16.92 5.93 26.02
CA ARG B 393 -15.71 6.74 26.08
C ARG B 393 -14.54 5.87 26.53
N GLY B 394 -13.53 5.74 25.66
CA GLY B 394 -12.30 5.04 25.99
C GLY B 394 -12.20 3.69 25.29
N ALA B 395 -13.22 3.35 24.51
CA ALA B 395 -13.27 2.06 23.81
C ALA B 395 -12.09 1.97 22.84
N HIS B 396 -11.74 3.10 22.22
CA HIS B 396 -10.68 3.12 21.22
C HIS B 396 -9.33 2.87 21.90
N LEU B 397 -9.20 3.30 23.16
CA LEU B 397 -7.97 3.08 23.91
C LEU B 397 -7.80 1.58 24.14
N TRP B 398 -8.90 0.90 24.48
CA TRP B 398 -8.88 -0.54 24.71
C TRP B 398 -8.47 -1.25 23.43
N ASP B 399 -9.08 -0.83 22.31
CA ASP B 399 -8.77 -1.38 21.01
C ASP B 399 -7.27 -1.33 20.77
N GLU B 400 -6.69 -0.13 20.95
CA GLU B 400 -5.28 0.08 20.69
C GLU B 400 -4.43 -0.68 21.70
N PHE B 401 -5.02 -0.97 22.87
CA PHE B 401 -4.31 -1.71 23.90
C PHE B 401 -4.33 -3.20 23.59
N TRP B 402 -5.54 -3.77 23.46
CA TRP B 402 -5.72 -5.20 23.42
C TRP B 402 -5.01 -5.81 22.21
N SER B 403 -4.92 -5.03 21.13
CA SER B 403 -4.36 -5.53 19.88
C SER B 403 -2.84 -5.63 19.97
N ARG B 404 -2.27 -5.18 21.09
CA ARG B 404 -0.83 -5.15 21.26
C ARG B 404 -0.43 -6.00 22.47
N VAL B 405 -1.41 -6.65 23.10
CA VAL B 405 -1.16 -7.50 24.25
C VAL B 405 -0.63 -8.84 23.77
N PRO B 406 0.62 -9.22 24.13
CA PRO B 406 1.17 -10.53 23.77
C PRO B 406 0.36 -11.65 24.43
N THR B 407 -0.03 -12.65 23.62
CA THR B 407 -1.00 -13.65 24.05
C THR B 407 -0.29 -14.86 24.64
N ALA B 408 1.03 -14.96 24.42
CA ALA B 408 1.81 -16.07 24.93
C ALA B 408 1.72 -16.11 26.45
N SER B 409 1.20 -17.23 26.98
CA SER B 409 1.05 -17.43 28.42
C SER B 409 0.51 -16.15 29.07
N LEU B 410 -0.55 -15.60 28.49
CA LEU B 410 -1.23 -14.45 29.06
C LEU B 410 -2.30 -14.92 30.05
N PHE B 411 -2.72 -16.18 29.90
CA PHE B 411 -3.80 -16.73 30.69
C PHE B 411 -3.26 -17.82 31.62
N THR B 412 -3.76 -17.86 32.85
CA THR B 412 -3.32 -18.83 33.84
C THR B 412 -4.21 -20.06 33.80
N VAL B 413 -5.51 -19.85 33.50
CA VAL B 413 -6.44 -20.96 33.34
C VAL B 413 -6.53 -21.29 31.85
N PRO B 414 -5.96 -22.42 31.39
CA PRO B 414 -5.90 -22.75 29.97
C PRO B 414 -7.24 -23.26 29.44
N PHE B 415 -7.27 -23.57 28.13
CA PHE B 415 -8.48 -24.02 27.48
C PHE B 415 -8.95 -25.34 28.10
N SER B 416 -10.28 -25.45 28.28
CA SER B 416 -10.90 -26.68 28.73
C SER B 416 -12.11 -26.97 27.85
N ALA B 417 -12.09 -28.12 27.16
CA ALA B 417 -13.14 -28.48 26.23
C ALA B 417 -14.49 -28.50 26.94
N ALA B 418 -14.45 -28.64 28.27
CA ALA B 418 -15.67 -28.78 29.07
C ALA B 418 -16.23 -27.41 29.44
N ASP B 419 -15.40 -26.37 29.29
CA ASP B 419 -15.81 -25.02 29.61
C ASP B 419 -15.22 -24.05 28.58
N PRO B 420 -15.73 -24.08 27.33
CA PRO B 420 -15.08 -23.37 26.22
C PRO B 420 -15.49 -21.92 26.02
N LEU B 421 -16.49 -21.47 26.78
CA LEU B 421 -16.94 -20.09 26.68
C LEU B 421 -16.25 -19.24 27.75
N ASN B 422 -15.74 -19.89 28.79
CA ASN B 422 -15.17 -19.18 29.93
C ASN B 422 -13.69 -19.53 30.08
N THR B 423 -13.15 -20.26 29.09
CA THR B 423 -11.73 -20.55 29.04
C THR B 423 -11.24 -20.31 27.61
N PRO B 424 -9.99 -19.85 27.41
CA PRO B 424 -9.08 -19.52 28.52
C PRO B 424 -9.41 -18.24 29.29
N ARG B 425 -8.91 -18.15 30.53
CA ARG B 425 -9.09 -16.95 31.35
C ARG B 425 -7.96 -16.84 32.38
N GLY B 426 -8.01 -15.77 33.18
CA GLY B 426 -7.05 -15.55 34.25
C GLY B 426 -5.81 -14.80 33.77
N ILE B 427 -5.85 -13.47 33.83
CA ILE B 427 -4.72 -12.65 33.41
C ILE B 427 -3.54 -12.93 34.34
N ASN B 428 -2.47 -13.47 33.76
CA ASN B 428 -1.26 -13.80 34.52
C ASN B 428 -0.60 -12.53 35.01
N ALA B 429 -0.33 -12.47 36.31
CA ALA B 429 0.30 -11.31 36.93
C ALA B 429 1.72 -11.15 36.40
N ALA B 430 2.26 -12.22 35.79
CA ALA B 430 3.63 -12.24 35.32
C ALA B 430 3.77 -11.37 34.08
N ALA B 431 2.65 -10.96 33.50
CA ALA B 431 2.64 -10.24 32.23
C ALA B 431 2.47 -8.74 32.47
N ALA B 432 2.55 -8.33 33.74
CA ALA B 432 2.28 -6.95 34.12
C ALA B 432 3.13 -6.00 33.27
N ASP B 433 4.44 -6.26 33.21
CA ASP B 433 5.35 -5.39 32.49
C ASP B 433 4.96 -5.34 31.01
N ALA B 434 4.58 -6.49 30.46
CA ALA B 434 4.22 -6.58 29.05
C ALA B 434 2.94 -5.78 28.79
N LEU B 435 2.02 -5.85 29.76
CA LEU B 435 0.74 -5.16 29.65
C LEU B 435 0.99 -3.65 29.68
N ARG B 436 1.92 -3.21 30.53
CA ARG B 436 2.26 -1.81 30.64
C ARG B 436 2.89 -1.33 29.33
N GLN B 437 3.76 -2.17 28.76
CA GLN B 437 4.41 -1.84 27.51
C GLN B 437 3.36 -1.60 26.42
N ALA B 438 2.34 -2.46 26.40
CA ALA B 438 1.30 -2.40 25.40
C ALA B 438 0.44 -1.16 25.61
N MET B 439 0.16 -0.84 26.88
CA MET B 439 -0.76 0.23 27.23
C MET B 439 -0.11 1.58 26.95
N ALA B 440 1.21 1.67 27.20
CA ALA B 440 1.95 2.90 26.97
C ALA B 440 1.92 3.25 25.48
N THR B 441 2.09 2.23 24.64
CA THR B 441 2.07 2.41 23.19
C THR B 441 0.69 2.89 22.75
N ALA B 442 -0.35 2.32 23.37
CA ALA B 442 -1.72 2.59 22.99
C ALA B 442 -2.06 4.07 23.25
N VAL B 443 -1.59 4.58 24.39
CA VAL B 443 -1.82 5.95 24.78
C VAL B 443 -1.09 6.87 23.81
N ALA B 444 0.09 6.43 23.37
CA ALA B 444 0.92 7.22 22.47
C ALA B 444 0.26 7.32 21.10
N ARG B 445 -0.41 6.24 20.69
CA ARG B 445 -1.08 6.19 19.40
C ARG B 445 -2.28 7.14 19.42
N VAL B 446 -3.11 7.04 20.47
CA VAL B 446 -4.30 7.85 20.59
C VAL B 446 -3.89 9.32 20.64
N GLY B 447 -2.78 9.60 21.32
CA GLY B 447 -2.27 10.96 21.43
C GLY B 447 -1.92 11.55 20.06
N GLN B 448 -1.42 10.70 19.16
CA GLN B 448 -0.99 11.11 17.83
C GLN B 448 -2.17 11.13 16.87
N SER B 449 -3.35 10.71 17.36
CA SER B 449 -4.54 10.67 16.52
C SER B 449 -5.29 11.98 16.62
N GLY B 450 -5.01 12.74 17.69
CA GLY B 450 -5.69 14.00 17.93
C GLY B 450 -7.00 13.80 18.70
N TYR B 451 -7.28 12.54 19.03
CA TYR B 451 -8.43 12.18 19.85
C TYR B 451 -8.01 12.05 21.30
N ALA B 452 -8.86 12.54 22.21
CA ALA B 452 -8.63 12.40 23.64
C ALA B 452 -8.82 10.93 24.03
N LEU B 453 -8.28 10.56 25.20
CA LEU B 453 -8.41 9.20 25.69
C LEU B 453 -9.88 8.88 25.93
N ASP B 454 -10.66 9.91 26.29
CA ASP B 454 -12.04 9.74 26.70
C ASP B 454 -12.98 10.17 25.57
N ALA B 455 -12.46 10.24 24.35
CA ALA B 455 -13.27 10.62 23.20
C ALA B 455 -14.40 9.62 23.04
N PRO B 456 -15.65 10.08 22.78
CA PRO B 456 -16.77 9.17 22.52
C PRO B 456 -16.52 8.42 21.22
N ARG B 457 -16.91 7.14 21.19
CA ARG B 457 -16.55 6.26 20.09
C ARG B 457 -17.15 6.77 18.79
N GLY B 458 -18.27 7.47 18.90
CA GLY B 458 -19.00 7.95 17.74
C GLY B 458 -18.19 8.95 16.91
N GLU B 459 -17.15 9.52 17.53
CA GLU B 459 -16.33 10.54 16.88
C GLU B 459 -15.08 9.92 16.28
N VAL B 460 -14.69 8.75 16.80
CA VAL B 460 -13.49 8.06 16.33
C VAL B 460 -13.89 7.07 15.22
N LEU B 461 -15.05 6.43 15.40
CA LEU B 461 -15.55 5.46 14.45
C LEU B 461 -16.73 6.08 13.70
N TYR B 462 -16.59 6.26 12.38
CA TYR B 462 -17.56 7.02 11.62
C TYR B 462 -17.54 6.65 10.14
N VAL B 463 -18.50 7.22 9.41
CA VAL B 463 -18.62 7.05 7.97
C VAL B 463 -19.15 8.37 7.40
N THR B 464 -18.52 8.84 6.32
CA THR B 464 -18.83 10.16 5.79
C THR B 464 -19.86 10.05 4.67
N ARG B 465 -20.94 10.83 4.79
CA ARG B 465 -21.94 10.96 3.75
C ARG B 465 -22.31 12.42 3.59
N GLY B 466 -22.14 12.95 2.37
CA GLY B 466 -22.50 14.32 2.05
C GLY B 466 -21.71 15.33 2.88
N GLY B 467 -20.45 14.99 3.20
CA GLY B 467 -19.56 15.88 3.92
C GLY B 467 -19.77 15.80 5.43
N THR B 468 -20.84 15.11 5.85
CA THR B 468 -21.16 14.97 7.26
C THR B 468 -20.69 13.60 7.73
N ARG B 469 -20.09 13.57 8.93
CA ARG B 469 -19.62 12.32 9.53
C ARG B 469 -20.73 11.71 10.37
N LEU B 470 -21.24 10.56 9.92
CA LEU B 470 -22.22 9.80 10.65
C LEU B 470 -21.51 8.98 11.73
N PRO B 471 -21.88 9.16 13.03
CA PRO B 471 -21.28 8.38 14.11
C PRO B 471 -21.67 6.91 14.02
N LEU B 472 -20.72 6.03 14.36
CA LEU B 472 -20.94 4.60 14.26
C LEU B 472 -20.59 3.92 15.59
N TYR B 473 -21.06 2.68 15.71
CA TYR B 473 -20.83 1.85 16.88
C TYR B 473 -20.21 0.53 16.43
N GLY B 474 -19.79 -0.30 17.38
CA GLY B 474 -19.23 -1.60 17.09
C GLY B 474 -17.71 -1.60 17.09
N GLY B 475 -17.12 -2.69 16.59
CA GLY B 475 -15.67 -2.85 16.58
C GLY B 475 -15.24 -4.10 15.84
N CYS B 476 -14.01 -4.56 16.13
CA CYS B 476 -13.43 -5.71 15.45
C CYS B 476 -13.56 -6.95 16.32
N GLY B 477 -13.70 -8.11 15.67
CA GLY B 477 -13.90 -9.37 16.36
C GLY B 477 -12.74 -9.74 17.27
N ALA B 478 -11.52 -9.37 16.84
CA ALA B 478 -10.31 -9.72 17.57
C ALA B 478 -10.41 -9.22 19.02
N MET B 479 -11.18 -8.15 19.22
CA MET B 479 -11.32 -7.53 20.54
C MET B 479 -12.48 -8.19 21.29
N GLY B 480 -13.31 -8.94 20.57
CA GLY B 480 -14.41 -9.67 21.16
C GLY B 480 -15.74 -8.96 20.97
N TYR B 481 -15.83 -8.13 19.92
CA TYR B 481 -17.09 -7.52 19.53
C TYR B 481 -17.96 -8.55 18.82
N PHE B 482 -19.28 -8.37 18.93
CA PHE B 482 -20.24 -9.13 18.14
C PHE B 482 -20.74 -8.25 17.00
N THR B 483 -21.01 -6.98 17.34
CA THR B 483 -21.38 -5.97 16.37
C THR B 483 -20.13 -5.44 15.69
N ILE B 484 -19.88 -5.88 14.44
CA ILE B 484 -18.60 -5.66 13.79
C ILE B 484 -18.64 -4.38 12.96
N THR B 485 -17.77 -3.44 13.33
CA THR B 485 -17.47 -2.26 12.53
C THR B 485 -15.96 -2.06 12.57
N CYS B 486 -15.26 -2.70 11.62
CA CYS B 486 -13.82 -2.86 11.70
C CYS B 486 -13.13 -2.08 10.58
N SER B 487 -12.47 -0.98 10.98
CA SER B 487 -11.75 -0.13 10.04
C SER B 487 -10.41 -0.76 9.70
N GLU B 488 -9.91 -0.50 8.49
CA GLU B 488 -8.58 -0.92 8.09
C GLU B 488 -7.63 0.27 8.29
N ASN B 489 -8.22 1.42 8.63
CA ASN B 489 -7.48 2.67 8.77
C ASN B 489 -6.87 2.74 10.17
N ASP B 490 -5.58 3.10 10.23
CA ASP B 490 -4.90 3.30 11.50
C ASP B 490 -5.43 4.58 12.14
N ILE B 491 -5.57 4.55 13.47
CA ILE B 491 -6.25 5.61 14.21
C ILE B 491 -5.49 6.92 14.03
N THR B 492 -4.19 6.83 13.75
CA THR B 492 -3.35 8.01 13.63
C THR B 492 -3.66 8.75 12.33
N GLN B 493 -4.29 8.07 11.38
CA GLN B 493 -4.66 8.67 10.11
C GLN B 493 -6.14 9.01 10.09
N GLY B 494 -6.58 9.84 11.06
CA GLY B 494 -7.92 10.40 11.04
C GLY B 494 -8.96 9.45 11.64
N GLY B 495 -8.53 8.59 12.56
CA GLY B 495 -9.44 7.77 13.33
C GLY B 495 -9.87 6.51 12.58
N TYR B 496 -10.91 5.84 13.09
CA TYR B 496 -11.42 4.61 12.52
C TYR B 496 -12.42 4.92 11.41
N SER B 497 -11.92 5.41 10.28
CA SER B 497 -12.76 5.77 9.15
C SER B 497 -13.26 4.51 8.44
N MET B 498 -14.50 4.57 7.95
CA MET B 498 -15.12 3.45 7.25
C MET B 498 -15.42 3.88 5.82
N ASP B 499 -14.73 4.92 5.34
CA ASP B 499 -14.99 5.50 4.04
C ASP B 499 -14.06 4.88 3.01
N GLY B 500 -13.02 4.17 3.47
CA GLY B 500 -12.07 3.53 2.59
C GLY B 500 -12.57 2.15 2.15
N GLN B 501 -11.72 1.13 2.34
CA GLN B 501 -12.13 -0.25 2.14
C GLN B 501 -11.93 -1.01 3.44
N PRO B 502 -12.88 -0.91 4.39
CA PRO B 502 -12.72 -1.50 5.72
C PRO B 502 -12.65 -3.03 5.70
N ASN B 503 -12.24 -3.60 6.82
CA ASN B 503 -12.22 -5.04 7.00
C ASN B 503 -13.67 -5.53 7.09
N ALA B 504 -13.86 -6.84 6.88
CA ALA B 504 -15.18 -7.43 6.94
C ALA B 504 -15.97 -6.81 8.09
N SER B 505 -17.15 -6.27 7.77
CA SER B 505 -17.97 -5.57 8.75
C SER B 505 -19.44 -5.80 8.48
N ASN B 506 -20.28 -5.39 9.44
CA ASN B 506 -21.72 -5.47 9.29
C ASN B 506 -22.10 -4.91 7.92
N SER B 507 -22.75 -5.75 7.11
CA SER B 507 -23.13 -5.39 5.76
C SER B 507 -24.64 -5.52 5.60
N TYR B 508 -25.10 -6.68 5.13
CA TYR B 508 -26.52 -7.00 5.13
C TYR B 508 -26.86 -7.69 6.45
N MET B 509 -27.89 -7.15 7.13
CA MET B 509 -28.36 -7.70 8.39
C MET B 509 -29.86 -7.96 8.27
N GLN B 510 -30.30 -9.13 8.75
CA GLN B 510 -31.72 -9.48 8.68
C GLN B 510 -32.15 -10.19 9.96
N VAL B 511 -33.27 -9.73 10.52
CA VAL B 511 -33.95 -10.42 11.59
C VAL B 511 -35.30 -10.90 11.05
N VAL B 512 -35.39 -12.20 10.76
CA VAL B 512 -36.54 -12.75 10.05
C VAL B 512 -37.31 -13.69 10.98
N SER B 513 -38.63 -13.47 11.06
CA SER B 513 -39.52 -14.36 11.78
C SER B 513 -40.75 -14.66 10.93
N PHE B 514 -41.55 -15.64 11.36
CA PHE B 514 -42.71 -16.05 10.59
C PHE B 514 -43.96 -15.99 11.48
N PRO B 515 -44.48 -14.78 11.79
CA PRO B 515 -45.77 -14.64 12.46
C PRO B 515 -46.90 -15.17 11.57
N ALA B 516 -48.10 -15.27 12.15
CA ALA B 516 -49.24 -15.83 11.43
C ALA B 516 -49.55 -14.99 10.20
N SER B 517 -49.54 -13.67 10.38
CA SER B 517 -49.84 -12.74 9.29
C SER B 517 -48.90 -12.98 8.12
N GLY B 518 -47.69 -13.48 8.40
CA GLY B 518 -46.74 -13.81 7.36
C GLY B 518 -45.33 -13.31 7.71
N VAL B 519 -44.35 -13.71 6.89
CA VAL B 519 -42.96 -13.32 7.10
C VAL B 519 -42.87 -11.83 7.41
N GLN B 520 -42.02 -11.50 8.39
CA GLN B 520 -41.65 -10.14 8.68
C GLN B 520 -40.13 -10.07 8.81
N ALA B 521 -39.52 -9.18 8.02
CA ALA B 521 -38.07 -9.03 8.02
C ALA B 521 -37.69 -7.59 8.32
N HIS B 522 -36.71 -7.42 9.22
CA HIS B 522 -36.08 -6.13 9.45
C HIS B 522 -34.63 -6.24 8.97
N THR B 523 -34.16 -5.22 8.23
CA THR B 523 -32.90 -5.34 7.53
C THR B 523 -32.09 -4.05 7.65
N PHE B 524 -30.77 -4.21 7.46
CA PHE B 524 -29.85 -3.10 7.21
C PHE B 524 -28.99 -3.44 6.01
N LEU B 525 -28.69 -2.42 5.19
CA LEU B 525 -27.56 -2.47 4.28
C LEU B 525 -26.68 -1.26 4.58
N THR B 526 -25.60 -1.51 5.34
CA THR B 526 -24.86 -0.49 6.05
C THR B 526 -24.37 0.63 5.10
N TYR B 527 -23.81 0.23 3.95
CA TYR B 527 -23.12 1.18 3.08
C TYR B 527 -24.07 1.71 2.01
N SER B 528 -25.34 1.25 2.08
CA SER B 528 -26.37 1.67 1.15
C SER B 528 -26.18 0.98 -0.21
N LEU B 529 -27.20 1.06 -1.06
CA LEU B 529 -27.28 0.25 -2.27
C LEU B 529 -26.32 0.77 -3.34
N SER B 530 -26.14 2.09 -3.43
CA SER B 530 -25.46 2.69 -4.57
C SER B 530 -24.04 3.13 -4.21
N ASP B 531 -23.10 2.87 -5.13
CA ASP B 531 -21.71 3.27 -4.97
C ASP B 531 -21.49 4.62 -5.65
N ASP B 532 -22.57 5.18 -6.21
CA ASP B 532 -22.52 6.47 -6.88
C ASP B 532 -22.86 7.56 -5.87
N PRO B 533 -21.88 8.44 -5.52
CA PRO B 533 -22.10 9.47 -4.50
C PRO B 533 -23.25 10.43 -4.78
N ALA B 534 -23.64 10.55 -6.06
CA ALA B 534 -24.66 11.51 -6.46
C ALA B 534 -26.04 10.87 -6.38
N SER B 535 -26.10 9.60 -5.94
CA SER B 535 -27.34 8.86 -5.88
C SER B 535 -28.04 9.09 -4.55
N PRO B 536 -29.39 9.14 -4.53
CA PRO B 536 -30.15 9.26 -3.29
C PRO B 536 -30.05 8.01 -2.40
N HIS B 537 -29.55 6.92 -2.98
CA HIS B 537 -29.45 5.65 -2.28
C HIS B 537 -27.98 5.35 -1.99
N HIS B 538 -27.19 6.41 -1.74
CA HIS B 538 -25.79 6.26 -1.43
C HIS B 538 -25.58 6.31 0.08
N GLY B 539 -26.43 7.08 0.78
CA GLY B 539 -26.23 7.31 2.21
C GLY B 539 -27.52 7.30 3.01
N ASP B 540 -28.63 6.91 2.38
CA ASP B 540 -29.92 6.94 3.04
C ASP B 540 -30.02 5.77 4.02
N TYR B 541 -29.50 4.61 3.62
CA TYR B 541 -29.52 3.42 4.44
C TYR B 541 -28.50 3.59 5.57
N THR B 542 -27.41 4.30 5.25
CA THR B 542 -26.29 4.46 6.16
C THR B 542 -26.69 5.35 7.33
N LYS B 543 -27.40 6.46 7.02
CA LYS B 543 -27.90 7.35 8.07
C LYS B 543 -28.71 6.54 9.08
N ALA B 544 -29.58 5.67 8.58
CA ALA B 544 -30.48 4.91 9.42
C ALA B 544 -29.68 3.97 10.32
N TYR B 545 -28.67 3.31 9.74
CA TYR B 545 -27.83 2.38 10.47
C TYR B 545 -27.13 3.13 11.60
N SER B 546 -26.66 4.34 11.30
CA SER B 546 -25.96 5.17 12.27
C SER B 546 -26.88 5.45 13.46
N ALA B 547 -28.15 5.71 13.16
CA ALA B 547 -29.13 6.06 14.18
C ALA B 547 -29.72 4.80 14.79
N GLY B 548 -29.36 3.65 14.21
CA GLY B 548 -29.82 2.36 14.71
C GLY B 548 -31.31 2.14 14.49
N GLN B 549 -31.80 2.58 13.32
CA GLN B 549 -33.22 2.46 12.99
C GLN B 549 -33.41 1.42 11.90
N TRP B 550 -33.79 0.21 12.32
CA TRP B 550 -33.99 -0.91 11.40
C TRP B 550 -35.06 -0.54 10.38
N LEU B 551 -34.96 -1.18 9.20
CA LEU B 551 -35.97 -1.02 8.17
C LEU B 551 -36.84 -2.27 8.12
N ARG B 552 -38.16 -2.07 8.19
CA ARG B 552 -39.12 -3.13 7.93
C ARG B 552 -39.35 -3.19 6.42
N VAL B 553 -38.67 -4.15 5.76
CA VAL B 553 -38.69 -4.22 4.31
C VAL B 553 -40.01 -4.83 3.86
N PRO B 554 -40.72 -4.20 2.90
CA PRO B 554 -41.96 -4.75 2.35
C PRO B 554 -41.72 -6.08 1.64
N PHE B 555 -42.68 -7.00 1.77
CA PHE B 555 -42.57 -8.30 1.13
C PHE B 555 -43.83 -8.57 0.29
N THR B 556 -45.00 -8.52 0.94
CA THR B 556 -46.26 -8.76 0.27
C THR B 556 -46.48 -7.65 -0.76
N GLU B 557 -47.29 -7.96 -1.78
CA GLU B 557 -47.63 -7.00 -2.82
C GLU B 557 -48.24 -5.75 -2.17
N ALA B 558 -49.08 -5.97 -1.16
CA ALA B 558 -49.80 -4.89 -0.50
C ALA B 558 -48.82 -4.01 0.26
N GLU B 559 -47.76 -4.62 0.81
CA GLU B 559 -46.76 -3.90 1.59
C GLU B 559 -45.90 -3.06 0.66
N ILE B 560 -45.56 -3.62 -0.51
CA ILE B 560 -44.72 -2.95 -1.48
C ILE B 560 -45.44 -1.71 -2.01
N THR B 561 -46.70 -1.90 -2.44
CA THR B 561 -47.47 -0.84 -3.07
C THR B 561 -47.93 0.18 -2.02
N GLY B 562 -47.96 -0.25 -0.75
CA GLY B 562 -48.42 0.59 0.33
C GLY B 562 -47.28 1.38 0.98
N ASN B 563 -46.05 1.11 0.54
CA ASN B 563 -44.87 1.75 1.11
C ASN B 563 -44.91 3.24 0.78
N ALA B 564 -44.38 4.05 1.71
CA ALA B 564 -44.49 5.50 1.64
C ALA B 564 -43.66 6.03 0.46
N ASP B 565 -42.74 5.21 -0.04
CA ASP B 565 -41.85 5.63 -1.10
C ASP B 565 -42.01 4.71 -2.31
N TYR B 566 -43.25 4.27 -2.54
CA TYR B 566 -43.56 3.34 -3.62
C TYR B 566 -43.42 4.06 -4.97
N ARG B 567 -42.63 3.45 -5.86
CA ARG B 567 -42.49 3.91 -7.23
C ARG B 567 -42.43 2.68 -8.13
N THR B 568 -43.17 2.70 -9.24
CA THR B 568 -43.19 1.57 -10.16
C THR B 568 -42.87 2.04 -11.57
N ALA B 569 -42.17 1.18 -12.33
CA ALA B 569 -41.86 1.41 -13.73
C ALA B 569 -41.42 0.11 -14.35
N THR B 570 -41.79 -0.11 -15.62
CA THR B 570 -41.50 -1.38 -16.29
C THR B 570 -40.51 -1.14 -17.43
N VAL B 571 -39.69 -2.16 -17.70
CA VAL B 571 -38.65 -2.07 -18.71
C VAL B 571 -38.77 -3.27 -19.64
N LYS B 572 -38.71 -3.01 -20.95
CA LYS B 572 -38.87 -4.04 -21.95
C LYS B 572 -37.84 -3.87 -23.07
N GLU B 573 -37.51 -4.98 -23.75
CA GLU B 573 -36.78 -4.92 -25.00
C GLU B 573 -36.94 -6.25 -25.72
N LEU B 574 -37.00 -6.20 -27.05
CA LEU B 574 -37.01 -7.39 -27.87
C LEU B 574 -35.66 -8.12 -27.72
N SER C 11 38.44 16.32 27.71
CA SER C 11 37.85 15.44 28.77
C SER C 11 36.32 15.49 28.69
N THR C 12 35.79 16.63 28.26
CA THR C 12 34.35 16.86 28.25
C THR C 12 33.91 17.43 26.90
N TYR C 13 32.68 17.11 26.52
CA TYR C 13 32.01 17.80 25.42
C TYR C 13 31.31 19.04 25.97
N SER C 14 31.44 20.16 25.27
CA SER C 14 30.73 21.37 25.61
C SER C 14 30.38 22.14 24.33
N ALA C 15 29.11 22.54 24.22
CA ALA C 15 28.63 23.25 23.05
C ALA C 15 27.55 24.24 23.46
N GLU C 16 27.61 25.45 22.90
CA GLU C 16 26.56 26.43 23.11
C GLU C 16 25.58 26.33 21.94
N ILE C 17 24.29 26.22 22.28
CA ILE C 17 23.24 26.07 21.29
C ILE C 17 22.41 27.34 21.23
N ARG C 18 22.58 28.11 20.14
CA ARG C 18 21.78 29.29 19.90
C ARG C 18 20.66 28.92 18.93
N ARG C 19 19.44 29.34 19.24
CA ARG C 19 18.32 29.14 18.34
C ARG C 19 17.73 30.50 17.94
N THR C 20 17.37 30.61 16.67
CA THR C 20 16.81 31.84 16.12
C THR C 20 15.42 31.53 15.55
N THR C 21 14.90 32.46 14.74
CA THR C 21 13.57 32.33 14.18
C THR C 21 13.44 30.98 13.48
N MET C 22 12.26 30.37 13.62
CA MET C 22 11.98 29.08 13.00
C MET C 22 12.74 27.98 13.73
N GLY C 23 13.43 28.36 14.81
CA GLY C 23 14.12 27.41 15.67
C GLY C 23 15.45 26.94 15.09
N VAL C 24 15.94 27.66 14.07
CA VAL C 24 17.20 27.32 13.43
C VAL C 24 18.30 27.30 14.50
N PRO C 25 18.94 26.14 14.73
CA PRO C 25 20.03 26.05 15.70
C PRO C 25 21.38 26.47 15.14
N HIS C 26 22.10 27.27 15.92
CA HIS C 26 23.47 27.65 15.60
C HIS C 26 24.38 27.08 16.68
N ILE C 27 25.12 26.03 16.34
CA ILE C 27 25.99 25.34 17.27
C ILE C 27 27.35 26.02 17.29
N LYS C 28 27.81 26.39 18.48
CA LYS C 28 29.17 26.90 18.65
C LYS C 28 29.94 25.98 19.60
N ALA C 29 31.12 25.54 19.15
CA ALA C 29 31.93 24.61 19.91
C ALA C 29 33.41 24.92 19.72
N GLY C 30 34.23 24.42 20.65
CA GLY C 30 35.66 24.70 20.67
C GLY C 30 36.45 23.68 19.84
N ASN C 31 35.83 22.53 19.57
CA ASN C 31 36.46 21.50 18.75
C ASN C 31 35.38 20.70 18.03
N TRP C 32 35.82 19.69 17.26
CA TRP C 32 34.94 18.96 16.37
C TRP C 32 34.05 18.00 17.17
N GLY C 33 34.62 17.39 18.21
CA GLY C 33 33.88 16.46 19.04
C GLY C 33 32.67 17.14 19.69
N SER C 34 32.88 18.36 20.16
CA SER C 34 31.84 19.11 20.84
C SER C 34 30.80 19.61 19.83
N ALA C 35 31.26 19.88 18.61
CA ALA C 35 30.38 20.33 17.54
C ALA C 35 29.37 19.23 17.21
N GLY C 36 29.87 18.00 17.11
CA GLY C 36 29.03 16.84 16.88
C GLY C 36 28.07 16.61 18.03
N TYR C 37 28.54 16.87 19.25
CA TYR C 37 27.74 16.74 20.46
C TYR C 37 26.51 17.63 20.35
N GLY C 38 26.74 18.90 20.07
CA GLY C 38 25.67 19.88 19.94
C GLY C 38 24.72 19.53 18.79
N PHE C 39 25.31 19.12 17.66
CA PHE C 39 24.53 18.83 16.46
C PHE C 39 23.63 17.62 16.71
N GLY C 40 24.21 16.57 17.30
CA GLY C 40 23.48 15.37 17.63
C GLY C 40 22.32 15.65 18.59
N TYR C 41 22.54 16.59 19.51
CA TYR C 41 21.57 16.92 20.52
C TYR C 41 20.34 17.56 19.87
N VAL C 42 20.57 18.58 19.04
CA VAL C 42 19.50 19.38 18.49
C VAL C 42 18.69 18.57 17.48
N GLN C 43 19.37 17.69 16.73
CA GLN C 43 18.73 16.86 15.74
C GLN C 43 17.74 15.90 16.43
N ALA C 44 18.19 15.27 17.51
CA ALA C 44 17.35 14.37 18.28
C ALA C 44 16.22 15.17 18.93
N GLN C 45 16.58 16.30 19.51
CA GLN C 45 15.63 17.14 20.22
C GLN C 45 14.42 17.42 19.34
N ASP C 46 14.65 17.48 18.01
CA ASP C 46 13.62 17.93 17.10
C ASP C 46 12.99 16.77 16.34
N ASN C 47 13.73 15.66 16.19
CA ASN C 47 13.30 14.59 15.30
C ASN C 47 13.60 13.22 15.90
N LEU C 48 13.41 13.08 17.22
CA LEU C 48 13.82 11.89 17.93
C LEU C 48 13.17 10.63 17.35
N CYS C 49 11.86 10.69 17.08
CA CYS C 49 11.12 9.51 16.68
C CYS C 49 11.62 9.00 15.33
N THR C 50 11.79 9.93 14.38
CA THR C 50 12.28 9.57 13.05
C THR C 50 13.65 8.92 13.17
N MET C 51 14.55 9.58 13.92
CA MET C 51 15.93 9.15 14.03
C MET C 51 16.00 7.81 14.75
N ALA C 52 15.27 7.68 15.85
CA ALA C 52 15.24 6.44 16.61
C ALA C 52 14.86 5.28 15.69
N ASP C 53 13.79 5.48 14.91
CA ASP C 53 13.32 4.47 13.97
C ASP C 53 14.41 4.18 12.94
N SER C 54 15.13 5.23 12.52
CA SER C 54 16.10 5.12 11.46
C SER C 54 17.23 4.17 11.85
N PHE C 55 17.67 4.27 13.11
CA PHE C 55 18.83 3.51 13.57
C PHE C 55 18.48 2.04 13.71
N LEU C 56 17.19 1.74 13.92
CA LEU C 56 16.71 0.37 13.86
C LEU C 56 17.05 -0.21 12.49
N THR C 57 16.87 0.62 11.45
CA THR C 57 17.02 0.18 10.07
C THR C 57 18.47 -0.21 9.78
N TYR C 58 19.39 0.71 10.10
CA TYR C 58 20.78 0.56 9.71
C TYR C 58 21.41 -0.58 10.51
N ARG C 59 20.93 -0.78 11.73
CA ARG C 59 21.42 -1.84 12.59
C ARG C 59 20.80 -3.17 12.18
N GLY C 60 19.66 -3.10 11.47
CA GLY C 60 18.93 -4.28 11.05
C GLY C 60 18.14 -4.89 12.20
N GLU C 61 17.46 -4.03 12.97
CA GLU C 61 16.79 -4.44 14.19
C GLU C 61 15.33 -4.04 14.16
N ARG C 62 14.76 -3.91 12.95
CA ARG C 62 13.40 -3.44 12.78
C ARG C 62 12.41 -4.53 13.21
N SER C 63 12.64 -5.76 12.76
CA SER C 63 11.67 -6.85 12.88
C SER C 63 11.41 -7.20 14.34
N ARG C 64 12.47 -7.18 15.16
CA ARG C 64 12.38 -7.54 16.56
C ARG C 64 11.37 -6.66 17.29
N HIS C 65 11.24 -5.40 16.86
CA HIS C 65 10.39 -4.44 17.55
C HIS C 65 9.06 -4.28 16.82
N LEU C 66 9.11 -4.20 15.49
CA LEU C 66 7.97 -3.73 14.70
C LEU C 66 7.39 -4.86 13.84
N GLY C 67 8.04 -6.03 13.87
CA GLY C 67 7.57 -7.18 13.11
C GLY C 67 8.24 -7.27 11.74
N GLY C 68 8.44 -8.50 11.27
CA GLY C 68 9.23 -8.76 10.07
C GLY C 68 8.49 -8.44 8.77
N SER C 69 7.16 -8.60 8.78
CA SER C 69 6.39 -8.52 7.56
C SER C 69 5.87 -7.11 7.31
N ALA C 70 6.00 -6.24 8.32
CA ALA C 70 5.58 -4.85 8.18
C ALA C 70 6.60 -4.08 7.34
N GLN C 71 6.13 -3.02 6.68
CA GLN C 71 7.00 -2.21 5.84
C GLN C 71 7.71 -1.16 6.68
N LEU C 72 8.85 -0.68 6.17
CA LEU C 72 9.46 0.54 6.65
C LEU C 72 8.35 1.57 6.89
N VAL C 73 8.44 2.29 8.02
CA VAL C 73 7.47 3.32 8.34
C VAL C 73 7.64 4.48 7.35
N TYR C 74 8.89 4.92 7.19
CA TYR C 74 9.21 6.11 6.42
C TYR C 74 9.80 5.74 5.07
N ASN C 75 9.43 6.49 4.03
CA ASN C 75 10.04 6.36 2.72
C ASN C 75 11.40 7.05 2.75
N SER C 76 12.35 6.49 1.98
CA SER C 76 13.69 7.02 1.93
C SER C 76 14.36 6.59 0.63
N THR C 77 15.67 6.83 0.53
CA THR C 77 16.47 6.37 -0.61
C THR C 77 16.37 4.85 -0.71
N LEU C 78 15.84 4.22 0.33
CA LEU C 78 15.83 2.77 0.43
C LEU C 78 14.48 2.23 -0.06
N GLY C 79 13.53 3.15 -0.30
CA GLY C 79 12.15 2.75 -0.54
C GLY C 79 11.53 2.20 0.74
N ARG C 80 10.49 1.36 0.58
CA ARG C 80 9.79 0.82 1.73
C ARG C 80 9.61 -0.68 1.58
N PRO C 81 10.71 -1.48 1.65
CA PRO C 81 10.61 -2.93 1.64
C PRO C 81 10.10 -3.44 2.98
N ARG C 82 9.98 -4.77 3.09
CA ARG C 82 9.58 -5.39 4.35
C ARG C 82 10.77 -5.32 5.32
N ASN C 83 10.44 -5.24 6.61
CA ASN C 83 11.44 -5.09 7.66
C ASN C 83 12.45 -6.23 7.58
N ILE C 84 11.97 -7.45 7.35
CA ILE C 84 12.81 -8.62 7.42
C ILE C 84 13.88 -8.55 6.33
N ASP C 85 13.47 -8.13 5.13
CA ASP C 85 14.38 -8.04 4.00
C ASP C 85 15.36 -6.89 4.24
N SER C 86 14.86 -5.80 4.83
CA SER C 86 15.67 -4.63 5.12
C SER C 86 16.75 -4.99 6.14
N ASP C 87 16.37 -5.75 7.16
CA ASP C 87 17.28 -6.13 8.23
C ASP C 87 18.43 -6.96 7.65
N PHE C 88 18.10 -7.92 6.78
CA PHE C 88 19.10 -8.80 6.18
C PHE C 88 20.05 -7.97 5.30
N PHE C 89 19.46 -7.06 4.51
CA PHE C 89 20.23 -6.24 3.61
C PHE C 89 21.32 -5.49 4.38
N HIS C 90 20.91 -4.82 5.46
CA HIS C 90 21.78 -3.92 6.19
C HIS C 90 22.88 -4.71 6.89
N ARG C 91 22.53 -5.87 7.46
CA ARG C 91 23.48 -6.71 8.16
C ARG C 91 24.49 -7.30 7.18
N HIS C 92 24.04 -7.53 5.95
CA HIS C 92 24.87 -8.20 4.95
C HIS C 92 25.81 -7.18 4.31
N VAL C 93 25.28 -5.98 3.99
CA VAL C 93 26.01 -5.01 3.19
C VAL C 93 26.71 -4.01 4.11
N ILE C 94 26.00 -3.54 5.14
CA ILE C 94 26.60 -2.66 6.13
C ILE C 94 27.13 -3.53 7.28
N SER C 95 28.09 -4.39 6.94
CA SER C 95 28.65 -5.34 7.88
C SER C 95 29.65 -4.65 8.80
N ASP C 96 30.05 -5.35 9.87
CA ASP C 96 31.02 -4.83 10.81
C ASP C 96 32.31 -4.49 10.07
N GLU C 97 32.59 -5.23 8.99
CA GLU C 97 33.81 -5.05 8.22
C GLU C 97 33.74 -3.74 7.45
N ALA C 98 32.62 -3.51 6.78
CA ALA C 98 32.41 -2.30 6.00
C ALA C 98 32.57 -1.08 6.91
N VAL C 99 32.06 -1.20 8.14
CA VAL C 99 32.14 -0.13 9.11
C VAL C 99 33.62 0.09 9.49
N ASP C 100 34.36 -1.02 9.61
CA ASP C 100 35.75 -0.97 9.99
C ASP C 100 36.55 -0.19 8.94
N ARG C 101 36.30 -0.49 7.66
CA ARG C 101 37.06 0.08 6.58
C ARG C 101 36.70 1.56 6.43
N THR C 102 35.43 1.87 6.67
CA THR C 102 34.95 3.25 6.61
C THR C 102 35.66 4.09 7.67
N MET C 103 35.66 3.59 8.90
CA MET C 103 36.16 4.33 10.06
C MET C 103 37.67 4.48 9.95
N ALA C 104 38.32 3.53 9.27
CA ALA C 104 39.77 3.46 9.22
C ALA C 104 40.32 4.50 8.23
N ALA C 105 39.44 5.03 7.39
CA ALA C 105 39.85 5.94 6.33
C ALA C 105 39.58 7.39 6.74
N GLN C 106 39.02 7.58 7.93
CA GLN C 106 38.57 8.89 8.36
C GLN C 106 39.70 9.63 9.07
N PRO C 107 39.75 10.98 8.96
CA PRO C 107 40.62 11.78 9.83
C PRO C 107 40.08 11.75 11.26
N ALA C 108 40.93 12.12 12.22
CA ALA C 108 40.61 11.99 13.62
C ALA C 108 39.44 12.91 14.00
N LYS C 109 39.37 14.07 13.34
CA LYS C 109 38.38 15.08 13.70
C LYS C 109 36.97 14.56 13.42
N LEU C 110 36.81 13.81 12.33
CA LEU C 110 35.51 13.28 11.95
C LEU C 110 35.14 12.11 12.84
N LEU C 111 36.15 11.34 13.28
CA LEU C 111 35.92 10.25 14.21
C LEU C 111 35.43 10.83 15.52
N GLN C 112 36.11 11.88 15.99
CA GLN C 112 35.74 12.56 17.22
C GLN C 112 34.35 13.15 17.08
N MET C 113 34.07 13.73 15.90
CA MET C 113 32.84 14.46 15.69
C MET C 113 31.64 13.51 15.76
N VAL C 114 31.84 12.29 15.23
CA VAL C 114 30.77 11.30 15.18
C VAL C 114 30.55 10.74 16.59
N GLU C 115 31.63 10.55 17.34
CA GLU C 115 31.53 10.07 18.71
C GLU C 115 30.79 11.10 19.56
N GLY C 116 31.06 12.38 19.29
CA GLY C 116 30.34 13.46 19.93
C GLY C 116 28.87 13.45 19.52
N PHE C 117 28.62 13.21 18.24
CA PHE C 117 27.27 13.16 17.70
C PHE C 117 26.45 12.12 18.46
N ALA C 118 27.03 10.94 18.65
CA ALA C 118 26.36 9.83 19.32
C ALA C 118 26.06 10.21 20.77
N ALA C 119 27.06 10.79 21.43
CA ALA C 119 26.94 11.16 22.84
C ALA C 119 25.86 12.22 23.02
N GLY C 120 25.84 13.19 22.10
CA GLY C 120 24.83 14.24 22.10
C GLY C 120 23.43 13.68 21.87
N TYR C 121 23.32 12.76 20.92
CA TYR C 121 22.05 12.09 20.63
C TYR C 121 21.60 11.31 21.85
N ASN C 122 22.56 10.63 22.50
CA ASN C 122 22.27 9.81 23.65
C ASN C 122 21.82 10.69 24.81
N ARG C 123 22.36 11.91 24.88
CA ARG C 123 22.03 12.82 25.96
C ARG C 123 20.53 13.11 25.93
N TYR C 124 19.99 13.40 24.74
CA TYR C 124 18.60 13.78 24.63
C TYR C 124 17.71 12.57 24.94
N VAL C 125 18.16 11.38 24.53
CA VAL C 125 17.41 10.17 24.80
C VAL C 125 17.16 10.07 26.30
N ARG C 126 18.17 10.42 27.10
CA ARG C 126 18.06 10.38 28.55
C ARG C 126 17.00 11.39 28.99
N GLU C 127 16.98 12.55 28.33
CA GLU C 127 16.08 13.63 28.72
C GLU C 127 14.64 13.25 28.37
N ALA C 128 14.46 12.63 27.21
CA ALA C 128 13.13 12.26 26.72
C ALA C 128 12.54 11.17 27.61
N LYS C 129 13.39 10.19 27.98
CA LYS C 129 12.97 9.10 28.83
C LYS C 129 12.51 9.63 30.19
N ALA C 130 13.28 10.58 30.73
CA ALA C 130 13.06 11.06 32.09
C ALA C 130 11.69 11.71 32.21
N GLY C 131 11.27 12.42 31.16
CA GLY C 131 9.99 13.10 31.16
C GLY C 131 9.82 14.01 29.95
N GLY C 132 8.99 15.05 30.11
CA GLY C 132 8.71 16.00 29.06
C GLY C 132 7.47 15.59 28.25
N SER C 133 6.87 16.58 27.59
CA SER C 133 5.68 16.34 26.78
C SER C 133 6.06 16.19 25.31
N ALA C 134 7.36 16.22 25.05
CA ALA C 134 7.88 16.17 23.68
C ALA C 134 8.07 14.72 23.24
N HIS C 135 7.74 14.44 21.98
CA HIS C 135 7.95 13.15 21.37
C HIS C 135 7.08 12.09 22.05
N ALA C 136 5.82 12.45 22.34
CA ALA C 136 4.91 11.56 23.03
C ALA C 136 4.72 10.26 22.24
N ALA C 137 5.02 10.33 20.93
CA ALA C 137 4.65 9.26 20.02
C ALA C 137 5.59 8.06 20.14
N CYS C 138 6.78 8.26 20.72
CA CYS C 138 7.80 7.23 20.71
C CYS C 138 8.70 7.25 21.94
N ARG C 139 8.54 8.25 22.81
CA ARG C 139 9.51 8.51 23.86
C ARG C 139 9.58 7.34 24.84
N SER C 140 8.53 6.52 24.90
CA SER C 140 8.47 5.45 25.89
C SER C 140 8.54 4.09 25.20
N GLU C 141 8.99 4.07 23.94
CA GLU C 141 9.14 2.83 23.20
C GLU C 141 10.51 2.23 23.47
N ALA C 142 10.63 0.92 23.30
CA ALA C 142 11.86 0.20 23.60
C ALA C 142 12.95 0.59 22.60
N TRP C 143 12.53 1.02 21.40
CA TRP C 143 13.47 1.24 20.31
C TRP C 143 14.02 2.66 20.35
N VAL C 144 13.54 3.46 21.32
CA VAL C 144 14.19 4.72 21.66
C VAL C 144 15.26 4.43 22.69
N GLN C 145 16.53 4.38 22.23
CA GLN C 145 17.60 3.88 23.07
C GLN C 145 18.93 4.52 22.65
N PRO C 146 19.96 4.45 23.53
CA PRO C 146 21.30 4.94 23.19
C PRO C 146 21.86 4.26 21.93
N ILE C 147 22.68 5.00 21.19
CA ILE C 147 23.34 4.47 20.00
C ILE C 147 24.85 4.59 20.20
N THR C 148 25.60 4.01 19.26
CA THR C 148 27.06 4.08 19.29
C THR C 148 27.55 4.85 18.08
N ALA C 149 28.82 5.25 18.11
CA ALA C 149 29.44 5.94 16.99
C ALA C 149 29.36 5.07 15.74
N ARG C 150 29.55 3.76 15.91
CA ARG C 150 29.51 2.82 14.80
C ARG C 150 28.11 2.79 14.20
N ASP C 151 27.10 3.08 15.03
CA ASP C 151 25.72 3.14 14.57
C ASP C 151 25.57 4.32 13.62
N VAL C 152 26.22 5.44 13.96
CA VAL C 152 26.17 6.64 13.13
C VAL C 152 26.90 6.36 11.82
N TRP C 153 28.08 5.72 11.93
CA TRP C 153 28.87 5.40 10.76
C TRP C 153 28.08 4.50 9.81
N ARG C 154 27.25 3.63 10.37
CA ARG C 154 26.40 2.76 9.56
C ARG C 154 25.46 3.61 8.72
N ARG C 155 24.89 4.66 9.32
CA ARG C 155 23.95 5.53 8.65
C ARG C 155 24.66 6.31 7.55
N ILE C 156 25.91 6.72 7.83
CA ILE C 156 26.71 7.48 6.89
C ILE C 156 27.02 6.60 5.68
N TYR C 157 27.40 5.35 5.93
CA TYR C 157 27.69 4.41 4.86
C TYR C 157 26.43 4.18 4.03
N ALA C 158 25.28 4.11 4.72
CA ALA C 158 24.02 3.82 4.08
C ALA C 158 23.67 4.92 3.07
N ALA C 159 24.01 6.16 3.42
CA ALA C 159 23.68 7.31 2.59
C ALA C 159 24.40 7.22 1.24
N ASN C 160 25.53 6.51 1.23
CA ASN C 160 26.38 6.43 0.05
C ASN C 160 25.76 5.52 -1.00
N LEU C 161 24.87 4.61 -0.57
CA LEU C 161 24.48 3.48 -1.40
C LEU C 161 23.19 3.79 -2.16
N ALA C 162 22.75 5.05 -2.11
CA ALA C 162 21.46 5.44 -2.66
C ALA C 162 21.41 5.18 -4.17
N GLY C 163 22.57 5.25 -4.82
CA GLY C 163 22.63 5.15 -6.27
C GLY C 163 22.87 3.71 -6.73
N GLY C 164 22.96 2.78 -5.79
CA GLY C 164 23.31 1.40 -6.10
C GLY C 164 22.53 0.39 -5.27
N TYR C 165 23.14 -0.08 -4.18
CA TYR C 165 22.64 -1.21 -3.43
C TYR C 165 21.23 -0.92 -2.90
N SER C 166 21.02 0.32 -2.42
CA SER C 166 19.77 0.68 -1.77
C SER C 166 18.57 0.29 -2.62
N ASN C 167 18.75 0.37 -3.94
CA ASN C 167 17.64 0.17 -4.88
C ASN C 167 17.41 -1.32 -5.09
N PHE C 168 18.29 -2.16 -4.55
CA PHE C 168 18.21 -3.60 -4.73
C PHE C 168 18.26 -4.29 -3.38
N ALA C 169 17.61 -3.68 -2.38
CA ALA C 169 17.67 -4.15 -1.01
C ALA C 169 17.01 -5.53 -0.89
N GLU C 170 15.79 -5.65 -1.40
CA GLU C 170 15.03 -6.88 -1.29
C GLU C 170 15.73 -7.99 -2.05
N ALA C 171 16.28 -7.63 -3.22
CA ALA C 171 16.85 -8.60 -4.14
C ALA C 171 18.17 -9.13 -3.59
N ILE C 172 18.88 -8.28 -2.84
CA ILE C 172 20.16 -8.65 -2.25
C ILE C 172 19.91 -9.52 -1.02
N ALA C 173 18.78 -9.25 -0.35
CA ALA C 173 18.45 -9.96 0.89
C ALA C 173 17.94 -11.36 0.57
N ASN C 174 17.57 -11.60 -0.69
CA ASN C 174 16.92 -12.83 -1.08
C ASN C 174 17.73 -13.56 -2.15
N ALA C 175 19.01 -13.17 -2.30
CA ALA C 175 19.90 -13.84 -3.23
C ALA C 175 20.36 -15.17 -2.63
N GLN C 176 19.75 -16.27 -3.08
CA GLN C 176 20.00 -17.59 -2.52
C GLN C 176 20.32 -18.57 -3.65
N PRO C 177 21.27 -19.51 -3.43
CA PRO C 177 21.57 -20.54 -4.42
C PRO C 177 20.48 -21.60 -4.52
N PRO C 178 20.43 -22.38 -5.62
CA PRO C 178 19.43 -23.43 -5.78
C PRO C 178 19.50 -24.48 -4.68
N GLN C 179 18.32 -24.93 -4.22
CA GLN C 179 18.21 -25.93 -3.17
C GLN C 179 18.41 -27.33 -3.77
N SER D 1 15.33 17.78 -8.43
CA SER D 1 16.19 18.80 -7.78
C SER D 1 16.67 19.81 -8.81
N ASN D 2 16.68 21.10 -8.44
CA ASN D 2 17.20 22.15 -9.28
C ASN D 2 18.36 22.83 -8.58
N MET D 3 19.28 23.41 -9.37
CA MET D 3 20.25 24.35 -8.84
C MET D 3 20.71 25.28 -9.96
N TYR D 4 20.91 26.55 -9.62
CA TYR D 4 21.49 27.53 -10.52
C TYR D 4 22.80 28.03 -9.91
N GLY D 5 23.77 28.31 -10.78
CA GLY D 5 24.98 29.03 -10.39
C GLY D 5 25.26 30.19 -11.34
N PHE D 6 25.03 31.42 -10.85
CA PHE D 6 25.15 32.60 -11.68
C PHE D 6 26.51 33.26 -11.43
N GLY D 7 27.16 33.70 -12.53
CA GLY D 7 28.38 34.48 -12.45
C GLY D 7 28.09 35.97 -12.40
N THR D 8 29.16 36.78 -12.38
CA THR D 8 29.05 38.22 -12.19
C THR D 8 28.36 38.86 -13.39
N ALA D 9 28.46 38.21 -14.55
CA ALA D 9 27.89 38.75 -15.78
C ALA D 9 26.38 38.66 -15.75
N ALA D 10 25.84 37.78 -14.90
CA ALA D 10 24.41 37.60 -14.78
C ALA D 10 23.89 38.31 -13.53
N THR D 11 24.80 38.62 -12.60
CA THR D 11 24.43 39.21 -11.33
C THR D 11 24.53 40.73 -11.40
N GLY D 12 25.49 41.22 -12.20
CA GLY D 12 25.76 42.65 -12.27
C GLY D 12 26.36 43.16 -10.96
N GLU D 13 26.68 42.20 -10.07
CA GLU D 13 27.20 42.49 -8.76
C GLU D 13 28.63 41.96 -8.69
N GLY D 14 29.33 42.25 -7.59
CA GLY D 14 30.73 41.89 -7.45
C GLY D 14 30.93 40.40 -7.22
N SER D 15 29.83 39.68 -6.95
CA SER D 15 29.88 38.25 -6.72
C SER D 15 28.74 37.57 -7.47
N GLY D 16 28.83 36.23 -7.58
CA GLY D 16 27.77 35.43 -8.16
C GLY D 16 26.72 35.06 -7.13
N LEU D 17 25.71 34.29 -7.56
CA LEU D 17 24.60 33.90 -6.70
C LEU D 17 24.33 32.41 -6.88
N LEU D 18 23.98 31.75 -5.77
CA LEU D 18 23.74 30.31 -5.77
C LEU D 18 22.32 30.02 -5.32
N PHE D 19 21.57 29.32 -6.17
CA PHE D 19 20.24 28.85 -5.82
C PHE D 19 20.26 27.33 -5.64
N GLY D 20 20.01 26.89 -4.41
CA GLY D 20 19.88 25.48 -4.10
C GLY D 20 18.41 25.10 -3.91
N ASN D 21 17.99 24.01 -4.56
CA ASN D 21 16.58 23.64 -4.60
C ASN D 21 16.45 22.13 -4.71
N PRO D 22 16.98 21.35 -3.74
CA PRO D 22 16.79 19.91 -3.74
C PRO D 22 15.34 19.52 -3.54
N HIS D 23 14.84 18.62 -4.39
CA HIS D 23 13.53 18.03 -4.22
C HIS D 23 13.69 16.68 -3.53
N TRP D 24 13.30 16.62 -2.25
CA TRP D 24 13.69 15.53 -1.37
C TRP D 24 12.49 15.11 -0.53
N TYR D 25 12.75 14.27 0.48
CA TYR D 25 11.68 13.69 1.30
C TYR D 25 11.23 14.72 2.34
N TRP D 26 9.93 14.65 2.68
CA TRP D 26 9.33 15.52 3.67
C TRP D 26 9.25 14.80 5.02
N LYS D 27 9.50 13.49 4.99
CA LYS D 27 9.52 12.68 6.20
C LYS D 27 10.58 11.59 6.03
N GLY D 28 11.01 11.02 7.17
CA GLY D 28 11.98 9.94 7.15
C GLY D 28 13.39 10.43 7.48
N PRO D 29 14.36 9.51 7.64
CA PRO D 29 15.70 9.86 8.11
C PRO D 29 16.56 10.61 7.09
N ASP D 30 16.10 10.65 5.83
CA ASP D 30 16.86 11.26 4.76
C ASP D 30 16.43 12.71 4.58
N ARG D 31 15.39 13.14 5.31
CA ARG D 31 14.94 14.53 5.21
C ARG D 31 16.04 15.44 5.75
N PHE D 32 16.10 16.66 5.19
CA PHE D 32 17.13 17.62 5.56
C PHE D 32 16.77 18.28 6.88
N TYR D 33 17.81 18.70 7.61
CA TYR D 33 17.68 19.45 8.85
C TYR D 33 18.64 20.62 8.80
N GLN D 34 18.11 21.84 9.02
CA GLN D 34 18.89 23.06 8.85
C GLN D 34 19.59 23.41 10.15
N ALA D 35 20.86 23.83 10.05
CA ALA D 35 21.65 24.18 11.21
C ALA D 35 22.93 24.90 10.78
N GLN D 36 23.57 25.57 11.75
CA GLN D 36 24.86 26.21 11.53
C GLN D 36 25.88 25.59 12.49
N LEU D 37 27.11 25.39 11.99
CA LEU D 37 28.18 24.86 12.80
C LEU D 37 29.31 25.88 12.87
N THR D 38 29.60 26.36 14.09
CA THR D 38 30.71 27.26 14.33
C THR D 38 31.75 26.54 15.19
N ILE D 39 32.84 26.12 14.56
CA ILE D 39 33.88 25.37 15.24
C ILE D 39 35.15 26.23 15.29
N ASP D 40 35.45 26.75 16.48
CA ASP D 40 36.50 27.73 16.68
C ASP D 40 37.74 27.34 15.88
N GLY D 41 38.15 28.24 14.97
CA GLY D 41 39.39 28.12 14.24
C GLY D 41 39.40 26.95 13.27
N GLU D 42 38.20 26.57 12.80
CA GLU D 42 38.06 25.39 11.95
C GLU D 42 37.05 25.65 10.85
N ALA D 43 35.84 26.06 11.23
CA ALA D 43 34.74 26.15 10.29
C ALA D 43 33.62 27.05 10.82
N ASN D 44 32.99 27.76 9.88
CA ASN D 44 31.73 28.46 10.15
C ASN D 44 30.82 28.23 8.94
N VAL D 45 30.03 27.16 9.01
CA VAL D 45 29.23 26.72 7.88
C VAL D 45 27.77 26.63 8.31
N SER D 46 26.87 26.92 7.36
CA SER D 46 25.45 26.81 7.59
C SER D 46 24.79 26.16 6.38
N GLY D 47 23.73 25.39 6.65
CA GLY D 47 23.00 24.70 5.60
C GLY D 47 22.17 23.55 6.14
N VAL D 48 22.32 22.38 5.51
CA VAL D 48 21.39 21.28 5.71
C VAL D 48 22.14 19.95 5.68
N SER D 49 21.67 19.01 6.51
CA SER D 49 22.21 17.67 6.58
C SER D 49 21.06 16.68 6.72
N PHE D 50 21.21 15.50 6.10
CA PHE D 50 20.34 14.38 6.42
C PHE D 50 20.32 14.19 7.93
N LEU D 51 19.17 13.83 8.48
CA LEU D 51 19.10 13.43 9.88
C LEU D 51 20.02 12.23 10.07
N GLY D 52 20.99 12.37 10.98
CA GLY D 52 21.93 11.30 11.26
C GLY D 52 23.33 11.61 10.74
N LEU D 53 23.46 12.69 9.96
CA LEU D 53 24.73 13.07 9.38
C LEU D 53 25.30 14.28 10.10
N PRO D 54 26.59 14.25 10.48
CA PRO D 54 27.20 15.29 11.31
C PRO D 54 27.77 16.52 10.60
N VAL D 55 27.80 16.51 9.26
CA VAL D 55 28.38 17.62 8.53
C VAL D 55 27.36 18.16 7.53
N ILE D 56 27.55 19.41 7.10
CA ILE D 56 26.64 20.07 6.18
C ILE D 56 26.93 19.56 4.76
N GLN D 57 25.86 19.14 4.08
CA GLN D 57 25.96 18.55 2.76
C GLN D 57 25.60 19.58 1.71
N ILE D 58 24.64 20.45 2.06
CA ILE D 58 24.22 21.56 1.20
C ILE D 58 24.14 22.82 2.06
N GLY D 59 24.89 23.86 1.68
CA GLY D 59 24.87 25.11 2.42
C GLY D 59 25.90 26.11 1.90
N PHE D 60 26.50 26.84 2.84
CA PHE D 60 27.42 27.91 2.51
C PHE D 60 28.30 28.24 3.72
N ASN D 61 29.43 28.88 3.45
CA ASN D 61 30.24 29.52 4.46
C ASN D 61 30.50 30.95 4.02
N ASP D 62 31.55 31.58 4.57
CA ASP D 62 31.80 32.98 4.30
C ASP D 62 32.41 33.16 2.91
N SER D 63 32.77 32.05 2.26
CA SER D 63 33.59 32.11 1.05
C SER D 63 32.95 31.36 -0.13
N VAL D 64 32.14 30.34 0.16
CA VAL D 64 31.60 29.50 -0.90
C VAL D 64 30.17 29.08 -0.55
N ALA D 65 29.41 28.74 -1.61
CA ALA D 65 28.07 28.19 -1.47
C ALA D 65 27.87 27.14 -2.56
N TRP D 66 27.11 26.07 -2.23
CA TRP D 66 26.93 24.97 -3.16
C TRP D 66 25.62 24.23 -2.90
N SER D 67 25.16 23.50 -3.92
CA SER D 67 24.04 22.59 -3.80
C SER D 67 24.30 21.34 -4.64
N HIS D 68 23.39 20.36 -4.55
CA HIS D 68 23.52 19.13 -5.29
C HIS D 68 22.21 18.77 -6.00
N THR D 69 22.33 17.98 -7.06
CA THR D 69 21.19 17.35 -7.71
C THR D 69 21.59 15.92 -8.09
N VAL D 70 20.63 15.00 -8.06
CA VAL D 70 20.88 13.63 -8.46
C VAL D 70 21.37 13.62 -9.91
N SER D 71 22.44 12.84 -10.15
CA SER D 71 23.07 12.77 -11.46
C SER D 71 22.53 11.57 -12.23
N THR D 72 22.55 11.69 -13.57
CA THR D 72 22.11 10.62 -14.45
C THR D 72 23.21 9.57 -14.59
N ALA D 73 24.40 9.87 -14.06
CA ALA D 73 25.53 8.97 -14.15
C ALA D 73 25.27 7.72 -13.31
N ARG D 74 25.46 6.56 -13.93
CA ARG D 74 25.27 5.28 -13.24
C ARG D 74 26.40 5.08 -12.24
N ARG D 75 26.05 4.53 -11.07
CA ARG D 75 27.00 4.37 -9.98
C ARG D 75 27.20 2.89 -9.67
N PHE D 76 26.50 2.02 -10.41
CA PHE D 76 26.54 0.60 -10.14
C PHE D 76 26.56 -0.19 -11.44
N GLY D 77 26.73 -1.51 -11.31
CA GLY D 77 26.74 -2.41 -12.45
C GLY D 77 26.54 -3.86 -12.00
N PHE D 78 26.26 -4.74 -12.97
CA PHE D 78 25.99 -6.14 -12.70
C PHE D 78 27.11 -7.01 -13.28
N PHE D 79 27.39 -8.13 -12.61
CA PHE D 79 28.33 -9.11 -13.11
C PHE D 79 27.65 -10.47 -13.16
N GLN D 80 27.66 -11.08 -14.35
CA GLN D 80 27.11 -12.41 -14.54
C GLN D 80 28.19 -13.44 -14.23
N LEU D 81 27.91 -14.33 -13.27
CA LEU D 81 28.90 -15.29 -12.80
C LEU D 81 28.69 -16.63 -13.49
N SER D 82 29.80 -17.25 -13.90
CA SER D 82 29.79 -18.63 -14.38
C SER D 82 30.15 -19.56 -13.23
N LEU D 83 29.19 -20.38 -12.83
CA LEU D 83 29.31 -21.16 -11.60
C LEU D 83 30.10 -22.44 -11.87
N VAL D 84 30.79 -22.92 -10.83
CA VAL D 84 31.51 -24.18 -10.90
C VAL D 84 30.49 -25.32 -10.86
N PRO D 85 30.55 -26.27 -11.82
CA PRO D 85 29.68 -27.44 -11.79
C PRO D 85 29.84 -28.22 -10.49
N GLY D 86 28.74 -28.30 -9.72
CA GLY D 86 28.72 -29.02 -8.46
C GLY D 86 28.60 -28.08 -7.26
N ASP D 87 29.00 -26.82 -7.44
CA ASP D 87 29.01 -25.84 -6.38
C ASP D 87 28.43 -24.52 -6.87
N PRO D 88 27.13 -24.28 -6.65
CA PRO D 88 26.49 -23.01 -7.03
C PRO D 88 26.99 -21.81 -6.23
N THR D 89 27.90 -22.07 -5.27
CA THR D 89 28.41 -21.01 -4.40
C THR D 89 29.88 -20.75 -4.73
N SER D 90 30.34 -21.26 -5.88
CA SER D 90 31.65 -20.93 -6.40
C SER D 90 31.50 -20.47 -7.85
N TYR D 91 32.32 -19.49 -8.24
CA TYR D 91 32.28 -18.97 -9.60
C TYR D 91 33.67 -19.04 -10.22
N LEU D 92 33.72 -18.91 -11.55
CA LEU D 92 34.94 -19.09 -12.31
C LEU D 92 35.41 -17.74 -12.86
N VAL D 93 36.72 -17.48 -12.73
CA VAL D 93 37.33 -16.29 -13.27
C VAL D 93 38.60 -16.69 -14.01
N ASP D 94 38.50 -16.74 -15.35
CA ASP D 94 39.62 -17.12 -16.19
C ASP D 94 39.99 -18.58 -15.91
N GLY D 95 38.98 -19.38 -15.58
CA GLY D 95 39.15 -20.82 -15.43
C GLY D 95 39.46 -21.22 -13.99
N VAL D 96 39.71 -20.23 -13.12
CA VAL D 96 40.09 -20.50 -11.74
C VAL D 96 38.85 -20.42 -10.86
N PRO D 97 38.53 -21.49 -10.10
CA PRO D 97 37.42 -21.47 -9.15
C PRO D 97 37.64 -20.50 -8.00
N VAL D 98 36.56 -19.79 -7.63
CA VAL D 98 36.59 -18.86 -6.51
C VAL D 98 35.34 -19.11 -5.67
N LYS D 99 35.54 -19.27 -4.36
CA LYS D 99 34.44 -19.52 -3.45
C LYS D 99 33.78 -18.20 -3.10
N MET D 100 32.45 -18.20 -3.04
CA MET D 100 31.68 -17.05 -2.57
C MET D 100 31.84 -16.95 -1.05
N LYS D 101 31.96 -15.72 -0.56
CA LYS D 101 32.09 -15.49 0.87
C LYS D 101 30.70 -15.53 1.50
N PRO D 102 30.40 -16.57 2.31
CA PRO D 102 29.08 -16.70 2.95
C PRO D 102 28.96 -15.98 4.29
N ALA D 103 27.73 -15.64 4.66
CA ALA D 103 27.44 -15.06 5.96
C ALA D 103 26.08 -15.56 6.42
N THR D 104 26.08 -16.38 7.48
CA THR D 104 24.86 -16.90 8.05
C THR D 104 24.31 -15.87 9.04
N ILE D 105 23.21 -15.21 8.66
CA ILE D 105 22.67 -14.12 9.43
C ILE D 105 21.37 -14.55 10.09
N THR D 106 21.25 -14.24 11.39
CA THR D 106 20.05 -14.53 12.15
C THR D 106 19.40 -13.23 12.58
N VAL D 107 18.14 -13.05 12.18
CA VAL D 107 17.41 -11.82 12.46
C VAL D 107 16.22 -12.16 13.37
N PRO D 108 16.19 -11.63 14.62
CA PRO D 108 15.03 -11.77 15.48
C PRO D 108 13.83 -11.02 14.90
N SER D 109 12.67 -11.67 14.89
CA SER D 109 11.48 -11.10 14.28
C SER D 109 10.27 -11.30 15.19
N ARG D 110 9.59 -10.20 15.51
CA ARG D 110 8.40 -10.24 16.34
C ARG D 110 7.22 -10.78 15.52
N ASN D 111 6.47 -11.70 16.13
CA ASN D 111 5.30 -12.29 15.51
C ASN D 111 4.06 -11.52 15.96
N ALA D 112 2.95 -11.75 15.27
CA ALA D 112 1.71 -11.03 15.53
C ALA D 112 1.19 -11.35 16.93
N ASP D 113 1.75 -12.40 17.55
CA ASP D 113 1.29 -12.86 18.85
C ASP D 113 2.18 -12.31 19.95
N GLY D 114 3.14 -11.45 19.56
CA GLY D 114 3.99 -10.78 20.53
C GLY D 114 5.28 -11.54 20.81
N SER D 115 5.36 -12.78 20.33
CA SER D 115 6.54 -13.61 20.51
C SER D 115 7.62 -13.18 19.52
N VAL D 116 8.88 -13.50 19.85
CA VAL D 116 10.01 -13.16 19.01
C VAL D 116 10.70 -14.46 18.59
N SER D 117 10.70 -14.71 17.27
CA SER D 117 11.31 -15.91 16.71
C SER D 117 12.47 -15.51 15.79
N ASP D 118 13.36 -16.46 15.51
CA ASP D 118 14.55 -16.19 14.73
C ASP D 118 14.35 -16.62 13.28
N VAL D 119 14.74 -15.74 12.36
CA VAL D 119 14.74 -16.04 10.94
C VAL D 119 16.18 -16.03 10.45
N THR D 120 16.62 -17.12 9.82
CA THR D 120 18.01 -17.28 9.44
C THR D 120 18.13 -17.49 7.93
N ARG D 121 19.03 -16.72 7.30
CA ARG D 121 19.35 -16.89 5.89
C ARG D 121 20.86 -16.78 5.71
N THR D 122 21.39 -17.56 4.75
CA THR D 122 22.79 -17.47 4.39
C THR D 122 22.92 -16.68 3.10
N LEU D 123 23.68 -15.58 3.16
CA LEU D 123 23.87 -14.70 2.03
C LEU D 123 25.34 -14.65 1.66
N TYR D 124 25.64 -14.29 0.40
CA TYR D 124 26.98 -14.42 -0.14
C TYR D 124 27.46 -13.12 -0.76
N HIS D 125 28.79 -12.94 -0.78
CA HIS D 125 29.43 -11.91 -1.55
C HIS D 125 30.37 -12.55 -2.57
N SER D 126 30.50 -11.90 -3.74
CA SER D 126 31.57 -12.20 -4.67
C SER D 126 32.63 -11.10 -4.57
N GLU D 127 33.70 -11.22 -5.37
CA GLU D 127 34.76 -10.24 -5.36
C GLU D 127 34.28 -8.96 -6.02
N PHE D 128 33.10 -9.02 -6.65
CA PHE D 128 32.52 -7.88 -7.33
C PHE D 128 31.59 -7.13 -6.37
N GLY D 129 30.97 -7.88 -5.46
CA GLY D 129 29.98 -7.34 -4.53
C GLY D 129 28.95 -8.39 -4.17
N PRO D 130 27.86 -8.01 -3.44
CA PRO D 130 26.85 -8.96 -3.01
C PRO D 130 26.14 -9.66 -4.17
N LEU D 131 25.87 -10.95 -4.00
CA LEU D 131 24.97 -11.67 -4.89
C LEU D 131 23.61 -10.96 -4.86
N VAL D 132 22.89 -11.01 -5.98
CA VAL D 132 21.64 -10.30 -6.10
C VAL D 132 20.65 -11.18 -6.88
N ASN D 133 19.38 -11.12 -6.48
CA ASN D 133 18.33 -11.95 -7.07
C ASN D 133 17.58 -11.15 -8.11
N LEU D 134 17.77 -11.51 -9.38
CA LEU D 134 17.20 -10.78 -10.50
C LEU D 134 16.00 -11.56 -11.07
N ALA D 135 15.51 -12.53 -10.29
CA ALA D 135 14.44 -13.41 -10.74
C ALA D 135 13.18 -12.61 -11.01
N GLY D 136 12.82 -11.71 -10.07
CA GLY D 136 11.64 -10.88 -10.21
C GLY D 136 11.72 -10.03 -11.48
N LEU D 137 12.94 -9.60 -11.81
CA LEU D 137 13.19 -8.81 -13.00
C LEU D 137 12.87 -9.66 -14.22
N ASN D 138 13.34 -10.91 -14.20
CA ASN D 138 13.08 -11.88 -15.25
C ASN D 138 13.47 -13.27 -14.76
N PRO D 139 12.51 -14.22 -14.70
CA PRO D 139 12.76 -15.53 -14.08
C PRO D 139 13.87 -16.33 -14.75
N ALA D 140 14.32 -15.86 -15.92
CA ALA D 140 15.40 -16.51 -16.64
C ALA D 140 16.73 -16.12 -16.01
N LEU D 141 16.68 -15.17 -15.08
CA LEU D 141 17.86 -14.65 -14.41
C LEU D 141 18.03 -15.31 -13.05
N ALA D 142 17.33 -16.43 -12.84
CA ALA D 142 17.35 -17.13 -11.56
C ALA D 142 18.75 -17.67 -11.28
N TRP D 143 19.13 -17.65 -10.00
CA TRP D 143 20.38 -18.26 -9.54
C TRP D 143 20.27 -19.77 -9.70
N SER D 144 21.03 -20.31 -10.66
CA SER D 144 20.91 -21.71 -11.05
C SER D 144 22.22 -22.45 -10.79
N GLN D 145 22.39 -23.58 -11.49
CA GLN D 145 23.60 -24.38 -11.38
C GLN D 145 24.67 -23.78 -12.29
N GLN D 146 24.22 -23.07 -13.33
CA GLN D 146 25.12 -22.57 -14.37
C GLN D 146 25.57 -21.15 -14.05
N THR D 147 24.61 -20.27 -13.71
CA THR D 147 24.90 -18.85 -13.65
C THR D 147 24.26 -18.21 -12.42
N ALA D 148 24.93 -17.18 -11.90
CA ALA D 148 24.39 -16.32 -10.86
C ALA D 148 24.76 -14.88 -11.19
N PHE D 149 24.27 -13.94 -10.38
CA PHE D 149 24.48 -12.52 -10.65
C PHE D 149 24.89 -11.80 -9.38
N ALA D 150 25.84 -10.86 -9.53
CA ALA D 150 26.26 -9.98 -8.45
C ALA D 150 26.07 -8.54 -8.90
N ILE D 151 25.95 -7.64 -7.93
CA ILE D 151 25.88 -6.21 -8.21
C ILE D 151 27.06 -5.52 -7.55
N ARG D 152 27.64 -4.56 -8.27
CA ARG D 152 28.74 -3.77 -7.74
C ARG D 152 28.33 -2.30 -7.72
N ASP D 153 28.39 -1.70 -6.52
CA ASP D 153 28.18 -0.27 -6.34
C ASP D 153 29.52 0.36 -6.00
N ILE D 154 29.94 1.34 -6.80
CA ILE D 154 31.27 1.90 -6.71
C ILE D 154 31.47 2.56 -5.35
N ASN D 155 30.35 2.89 -4.69
CA ASN D 155 30.41 3.64 -3.44
C ASN D 155 30.61 2.68 -2.26
N GLY D 156 30.52 1.37 -2.54
CA GLY D 156 30.76 0.36 -1.53
C GLY D 156 32.18 0.44 -0.98
N GLU D 157 33.07 1.06 -1.77
CA GLU D 157 34.47 1.20 -1.42
C GLU D 157 34.85 2.67 -1.34
N ASN D 158 33.83 3.53 -1.32
CA ASN D 158 34.03 4.97 -1.26
C ASN D 158 33.88 5.44 0.18
N PHE D 159 34.98 5.93 0.77
CA PHE D 159 34.99 6.34 2.16
C PHE D 159 35.48 7.79 2.28
N ARG D 160 35.25 8.59 1.24
CA ARG D 160 35.84 9.92 1.17
C ARG D 160 34.76 10.99 1.11
N THR D 161 33.50 10.61 1.36
CA THR D 161 32.38 11.50 1.16
C THR D 161 32.31 12.53 2.30
N LEU D 162 32.11 12.05 3.53
CA LEU D 162 32.04 12.95 4.68
C LEU D 162 33.25 13.87 4.69
N ARG D 163 34.41 13.33 4.31
CA ARG D 163 35.67 14.07 4.35
C ARG D 163 35.63 15.17 3.30
N THR D 164 34.90 14.92 2.20
CA THR D 164 34.74 15.90 1.13
C THR D 164 33.90 17.07 1.64
N TRP D 165 32.76 16.76 2.25
CA TRP D 165 31.84 17.79 2.73
C TRP D 165 32.49 18.58 3.87
N MET D 166 33.25 17.88 4.72
CA MET D 166 33.88 18.51 5.86
C MET D 166 34.87 19.57 5.38
N ARG D 167 35.61 19.26 4.32
CA ARG D 167 36.62 20.15 3.79
C ARG D 167 35.97 21.31 3.04
N TRP D 168 34.81 21.04 2.40
CA TRP D 168 34.02 22.08 1.79
C TRP D 168 33.52 23.04 2.87
N ASN D 169 33.10 22.46 4.01
CA ASN D 169 32.61 23.25 5.13
C ASN D 169 33.68 24.24 5.56
N GLN D 170 34.95 23.91 5.28
CA GLN D 170 36.09 24.68 5.75
C GLN D 170 36.65 25.55 4.62
N ALA D 171 36.29 25.24 3.39
CA ALA D 171 36.87 25.88 2.21
C ALA D 171 36.79 27.40 2.35
N LYS D 172 37.81 28.09 1.83
CA LYS D 172 37.93 29.53 1.96
C LYS D 172 37.93 30.20 0.59
N SER D 173 37.66 29.41 -0.45
CA SER D 173 37.52 29.93 -1.81
C SER D 173 36.93 28.85 -2.71
N LEU D 174 36.37 29.28 -3.84
CA LEU D 174 35.79 28.34 -4.79
C LEU D 174 36.90 27.49 -5.41
N ASP D 175 38.09 28.09 -5.55
CA ASP D 175 39.25 27.39 -6.10
C ASP D 175 39.62 26.23 -5.18
N GLU D 176 39.55 26.47 -3.86
CA GLU D 176 39.82 25.41 -2.89
C GLU D 176 38.71 24.37 -2.99
N PHE D 177 37.46 24.86 -3.06
CA PHE D 177 36.30 23.99 -3.19
C PHE D 177 36.51 23.02 -4.36
N ILE D 178 36.93 23.57 -5.50
CA ILE D 178 37.12 22.80 -6.71
C ILE D 178 38.27 21.81 -6.51
N ALA D 179 39.37 22.31 -5.93
CA ALA D 179 40.55 21.50 -5.73
C ALA D 179 40.21 20.31 -4.84
N ILE D 180 39.42 20.57 -3.78
CA ILE D 180 39.00 19.54 -2.86
C ILE D 180 38.21 18.48 -3.63
N GLN D 181 37.29 18.94 -4.49
CA GLN D 181 36.39 18.04 -5.20
C GLN D 181 37.21 17.10 -6.08
N LYS D 182 38.37 17.58 -6.55
CA LYS D 182 39.20 16.82 -7.47
C LYS D 182 40.14 15.89 -6.70
N GLU D 183 40.59 16.33 -5.51
CA GLU D 183 41.44 15.51 -4.67
C GLU D 183 40.68 14.29 -4.19
N GLU D 184 39.49 14.53 -3.63
CA GLU D 184 38.71 13.47 -2.99
C GLU D 184 37.99 12.65 -4.05
N ALA D 185 37.40 13.33 -5.04
CA ALA D 185 36.55 12.67 -6.01
C ALA D 185 35.67 11.65 -5.30
N GLY D 186 34.88 12.12 -4.33
CA GLY D 186 34.15 11.23 -3.45
C GLY D 186 32.63 11.46 -3.46
N ILE D 187 32.16 12.47 -4.22
CA ILE D 187 30.73 12.68 -4.34
C ILE D 187 30.11 11.41 -4.92
N PRO D 188 29.13 10.78 -4.21
CA PRO D 188 28.64 9.46 -4.59
C PRO D 188 27.63 9.36 -5.75
N TRP D 189 26.62 10.24 -5.78
CA TRP D 189 25.57 10.11 -6.78
C TRP D 189 24.89 11.45 -7.10
N VAL D 190 25.63 12.55 -7.04
CA VAL D 190 25.03 13.86 -7.28
C VAL D 190 25.99 14.77 -8.06
N ASN D 191 25.39 15.69 -8.82
CA ASN D 191 26.11 16.79 -9.44
C ASN D 191 26.40 17.86 -8.40
N THR D 192 27.28 18.80 -8.73
CA THR D 192 27.61 19.90 -7.86
C THR D 192 27.62 21.21 -8.64
N VAL D 193 27.01 22.25 -8.05
CA VAL D 193 27.19 23.62 -8.49
C VAL D 193 27.64 24.45 -7.30
N ALA D 194 28.52 25.42 -7.54
CA ALA D 194 29.07 26.23 -6.46
C ALA D 194 29.39 27.63 -6.95
N VAL D 195 29.28 28.60 -6.04
CA VAL D 195 29.64 29.98 -6.29
C VAL D 195 30.53 30.44 -5.14
N GLY D 196 31.52 31.29 -5.45
CA GLY D 196 32.50 31.70 -4.47
C GLY D 196 32.63 33.23 -4.40
N ARG D 197 32.99 33.72 -3.21
CA ARG D 197 33.21 35.14 -2.99
C ARG D 197 34.40 35.60 -3.82
N GLY D 198 34.21 36.69 -4.58
CA GLY D 198 35.29 37.32 -5.32
C GLY D 198 35.66 36.55 -6.58
N ASP D 199 34.79 35.63 -7.00
CA ASP D 199 35.00 34.85 -8.21
C ASP D 199 33.90 35.17 -9.21
N ALA D 200 34.29 35.40 -10.47
CA ALA D 200 33.38 35.88 -11.48
C ALA D 200 32.60 34.74 -12.12
N LYS D 201 33.18 33.53 -12.08
CA LYS D 201 32.60 32.39 -12.78
C LYS D 201 32.02 31.39 -11.78
N ALA D 202 30.83 30.90 -12.12
CA ALA D 202 30.18 29.84 -11.35
C ALA D 202 30.72 28.49 -11.79
N TRP D 203 30.52 27.46 -10.96
CA TRP D 203 31.14 26.16 -11.15
C TRP D 203 30.07 25.07 -11.21
N TYR D 204 30.12 24.25 -12.26
CA TYR D 204 29.35 23.02 -12.30
C TYR D 204 30.29 21.83 -12.53
N ALA D 205 29.91 20.68 -11.99
CA ALA D 205 30.68 19.46 -12.17
C ALA D 205 29.85 18.24 -11.78
N ASP D 206 29.98 17.17 -12.58
CA ASP D 206 29.54 15.85 -12.17
C ASP D 206 30.79 15.03 -11.87
N ILE D 207 31.65 15.60 -11.01
CA ILE D 207 32.87 14.94 -10.57
C ILE D 207 32.57 14.17 -9.29
N GLY D 208 32.82 12.85 -9.34
CA GLY D 208 32.56 11.97 -8.22
C GLY D 208 33.04 10.55 -8.52
N VAL D 209 32.38 9.57 -7.91
CA VAL D 209 32.74 8.17 -8.10
C VAL D 209 31.80 7.56 -9.13
N VAL D 210 32.35 7.14 -10.27
CA VAL D 210 31.57 6.57 -11.35
C VAL D 210 32.32 5.38 -11.91
N PRO D 211 31.63 4.23 -12.15
CA PRO D 211 32.26 3.06 -12.74
C PRO D 211 32.99 3.38 -14.04
N ASN D 212 34.17 2.79 -14.21
CA ASN D 212 35.03 3.06 -15.35
C ASN D 212 35.02 1.85 -16.27
N VAL D 213 34.38 1.98 -17.43
CA VAL D 213 34.33 0.93 -18.43
C VAL D 213 34.70 1.53 -19.78
N SER D 214 35.34 0.72 -20.63
CA SER D 214 35.76 1.17 -21.94
C SER D 214 34.72 0.79 -22.99
N PRO D 215 34.62 1.54 -24.11
CA PRO D 215 33.71 1.19 -25.19
C PRO D 215 33.92 -0.25 -25.66
N ALA D 216 35.16 -0.73 -25.54
CA ALA D 216 35.51 -2.08 -25.95
C ALA D 216 34.78 -3.08 -25.06
N GLN D 217 34.86 -2.87 -23.74
CA GLN D 217 34.22 -3.75 -22.78
C GLN D 217 32.71 -3.76 -23.00
N LEU D 218 32.15 -2.59 -23.31
CA LEU D 218 30.72 -2.43 -23.48
C LEU D 218 30.24 -3.27 -24.65
N ALA D 219 31.16 -3.68 -25.52
CA ALA D 219 30.81 -4.37 -26.75
C ALA D 219 31.12 -5.86 -26.64
N ARG D 220 32.14 -6.20 -25.84
CA ARG D 220 32.69 -7.56 -25.89
C ARG D 220 32.56 -8.22 -24.51
N CYS D 221 32.00 -7.51 -23.53
CA CYS D 221 31.86 -8.03 -22.18
C CYS D 221 30.38 -8.16 -21.81
N THR D 222 29.52 -7.38 -22.48
CA THR D 222 28.09 -7.44 -22.22
C THR D 222 27.57 -8.80 -22.66
N THR D 223 26.86 -9.48 -21.75
CA THR D 223 26.42 -10.85 -21.97
C THR D 223 25.02 -10.85 -22.59
N PRO D 224 24.64 -11.93 -23.29
CA PRO D 224 23.31 -12.05 -23.89
C PRO D 224 22.21 -11.48 -23.01
N PHE D 225 22.18 -11.90 -21.73
CA PHE D 225 21.19 -11.40 -20.79
C PHE D 225 21.31 -9.89 -20.68
N GLY D 226 22.55 -9.40 -20.58
CA GLY D 226 22.84 -7.99 -20.39
C GLY D 226 22.26 -7.13 -21.52
N LYS D 227 22.38 -7.61 -22.76
CA LYS D 227 21.93 -6.86 -23.92
C LYS D 227 20.42 -6.66 -23.88
N ALA D 228 19.74 -7.43 -23.03
CA ALA D 228 18.29 -7.40 -22.96
C ALA D 228 17.83 -6.31 -21.99
N PHE D 229 18.77 -5.79 -21.20
CA PHE D 229 18.44 -4.81 -20.17
C PHE D 229 19.01 -3.45 -20.55
N ALA D 230 19.51 -3.35 -21.78
CA ALA D 230 20.08 -2.11 -22.29
C ALA D 230 18.97 -1.07 -22.47
N GLN D 231 17.71 -1.53 -22.42
CA GLN D 231 16.57 -0.65 -22.60
C GLN D 231 16.08 -0.16 -21.23
N ALA D 232 15.96 -1.09 -20.28
CA ALA D 232 15.44 -0.77 -18.96
C ALA D 232 16.49 -0.02 -18.16
N LEU D 233 17.73 -0.49 -18.21
CA LEU D 233 18.83 0.12 -17.46
C LEU D 233 19.95 0.52 -18.42
N PRO D 234 19.73 1.55 -19.27
CA PRO D 234 20.73 1.99 -20.23
C PRO D 234 21.99 2.54 -19.57
N ASN D 235 23.14 2.10 -20.07
CA ASN D 235 24.44 2.60 -19.64
C ASN D 235 24.87 1.90 -18.35
N VAL D 236 23.99 1.03 -17.82
CA VAL D 236 24.37 0.18 -16.70
C VAL D 236 25.17 -0.99 -17.25
N PRO D 237 26.49 -1.07 -16.92
CA PRO D 237 27.34 -2.17 -17.39
C PRO D 237 26.88 -3.51 -16.85
N PHE D 238 26.58 -4.44 -17.76
CA PHE D 238 26.13 -5.77 -17.41
C PHE D 238 27.10 -6.78 -18.02
N PHE D 239 28.17 -7.07 -17.28
CA PHE D 239 29.36 -7.68 -17.87
C PHE D 239 29.52 -9.13 -17.42
N ASP D 240 30.44 -9.83 -18.09
CA ASP D 240 30.76 -11.22 -17.81
C ASP D 240 31.83 -11.27 -16.72
N GLY D 241 31.48 -11.89 -15.58
CA GLY D 241 32.35 -11.93 -14.43
C GLY D 241 33.28 -13.14 -14.45
N SER D 242 33.34 -13.82 -15.60
CA SER D 242 34.21 -14.98 -15.75
C SER D 242 35.51 -14.58 -16.42
N ARG D 243 35.60 -13.30 -16.81
CA ARG D 243 36.77 -12.78 -17.51
C ARG D 243 37.27 -11.54 -16.79
N SER D 244 38.56 -11.53 -16.45
CA SER D 244 39.15 -10.47 -15.67
C SER D 244 39.26 -9.19 -16.50
N GLU D 245 39.26 -9.35 -17.82
CA GLU D 245 39.39 -8.23 -18.74
C GLU D 245 38.10 -7.41 -18.74
N CYS D 246 37.06 -7.93 -18.07
CA CYS D 246 35.77 -7.28 -18.01
C CYS D 246 35.58 -6.59 -16.67
N ASP D 247 36.62 -6.60 -15.84
CA ASP D 247 36.63 -5.84 -14.60
C ASP D 247 36.69 -4.35 -14.91
N TRP D 248 36.17 -3.53 -13.99
CA TRP D 248 36.20 -2.08 -14.15
C TRP D 248 37.64 -1.59 -14.13
N LEU D 249 37.92 -0.56 -14.93
CA LEU D 249 39.28 -0.08 -15.15
C LEU D 249 39.65 0.97 -14.11
N THR D 250 40.97 1.20 -13.99
CA THR D 250 41.50 2.27 -13.18
C THR D 250 42.37 3.16 -14.06
N ASP D 251 42.17 4.47 -13.97
CA ASP D 251 42.94 5.43 -14.75
C ASP D 251 44.11 5.92 -13.91
N ALA D 252 45.09 6.55 -14.57
CA ALA D 252 46.27 7.06 -13.91
C ALA D 252 45.87 8.05 -12.80
N ASP D 253 44.81 8.83 -13.07
CA ASP D 253 44.38 9.86 -12.14
C ASP D 253 43.08 9.44 -11.46
N SER D 254 42.91 8.13 -11.29
CA SER D 254 41.80 7.60 -10.51
C SER D 254 42.16 7.63 -9.02
N VAL D 255 41.21 8.06 -8.19
CA VAL D 255 41.42 8.13 -6.75
C VAL D 255 40.99 6.79 -6.15
N GLN D 256 40.13 6.07 -6.87
CA GLN D 256 39.57 4.82 -6.40
C GLN D 256 39.61 3.80 -7.52
N PRO D 257 40.01 2.53 -7.24
CA PRO D 257 40.05 1.48 -8.26
C PRO D 257 38.67 1.17 -8.84
N GLY D 258 38.58 1.19 -10.17
CA GLY D 258 37.34 0.88 -10.87
C GLY D 258 36.57 2.15 -11.26
N ALA D 259 37.07 3.31 -10.82
CA ALA D 259 36.38 4.57 -11.05
C ALA D 259 37.10 5.37 -12.13
N ILE D 260 36.36 6.30 -12.75
CA ILE D 260 36.89 7.11 -13.83
C ILE D 260 37.84 8.16 -13.27
N GLY D 261 38.89 8.45 -14.03
CA GLY D 261 39.85 9.49 -13.67
C GLY D 261 39.19 10.87 -13.66
N VAL D 262 39.73 11.76 -12.81
CA VAL D 262 39.16 13.08 -12.60
C VAL D 262 39.02 13.79 -13.94
N SER D 263 40.02 13.64 -14.82
CA SER D 263 40.14 14.46 -16.01
C SER D 263 39.19 13.99 -17.11
N ARG D 264 38.51 12.85 -16.89
CA ARG D 264 37.55 12.36 -17.85
C ARG D 264 36.14 12.45 -17.26
N MET D 265 35.97 13.39 -16.31
CA MET D 265 34.67 13.63 -15.70
C MET D 265 34.29 15.08 -15.94
N PRO D 266 33.02 15.38 -16.31
CA PRO D 266 32.65 16.70 -16.80
C PRO D 266 32.59 17.80 -15.75
N SER D 267 32.95 19.01 -16.18
CA SER D 267 32.87 20.20 -15.35
C SER D 267 32.83 21.43 -16.25
N LEU D 268 32.51 22.59 -15.67
CA LEU D 268 32.37 23.81 -16.46
C LEU D 268 32.32 25.03 -15.55
N GLN D 269 32.98 26.11 -16.00
CA GLN D 269 32.95 27.40 -15.33
C GLN D 269 32.42 28.45 -16.31
N ARG D 270 31.55 29.35 -15.81
CA ARG D 270 30.87 30.30 -16.67
C ARG D 270 30.58 31.59 -15.90
N ASP D 271 30.64 32.72 -16.62
CA ASP D 271 30.41 34.04 -16.04
C ASP D 271 28.92 34.31 -15.93
N ASP D 272 28.14 33.68 -16.82
CA ASP D 272 26.71 33.88 -16.86
C ASP D 272 26.04 32.91 -15.89
N TYR D 273 26.00 31.61 -16.23
CA TYR D 273 25.27 30.67 -15.40
C TYR D 273 25.67 29.22 -15.68
N VAL D 274 25.41 28.37 -14.68
CA VAL D 274 25.43 26.92 -14.82
C VAL D 274 24.17 26.40 -14.12
N GLY D 275 23.64 25.25 -14.58
CA GLY D 275 22.39 24.74 -14.03
C GLY D 275 22.18 23.25 -14.31
N ASN D 276 21.42 22.59 -13.42
CA ASN D 276 21.01 21.21 -13.63
C ASN D 276 19.63 21.00 -13.03
N MET D 277 18.79 20.24 -13.76
CA MET D 277 17.45 19.92 -13.31
C MET D 277 17.25 18.40 -13.38
N ASN D 278 18.37 17.67 -13.27
CA ASN D 278 18.39 16.22 -13.11
C ASN D 278 18.66 15.52 -14.44
N ASP D 279 18.84 16.27 -15.52
CA ASP D 279 19.27 15.68 -16.78
C ASP D 279 20.80 15.57 -16.77
N SER D 280 21.37 15.14 -17.90
CA SER D 280 22.80 14.89 -18.00
C SER D 280 23.57 16.21 -17.93
N TYR D 281 24.90 16.08 -17.82
CA TYR D 281 25.81 17.21 -17.76
C TYR D 281 25.70 18.08 -19.00
N TRP D 282 25.08 17.51 -20.05
CA TRP D 282 25.11 18.10 -21.38
C TRP D 282 24.82 19.61 -21.32
N LEU D 283 23.67 19.98 -20.75
CA LEU D 283 23.19 21.35 -20.79
C LEU D 283 23.43 22.05 -19.46
N ALA D 284 24.65 21.94 -18.92
CA ALA D 284 25.03 22.74 -17.77
C ALA D 284 24.85 24.21 -18.12
N ASN D 285 25.31 24.58 -19.31
CA ASN D 285 25.01 25.87 -19.91
C ASN D 285 24.55 25.63 -21.35
N VAL D 286 23.38 26.19 -21.69
CA VAL D 286 22.76 25.95 -22.98
C VAL D 286 23.62 26.52 -24.09
N HIS D 287 24.38 27.59 -23.78
CA HIS D 287 25.17 28.28 -24.79
C HIS D 287 26.50 27.56 -24.98
N ALA D 288 26.89 26.74 -24.01
CA ALA D 288 28.18 26.05 -24.04
C ALA D 288 27.99 24.58 -23.66
N PRO D 289 27.32 23.77 -24.51
CA PRO D 289 27.08 22.36 -24.20
C PRO D 289 28.37 21.56 -24.04
N LEU D 290 28.35 20.63 -23.07
CA LEU D 290 29.45 19.72 -22.82
C LEU D 290 29.22 18.44 -23.61
N THR D 291 30.30 17.88 -24.17
CA THR D 291 30.21 16.66 -24.96
C THR D 291 31.53 15.89 -24.87
N GLY D 292 31.47 14.60 -25.22
CA GLY D 292 32.67 13.80 -25.43
C GLY D 292 33.08 13.01 -24.18
N TYR D 293 32.25 13.08 -23.13
CA TYR D 293 32.57 12.40 -21.88
C TYR D 293 31.95 11.00 -21.88
N PRO D 294 32.46 10.08 -21.03
CA PRO D 294 32.00 8.69 -21.02
C PRO D 294 30.48 8.56 -20.97
N ALA D 295 29.96 7.54 -21.68
CA ALA D 295 28.54 7.39 -21.91
C ALA D 295 27.79 7.09 -20.61
N ILE D 296 28.53 6.66 -19.59
CA ILE D 296 27.92 6.24 -18.34
C ILE D 296 27.37 7.47 -17.60
N PHE D 297 27.78 8.66 -18.06
CA PHE D 297 27.34 9.91 -17.46
C PHE D 297 25.97 10.32 -17.99
N GLY D 298 25.57 9.73 -19.13
CA GLY D 298 24.28 9.99 -19.73
C GLY D 298 24.41 10.58 -21.13
N PRO D 299 23.28 10.78 -21.85
CA PRO D 299 23.31 11.31 -23.20
C PRO D 299 23.67 12.80 -23.28
N ALA D 300 24.30 13.19 -24.40
CA ALA D 300 24.72 14.57 -24.60
C ALA D 300 24.51 14.99 -26.04
N GLY D 301 23.24 15.13 -26.43
CA GLY D 301 22.90 15.55 -27.78
C GLY D 301 22.08 14.50 -28.53
N THR D 302 21.68 13.46 -27.81
CA THR D 302 20.99 12.32 -28.42
C THR D 302 19.57 12.19 -27.87
N SER D 303 19.38 12.62 -26.62
CA SER D 303 18.10 12.42 -25.94
C SER D 303 17.45 13.78 -25.64
N ALA D 304 16.12 13.80 -25.72
CA ALA D 304 15.34 14.98 -25.39
C ALA D 304 15.45 15.26 -23.89
N GLN D 305 15.32 16.53 -23.52
CA GLN D 305 15.39 16.95 -22.13
C GLN D 305 13.99 16.87 -21.52
N THR D 306 13.94 16.70 -20.20
CA THR D 306 12.67 16.70 -19.47
C THR D 306 12.05 18.08 -19.59
N LEU D 307 10.74 18.16 -19.33
CA LEU D 307 10.02 19.42 -19.40
C LEU D 307 10.56 20.39 -18.33
N ARG D 308 11.01 19.83 -17.21
CA ARG D 308 11.48 20.64 -16.09
C ARG D 308 12.82 21.26 -16.45
N THR D 309 13.67 20.49 -17.13
CA THR D 309 14.96 20.97 -17.62
C THR D 309 14.73 22.12 -18.60
N ARG D 310 13.76 21.93 -19.50
CA ARG D 310 13.45 22.91 -20.51
C ARG D 310 12.91 24.18 -19.84
N MET D 311 12.10 23.98 -18.79
CA MET D 311 11.52 25.10 -18.07
C MET D 311 12.64 25.84 -17.32
N GLY D 312 13.53 25.07 -16.69
CA GLY D 312 14.61 25.63 -15.89
C GLY D 312 15.50 26.57 -16.70
N HIS D 313 16.00 26.07 -17.83
CA HIS D 313 16.92 26.83 -18.67
C HIS D 313 16.22 28.01 -19.31
N THR D 314 14.95 27.81 -19.70
CA THR D 314 14.16 28.86 -20.31
C THR D 314 14.05 30.05 -19.36
N MET D 315 13.80 29.74 -18.08
CA MET D 315 13.61 30.75 -17.06
C MET D 315 14.85 31.63 -16.96
N VAL D 316 16.02 31.03 -17.14
CA VAL D 316 17.28 31.73 -17.00
C VAL D 316 17.49 32.64 -18.20
N LEU D 317 17.22 32.13 -19.41
CA LEU D 317 17.42 32.87 -20.63
C LEU D 317 16.53 34.11 -20.65
N GLU D 318 15.28 33.93 -20.21
CA GLU D 318 14.30 34.99 -20.26
C GLU D 318 14.62 36.03 -19.18
N ARG D 319 15.31 35.58 -18.12
CA ARG D 319 15.72 36.47 -17.05
C ARG D 319 16.80 37.42 -17.58
N LEU D 320 17.80 36.85 -18.26
CA LEU D 320 18.97 37.58 -18.69
C LEU D 320 18.65 38.39 -19.95
N ALA D 321 17.50 38.09 -20.56
CA ALA D 321 17.04 38.82 -21.74
C ALA D 321 16.01 39.87 -21.31
N GLY D 322 15.56 39.77 -20.06
CA GLY D 322 14.62 40.73 -19.48
C GLY D 322 13.23 40.63 -20.12
N THR D 323 12.77 39.38 -20.32
CA THR D 323 11.50 39.14 -20.98
C THR D 323 10.62 38.22 -20.13
N ASP D 324 10.96 38.10 -18.84
CA ASP D 324 10.28 37.17 -17.96
C ASP D 324 9.26 37.91 -17.09
N GLY D 325 9.17 39.23 -17.28
CA GLY D 325 8.18 40.03 -16.58
C GLY D 325 8.72 40.60 -15.26
N TYR D 326 9.92 40.16 -14.89
CA TYR D 326 10.56 40.64 -13.67
C TYR D 326 11.42 41.85 -14.00
N PRO D 327 11.66 42.75 -13.02
CA PRO D 327 12.43 43.98 -13.26
C PRO D 327 13.87 43.70 -13.68
N GLY D 328 14.36 44.50 -14.63
CA GLY D 328 15.74 44.43 -15.07
C GLY D 328 16.02 43.20 -15.93
N ASN D 329 17.29 42.80 -15.99
CA ASN D 329 17.71 41.66 -16.80
C ASN D 329 18.88 40.95 -16.11
N LYS D 330 18.94 41.05 -14.78
CA LYS D 330 20.01 40.43 -14.02
C LYS D 330 19.42 39.45 -13.01
N ALA D 331 20.23 38.48 -12.60
CA ALA D 331 19.84 37.51 -11.59
C ALA D 331 20.17 38.06 -10.20
N THR D 332 19.31 38.94 -9.70
CA THR D 332 19.48 39.54 -8.39
C THR D 332 18.89 38.61 -7.34
N PRO D 333 19.38 38.66 -6.08
CA PRO D 333 18.82 37.85 -5.00
C PRO D 333 17.30 37.97 -4.89
N ALA D 334 16.80 39.20 -4.98
CA ALA D 334 15.38 39.48 -4.81
C ALA D 334 14.58 38.87 -5.96
N VAL D 335 15.10 39.03 -7.18
CA VAL D 335 14.40 38.56 -8.37
C VAL D 335 14.42 37.04 -8.41
N VAL D 336 15.56 36.44 -8.04
CA VAL D 336 15.70 35.00 -8.08
C VAL D 336 14.75 34.37 -7.08
N ARG D 337 14.60 35.01 -5.91
CA ARG D 337 13.73 34.52 -4.87
C ARG D 337 12.30 34.39 -5.41
N GLU D 338 11.92 35.28 -6.32
CA GLU D 338 10.58 35.29 -6.86
C GLU D 338 10.47 34.29 -8.01
N MET D 339 11.42 34.35 -8.96
CA MET D 339 11.30 33.59 -10.19
C MET D 339 11.19 32.10 -9.87
N VAL D 340 11.90 31.66 -8.83
CA VAL D 340 12.02 30.24 -8.53
C VAL D 340 10.72 29.74 -7.90
N LEU D 341 9.84 30.68 -7.51
CA LEU D 341 8.55 30.33 -6.95
C LEU D 341 7.45 30.76 -7.92
N GLY D 342 7.80 30.87 -9.20
CA GLY D 342 6.91 31.41 -10.22
C GLY D 342 5.77 30.45 -10.57
N ASN D 343 6.02 29.16 -10.39
CA ASN D 343 4.99 28.14 -10.59
C ASN D 343 4.56 28.10 -12.05
N ARG D 344 5.51 28.34 -12.97
CA ARG D 344 5.23 28.24 -14.39
C ARG D 344 5.17 26.77 -14.77
N VAL D 345 4.23 26.44 -15.66
CA VAL D 345 4.01 25.06 -16.07
C VAL D 345 4.32 24.94 -17.56
N PHE D 346 5.46 24.31 -17.87
CA PHE D 346 5.97 24.23 -19.22
C PHE D 346 4.94 23.55 -20.14
N SER D 347 4.35 22.47 -19.67
CA SER D 347 3.44 21.68 -20.50
C SER D 347 2.30 22.57 -20.99
N ALA D 348 1.78 23.42 -20.11
CA ALA D 348 0.64 24.28 -20.42
C ALA D 348 1.07 25.42 -21.33
N GLU D 349 2.16 26.10 -20.96
CA GLU D 349 2.63 27.27 -21.69
C GLU D 349 2.80 26.92 -23.17
N ARG D 350 3.26 25.70 -23.44
CA ARG D 350 3.75 25.34 -24.77
C ARG D 350 2.71 24.55 -25.56
N PHE D 351 1.80 23.85 -24.88
CA PHE D 351 1.00 22.83 -25.54
C PHE D 351 -0.49 23.02 -25.30
N LYS D 352 -0.88 23.82 -24.30
CA LYS D 352 -2.28 23.91 -23.93
C LYS D 352 -3.10 24.39 -25.11
N ASP D 353 -2.74 25.54 -25.67
CA ASP D 353 -3.50 26.15 -26.75
C ASP D 353 -3.67 25.15 -27.89
N GLU D 354 -2.59 24.47 -28.26
CA GLU D 354 -2.63 23.50 -29.34
C GLU D 354 -3.66 22.42 -29.01
N VAL D 355 -3.70 22.01 -27.73
CA VAL D 355 -4.60 20.95 -27.30
C VAL D 355 -6.04 21.43 -27.43
N LEU D 356 -6.33 22.62 -26.90
CA LEU D 356 -7.68 23.15 -26.87
C LEU D 356 -8.18 23.42 -28.30
N ASP D 357 -7.26 23.75 -29.20
CA ASP D 357 -7.61 24.07 -30.57
C ASP D 357 -8.02 22.79 -31.30
N LEU D 358 -7.56 21.64 -30.79
CA LEU D 358 -7.71 20.39 -31.50
C LEU D 358 -8.96 19.65 -31.04
N ILE D 359 -9.40 19.89 -29.80
CA ILE D 359 -10.41 19.03 -29.19
C ILE D 359 -11.60 19.84 -28.66
N CYS D 360 -11.43 21.15 -28.46
CA CYS D 360 -12.44 21.90 -27.73
C CYS D 360 -13.54 22.44 -28.66
N THR D 361 -13.49 22.08 -29.93
CA THR D 361 -14.55 22.45 -30.86
C THR D 361 -14.81 21.31 -31.84
N PRO D 362 -16.02 20.70 -31.81
CA PRO D 362 -17.04 21.05 -30.83
C PRO D 362 -16.63 20.67 -29.40
N ALA D 363 -17.36 21.22 -28.42
CA ALA D 363 -17.09 20.95 -27.01
C ALA D 363 -17.95 19.78 -26.53
N GLN D 364 -18.95 19.41 -27.33
CA GLN D 364 -19.76 18.24 -27.07
C GLN D 364 -19.14 17.06 -27.83
N TRP D 365 -18.65 16.07 -27.07
CA TRP D 365 -17.90 14.97 -27.64
C TRP D 365 -18.69 13.67 -27.59
N THR D 366 -18.21 12.69 -28.37
CA THR D 366 -18.55 11.30 -28.18
C THR D 366 -17.28 10.54 -27.84
N VAL D 367 -17.19 10.06 -26.60
CA VAL D 367 -15.99 9.39 -26.11
C VAL D 367 -16.37 7.97 -25.67
N ASN D 368 -15.79 6.98 -26.35
CA ASN D 368 -16.08 5.59 -26.05
C ASN D 368 -17.58 5.34 -26.20
N GLY D 369 -18.19 6.03 -27.18
CA GLY D 369 -19.59 5.85 -27.50
C GLY D 369 -20.51 6.47 -26.46
N ALA D 370 -19.97 7.40 -25.67
CA ALA D 370 -20.72 8.06 -24.63
C ALA D 370 -20.67 9.58 -24.82
N ALA D 371 -21.78 10.25 -24.48
CA ALA D 371 -21.90 11.68 -24.60
C ALA D 371 -21.11 12.35 -23.47
N VAL D 372 -20.22 13.28 -23.84
CA VAL D 372 -19.39 13.98 -22.88
C VAL D 372 -19.53 15.48 -23.12
N ASP D 373 -19.91 16.21 -22.06
CA ASP D 373 -19.98 17.66 -22.11
C ASP D 373 -18.67 18.23 -21.55
N ALA D 374 -17.86 18.83 -22.42
CA ALA D 374 -16.54 19.29 -22.05
C ALA D 374 -16.44 20.81 -22.20
N ALA D 375 -17.60 21.48 -22.25
CA ALA D 375 -17.65 22.91 -22.47
C ALA D 375 -17.00 23.65 -21.30
N GLN D 376 -17.28 23.19 -20.08
CA GLN D 376 -16.80 23.86 -18.88
C GLN D 376 -15.30 23.62 -18.73
N ALA D 377 -14.86 22.40 -19.03
CA ALA D 377 -13.45 22.05 -18.93
C ALA D 377 -12.62 22.93 -19.86
N CYS D 378 -13.14 23.16 -21.07
CA CYS D 378 -12.44 23.93 -22.08
C CYS D 378 -12.38 25.41 -21.67
N ALA D 379 -13.48 25.92 -21.10
CA ALA D 379 -13.58 27.32 -20.75
C ALA D 379 -12.61 27.63 -19.61
N VAL D 380 -12.52 26.71 -18.64
CA VAL D 380 -11.70 26.91 -17.46
C VAL D 380 -10.23 26.94 -17.88
N LEU D 381 -9.84 26.01 -18.76
CA LEU D 381 -8.46 25.89 -19.19
C LEU D 381 -8.07 27.11 -20.04
N ALA D 382 -9.03 27.60 -20.82
CA ALA D 382 -8.79 28.74 -21.71
C ALA D 382 -8.57 30.00 -20.87
N ALA D 383 -9.16 30.04 -19.67
CA ALA D 383 -9.11 31.21 -18.82
C ALA D 383 -7.93 31.11 -17.85
N TRP D 384 -7.33 29.92 -17.78
CA TRP D 384 -6.17 29.67 -16.92
C TRP D 384 -4.92 30.21 -17.60
N ASP D 385 -3.98 30.74 -16.80
CA ASP D 385 -2.83 31.45 -17.35
C ASP D 385 -1.58 30.58 -17.28
N ASN D 386 -1.77 29.28 -17.03
CA ASN D 386 -0.70 28.30 -17.16
C ASN D 386 0.27 28.39 -15.98
N ARG D 387 -0.24 28.85 -14.83
CA ARG D 387 0.57 28.92 -13.62
C ARG D 387 -0.11 28.13 -12.51
N GLY D 388 0.70 27.56 -11.61
CA GLY D 388 0.20 26.79 -10.49
C GLY D 388 0.36 27.54 -9.17
N ARG D 389 -0.25 28.72 -9.11
CA ARG D 389 -0.25 29.54 -7.90
C ARG D 389 -1.47 29.18 -7.05
N LYS D 390 -1.52 29.74 -5.84
CA LYS D 390 -2.57 29.42 -4.90
C LYS D 390 -3.92 29.89 -5.44
N ASP D 391 -3.92 30.98 -6.22
CA ASP D 391 -5.15 31.58 -6.69
C ASP D 391 -5.45 31.12 -8.11
N SER D 392 -4.58 30.26 -8.66
CA SER D 392 -4.77 29.72 -9.99
C SER D 392 -5.95 28.75 -10.00
N ARG D 393 -6.80 28.86 -11.02
CA ARG D 393 -8.03 28.08 -11.09
C ARG D 393 -8.00 27.19 -12.33
N GLY D 394 -7.98 25.87 -12.11
CA GLY D 394 -8.04 24.90 -13.19
C GLY D 394 -6.72 24.14 -13.36
N ALA D 395 -5.69 24.56 -12.62
CA ALA D 395 -4.36 23.99 -12.75
C ALA D 395 -4.39 22.51 -12.43
N HIS D 396 -5.30 22.10 -11.53
CA HIS D 396 -5.41 20.72 -11.12
C HIS D 396 -6.04 19.89 -12.24
N LEU D 397 -6.91 20.54 -13.03
CA LEU D 397 -7.54 19.89 -14.15
C LEU D 397 -6.48 19.54 -15.19
N TRP D 398 -5.54 20.47 -15.42
CA TRP D 398 -4.48 20.27 -16.38
C TRP D 398 -3.58 19.11 -15.93
N ASP D 399 -3.34 19.04 -14.61
CA ASP D 399 -2.51 18.00 -14.03
C ASP D 399 -3.13 16.63 -14.33
N GLU D 400 -4.41 16.48 -13.95
CA GLU D 400 -5.11 15.21 -14.12
C GLU D 400 -5.17 14.85 -15.60
N PHE D 401 -5.09 15.87 -16.46
CA PHE D 401 -5.17 15.67 -17.90
C PHE D 401 -3.81 15.23 -18.45
N TRP D 402 -2.77 16.03 -18.17
CA TRP D 402 -1.48 15.85 -18.82
C TRP D 402 -0.88 14.51 -18.45
N SER D 403 -1.11 14.07 -17.20
CA SER D 403 -0.52 12.85 -16.68
C SER D 403 -1.13 11.63 -17.37
N ARG D 404 -2.19 11.85 -18.15
CA ARG D 404 -2.91 10.75 -18.78
C ARG D 404 -2.76 10.83 -20.30
N VAL D 405 -2.01 11.82 -20.79
CA VAL D 405 -1.79 11.99 -22.21
C VAL D 405 -0.75 10.99 -22.69
N PRO D 406 -1.09 10.11 -23.65
CA PRO D 406 -0.12 9.18 -24.24
C PRO D 406 0.98 9.92 -24.99
N THR D 407 2.23 9.55 -24.71
CA THR D 407 3.39 10.31 -25.17
C THR D 407 3.90 9.75 -26.49
N ALA D 408 3.40 8.57 -26.88
CA ALA D 408 3.83 7.93 -28.11
C ALA D 408 3.29 8.72 -29.31
N SER D 409 4.22 9.23 -30.14
CA SER D 409 3.86 9.95 -31.35
C SER D 409 2.97 11.14 -31.02
N LEU D 410 3.26 11.80 -29.89
CA LEU D 410 2.45 12.93 -29.45
C LEU D 410 2.95 14.21 -30.13
N PHE D 411 4.25 14.25 -30.44
CA PHE D 411 4.87 15.43 -31.01
C PHE D 411 5.25 15.15 -32.46
N THR D 412 5.07 16.18 -33.31
CA THR D 412 5.33 16.05 -34.74
C THR D 412 6.68 16.66 -35.08
N VAL D 413 7.14 17.59 -34.25
CA VAL D 413 8.48 18.16 -34.41
C VAL D 413 9.42 17.43 -33.46
N PRO D 414 10.35 16.61 -33.99
CA PRO D 414 11.20 15.76 -33.15
C PRO D 414 12.31 16.53 -32.45
N PHE D 415 12.95 15.87 -31.47
CA PHE D 415 14.04 16.46 -30.72
C PHE D 415 15.17 16.87 -31.67
N SER D 416 15.73 18.05 -31.42
CA SER D 416 16.89 18.53 -32.14
C SER D 416 17.92 19.05 -31.14
N ALA D 417 19.14 18.50 -31.21
CA ALA D 417 20.22 18.90 -30.34
C ALA D 417 20.49 20.39 -30.54
N ALA D 418 19.96 20.95 -31.62
CA ALA D 418 20.15 22.35 -31.97
C ALA D 418 19.18 23.22 -31.15
N ASP D 419 18.04 22.63 -30.78
CA ASP D 419 16.99 23.37 -30.10
C ASP D 419 16.44 22.50 -28.97
N PRO D 420 17.25 22.18 -27.94
CA PRO D 420 16.83 21.26 -26.88
C PRO D 420 15.74 21.80 -25.96
N LEU D 421 15.51 23.12 -25.97
CA LEU D 421 14.55 23.72 -25.07
C LEU D 421 13.18 23.83 -25.74
N ASN D 422 13.14 23.71 -27.07
CA ASN D 422 11.90 23.95 -27.80
C ASN D 422 11.53 22.73 -28.65
N THR D 423 12.24 21.61 -28.42
CA THR D 423 11.91 20.34 -29.04
C THR D 423 12.01 19.25 -27.99
N PRO D 424 11.20 18.17 -28.07
CA PRO D 424 10.15 18.05 -29.08
C PRO D 424 8.98 19.02 -28.90
N ARG D 425 8.24 19.28 -29.99
CA ARG D 425 7.06 20.13 -29.95
C ARG D 425 6.09 19.73 -31.06
N GLY D 426 4.93 20.39 -31.09
CA GLY D 426 3.92 20.16 -32.12
C GLY D 426 2.98 19.00 -31.76
N ILE D 427 1.83 19.33 -31.17
CA ILE D 427 0.84 18.33 -30.82
C ILE D 427 0.30 17.71 -32.11
N ASN D 428 0.34 16.37 -32.16
CA ASN D 428 -0.07 15.61 -33.33
C ASN D 428 -1.60 15.63 -33.42
N ALA D 429 -2.12 15.95 -34.60
CA ALA D 429 -3.56 16.02 -34.82
C ALA D 429 -4.17 14.63 -34.77
N ALA D 430 -3.34 13.60 -34.95
CA ALA D 430 -3.81 12.23 -34.97
C ALA D 430 -4.12 11.75 -33.56
N ALA D 431 -3.65 12.51 -32.56
CA ALA D 431 -3.81 12.13 -31.16
C ALA D 431 -5.10 12.73 -30.60
N ALA D 432 -5.92 13.29 -31.48
CA ALA D 432 -7.13 14.00 -31.08
C ALA D 432 -7.95 13.13 -30.13
N ASP D 433 -8.25 11.89 -30.55
CA ASP D 433 -9.14 11.01 -29.82
C ASP D 433 -8.57 10.71 -28.44
N ALA D 434 -7.27 10.40 -28.39
CA ALA D 434 -6.61 10.02 -27.15
C ALA D 434 -6.68 11.18 -26.15
N LEU D 435 -6.62 12.40 -26.68
CA LEU D 435 -6.60 13.60 -25.85
C LEU D 435 -7.96 13.81 -25.21
N ARG D 436 -9.04 13.59 -25.98
CA ARG D 436 -10.39 13.74 -25.47
C ARG D 436 -10.64 12.65 -24.42
N GLN D 437 -10.07 11.47 -24.63
CA GLN D 437 -10.17 10.39 -23.66
C GLN D 437 -9.56 10.83 -22.35
N ALA D 438 -8.35 11.41 -22.43
CA ALA D 438 -7.61 11.82 -21.25
C ALA D 438 -8.32 12.96 -20.54
N MET D 439 -8.93 13.87 -21.33
CA MET D 439 -9.58 15.04 -20.78
C MET D 439 -10.89 14.62 -20.10
N ALA D 440 -11.59 13.66 -20.72
CA ALA D 440 -12.82 13.14 -20.17
C ALA D 440 -12.55 12.49 -18.82
N THR D 441 -11.49 11.67 -18.76
CA THR D 441 -11.11 10.99 -17.53
C THR D 441 -10.73 12.04 -16.47
N ALA D 442 -9.99 13.07 -16.90
CA ALA D 442 -9.50 14.09 -16.00
C ALA D 442 -10.68 14.79 -15.32
N VAL D 443 -11.72 15.09 -16.10
CA VAL D 443 -12.89 15.79 -15.60
C VAL D 443 -13.61 14.91 -14.58
N ALA D 444 -13.66 13.60 -14.87
CA ALA D 444 -14.35 12.66 -14.00
C ALA D 444 -13.65 12.59 -12.64
N ARG D 445 -12.32 12.47 -12.67
CA ARG D 445 -11.54 12.34 -11.45
C ARG D 445 -11.74 13.57 -10.58
N VAL D 446 -11.70 14.76 -11.19
CA VAL D 446 -11.89 16.00 -10.47
C VAL D 446 -13.31 15.99 -9.89
N GLY D 447 -14.24 15.37 -10.61
CA GLY D 447 -15.60 15.22 -10.15
C GLY D 447 -15.68 14.37 -8.88
N GLN D 448 -15.00 13.22 -8.90
CA GLN D 448 -14.96 12.33 -7.75
C GLN D 448 -14.40 13.05 -6.53
N SER D 449 -13.52 14.02 -6.77
CA SER D 449 -12.73 14.64 -5.71
C SER D 449 -13.58 15.57 -4.86
N GLY D 450 -14.67 16.09 -5.45
CA GLY D 450 -15.52 17.04 -4.77
C GLY D 450 -15.09 18.49 -5.03
N TYR D 451 -13.97 18.64 -5.75
CA TYR D 451 -13.47 19.95 -6.12
C TYR D 451 -14.10 20.39 -7.45
N ALA D 452 -14.41 21.67 -7.54
CA ALA D 452 -14.86 22.27 -8.79
C ALA D 452 -13.71 22.25 -9.79
N LEU D 453 -14.05 22.35 -11.08
CA LEU D 453 -13.05 22.36 -12.14
C LEU D 453 -12.22 23.64 -12.06
N ASP D 454 -12.79 24.69 -11.46
CA ASP D 454 -12.16 25.99 -11.42
C ASP D 454 -11.78 26.36 -9.99
N ALA D 455 -11.65 25.34 -9.13
CA ALA D 455 -11.23 25.56 -7.75
C ALA D 455 -9.80 26.10 -7.74
N PRO D 456 -9.49 27.09 -6.88
CA PRO D 456 -8.12 27.61 -6.79
C PRO D 456 -7.18 26.55 -6.23
N ARG D 457 -5.96 26.50 -6.77
CA ARG D 457 -5.05 25.40 -6.53
C ARG D 457 -4.73 25.32 -5.03
N GLY D 458 -4.76 26.47 -4.36
CA GLY D 458 -4.42 26.56 -2.95
C GLY D 458 -5.36 25.75 -2.06
N GLU D 459 -6.52 25.37 -2.62
CA GLU D 459 -7.51 24.61 -1.88
C GLU D 459 -7.33 23.12 -2.18
N VAL D 460 -6.71 22.82 -3.32
CA VAL D 460 -6.46 21.45 -3.72
C VAL D 460 -5.07 21.03 -3.24
N LEU D 461 -4.13 21.98 -3.29
CA LEU D 461 -2.74 21.76 -2.93
C LEU D 461 -2.48 22.42 -1.58
N TYR D 462 -2.22 21.61 -0.54
CA TYR D 462 -2.20 22.13 0.82
C TYR D 462 -1.39 21.22 1.74
N VAL D 463 -1.08 21.77 2.92
CA VAL D 463 -0.46 21.03 4.01
C VAL D 463 -1.11 21.50 5.31
N THR D 464 -1.32 20.56 6.24
CA THR D 464 -2.06 20.84 7.46
C THR D 464 -1.09 21.10 8.62
N ARG D 465 -1.32 22.22 9.32
CA ARG D 465 -0.56 22.56 10.51
C ARG D 465 -1.47 23.30 11.49
N GLY D 466 -1.61 22.74 12.70
CA GLY D 466 -2.42 23.35 13.74
C GLY D 466 -3.91 23.18 13.49
N GLY D 467 -4.26 22.21 12.62
CA GLY D 467 -5.64 21.89 12.35
C GLY D 467 -6.21 22.72 11.20
N THR D 468 -5.36 23.54 10.58
CA THR D 468 -5.78 24.39 9.48
C THR D 468 -4.96 24.05 8.23
N ARG D 469 -5.61 24.15 7.07
CA ARG D 469 -4.98 23.84 5.80
C ARG D 469 -4.29 25.07 5.25
N LEU D 470 -2.95 25.05 5.26
CA LEU D 470 -2.15 26.09 4.65
C LEU D 470 -2.12 25.89 3.14
N PRO D 471 -2.55 26.87 2.33
CA PRO D 471 -2.52 26.74 0.87
C PRO D 471 -1.09 26.67 0.35
N LEU D 472 -0.87 25.79 -0.63
CA LEU D 472 0.44 25.63 -1.24
C LEU D 472 0.36 25.90 -2.73
N TYR D 473 1.53 25.95 -3.37
CA TYR D 473 1.66 26.29 -4.78
C TYR D 473 2.70 25.37 -5.40
N GLY D 474 2.81 25.41 -6.73
CA GLY D 474 3.71 24.53 -7.45
C GLY D 474 3.02 23.25 -7.91
N GLY D 475 3.81 22.27 -8.37
CA GLY D 475 3.28 21.03 -8.89
C GLY D 475 4.39 20.00 -9.13
N CYS D 476 4.10 19.01 -9.99
CA CYS D 476 5.04 17.95 -10.30
C CYS D 476 5.77 18.27 -11.59
N GLY D 477 7.06 17.93 -11.63
CA GLY D 477 7.95 18.33 -12.72
C GLY D 477 7.57 17.66 -14.04
N ALA D 478 6.77 16.60 -13.96
CA ALA D 478 6.36 15.84 -15.14
C ALA D 478 5.49 16.71 -16.04
N MET D 479 4.95 17.79 -15.47
CA MET D 479 4.07 18.69 -16.22
C MET D 479 4.83 19.96 -16.58
N GLY D 480 6.12 20.01 -16.22
CA GLY D 480 6.97 21.13 -16.58
C GLY D 480 7.00 22.22 -15.50
N TYR D 481 6.63 21.84 -14.27
CA TYR D 481 6.79 22.72 -13.13
C TYR D 481 8.28 22.83 -12.79
N PHE D 482 8.67 24.01 -12.28
CA PHE D 482 9.99 24.21 -11.71
C PHE D 482 9.86 24.21 -10.19
N THR D 483 8.85 24.94 -9.70
CA THR D 483 8.48 24.94 -8.30
C THR D 483 7.73 23.64 -8.01
N ILE D 484 8.36 22.74 -7.24
CA ILE D 484 7.86 21.39 -7.11
C ILE D 484 7.16 21.20 -5.77
N THR D 485 5.86 20.92 -5.85
CA THR D 485 5.07 20.45 -4.73
C THR D 485 4.25 19.26 -5.21
N CYS D 486 4.82 18.06 -5.06
CA CYS D 486 4.32 16.87 -5.74
C CYS D 486 3.76 15.88 -4.72
N SER D 487 2.43 15.82 -4.63
CA SER D 487 1.74 14.94 -3.68
C SER D 487 1.72 13.52 -4.24
N GLU D 488 1.69 12.54 -3.32
CA GLU D 488 1.57 11.14 -3.71
C GLU D 488 0.11 10.72 -3.54
N ASN D 489 -0.72 11.67 -3.09
CA ASN D 489 -2.11 11.42 -2.78
C ASN D 489 -2.96 11.67 -4.02
N ASP D 490 -3.83 10.70 -4.36
CA ASP D 490 -4.70 10.84 -5.50
C ASP D 490 -5.77 11.88 -5.18
N ILE D 491 -6.11 12.71 -6.19
CA ILE D 491 -6.95 13.87 -5.98
C ILE D 491 -8.30 13.43 -5.41
N THR D 492 -8.72 12.21 -5.75
CA THR D 492 -10.02 11.70 -5.33
C THR D 492 -10.02 11.39 -3.83
N GLN D 493 -8.83 11.38 -3.23
CA GLN D 493 -8.69 11.00 -1.83
C GLN D 493 -8.41 12.24 -0.99
N GLY D 494 -9.13 13.33 -1.28
CA GLY D 494 -9.07 14.53 -0.46
C GLY D 494 -8.07 15.56 -0.99
N GLY D 495 -7.79 15.50 -2.29
CA GLY D 495 -6.96 16.50 -2.95
C GLY D 495 -5.48 16.17 -2.86
N TYR D 496 -4.64 17.15 -3.23
CA TYR D 496 -3.20 16.98 -3.23
C TYR D 496 -2.64 17.34 -1.86
N SER D 497 -2.95 16.50 -0.86
CA SER D 497 -2.45 16.69 0.50
C SER D 497 -0.95 16.42 0.55
N MET D 498 -0.24 17.22 1.35
CA MET D 498 1.20 17.08 1.52
C MET D 498 1.48 16.65 2.96
N ASP D 499 0.49 16.01 3.59
CA ASP D 499 0.55 15.67 5.00
C ASP D 499 1.06 14.24 5.17
N GLY D 500 1.02 13.46 4.09
CA GLY D 500 1.48 12.07 4.14
C GLY D 500 2.99 11.99 3.94
N GLN D 501 3.40 11.20 2.94
CA GLN D 501 4.79 11.14 2.52
C GLN D 501 4.87 11.50 1.04
N PRO D 502 4.82 12.81 0.70
CA PRO D 502 4.83 13.26 -0.69
C PRO D 502 6.05 12.79 -1.49
N ASN D 503 5.97 12.93 -2.81
CA ASN D 503 7.08 12.63 -3.69
C ASN D 503 8.13 13.74 -3.55
N ALA D 504 9.32 13.52 -4.11
CA ALA D 504 10.39 14.49 -4.06
C ALA D 504 9.81 15.88 -4.34
N SER D 505 9.95 16.79 -3.35
CA SER D 505 9.38 18.12 -3.43
C SER D 505 10.30 19.14 -2.78
N ASN D 506 10.02 20.43 -3.01
CA ASN D 506 10.81 21.50 -2.42
C ASN D 506 10.95 21.23 -0.93
N SER D 507 12.19 21.33 -0.43
CA SER D 507 12.51 21.03 0.96
C SER D 507 13.35 22.16 1.54
N TYR D 508 14.67 22.02 1.46
CA TYR D 508 15.58 23.11 1.77
C TYR D 508 15.81 23.94 0.52
N MET D 509 15.64 25.26 0.66
CA MET D 509 15.85 26.19 -0.44
C MET D 509 16.75 27.31 0.05
N GLN D 510 17.80 27.62 -0.73
CA GLN D 510 18.73 28.67 -0.36
C GLN D 510 19.04 29.53 -1.57
N VAL D 511 19.05 30.85 -1.35
CA VAL D 511 19.57 31.82 -2.31
C VAL D 511 20.70 32.56 -1.62
N VAL D 512 21.94 32.28 -2.05
CA VAL D 512 23.11 32.74 -1.34
C VAL D 512 23.93 33.65 -2.25
N SER D 513 24.28 34.84 -1.73
CA SER D 513 25.16 35.75 -2.44
C SER D 513 26.28 36.17 -1.49
N PHE D 514 27.30 36.86 -2.04
CA PHE D 514 28.44 37.30 -1.26
C PHE D 514 28.70 38.78 -1.53
N PRO D 515 27.84 39.70 -1.04
CA PRO D 515 28.11 41.13 -1.12
C PRO D 515 29.28 41.55 -0.23
N ALA D 516 29.64 42.82 -0.30
CA ALA D 516 30.80 43.34 0.40
C ALA D 516 30.65 43.14 1.91
N SER D 517 29.40 43.20 2.38
CA SER D 517 29.12 43.12 3.81
C SER D 517 29.34 41.71 4.34
N GLY D 518 29.24 40.71 3.45
CA GLY D 518 29.42 39.32 3.83
C GLY D 518 28.32 38.43 3.26
N VAL D 519 28.49 37.11 3.41
CA VAL D 519 27.49 36.16 2.94
C VAL D 519 26.10 36.60 3.42
N GLN D 520 25.15 36.56 2.49
CA GLN D 520 23.74 36.78 2.78
C GLN D 520 22.96 35.60 2.21
N ALA D 521 22.06 35.03 3.03
CA ALA D 521 21.33 33.85 2.62
C ALA D 521 19.86 33.93 3.04
N HIS D 522 18.98 33.62 2.09
CA HIS D 522 17.56 33.45 2.37
C HIS D 522 17.20 31.97 2.19
N THR D 523 16.40 31.43 3.11
CA THR D 523 16.20 29.99 3.15
C THR D 523 14.74 29.63 3.43
N PHE D 524 14.39 28.41 3.05
CA PHE D 524 13.15 27.76 3.45
C PHE D 524 13.45 26.33 3.90
N LEU D 525 12.72 25.87 4.91
CA LEU D 525 12.60 24.45 5.18
C LEU D 525 11.10 24.11 5.22
N THR D 526 10.59 23.69 4.05
CA THR D 526 9.17 23.68 3.77
C THR D 526 8.38 23.00 4.89
N TYR D 527 8.87 21.85 5.36
CA TYR D 527 8.11 21.01 6.28
C TYR D 527 8.44 21.37 7.73
N SER D 528 9.40 22.28 7.92
CA SER D 528 9.81 22.73 9.24
C SER D 528 10.77 21.71 9.86
N LEU D 529 11.42 22.13 10.96
CA LEU D 529 12.57 21.42 11.51
C LEU D 529 12.16 20.17 12.28
N SER D 530 11.00 20.19 12.95
CA SER D 530 10.63 19.14 13.89
C SER D 530 9.55 18.23 13.30
N ASP D 531 9.65 16.94 13.62
CA ASP D 531 8.67 15.95 13.21
C ASP D 531 7.63 15.76 14.31
N ASP D 532 7.84 16.45 15.44
CA ASP D 532 6.95 16.36 16.58
C ASP D 532 5.83 17.38 16.42
N PRO D 533 4.56 16.94 16.24
CA PRO D 533 3.44 17.84 15.99
C PRO D 533 3.20 18.87 17.09
N ALA D 534 3.68 18.58 18.30
CA ALA D 534 3.48 19.45 19.44
C ALA D 534 4.53 20.56 19.45
N SER D 535 5.61 20.35 18.68
CA SER D 535 6.74 21.26 18.68
C SER D 535 6.34 22.60 18.11
N PRO D 536 6.88 23.72 18.64
CA PRO D 536 6.69 25.04 18.05
C PRO D 536 7.40 25.20 16.72
N HIS D 537 8.21 24.20 16.35
CA HIS D 537 8.98 24.24 15.12
C HIS D 537 8.53 23.13 14.20
N HIS D 538 7.23 22.82 14.24
CA HIS D 538 6.64 21.80 13.40
C HIS D 538 5.96 22.45 12.19
N GLY D 539 5.53 23.71 12.34
CA GLY D 539 4.73 24.36 11.32
C GLY D 539 5.07 25.83 11.11
N ASP D 540 6.09 26.33 11.82
CA ASP D 540 6.40 27.76 11.77
C ASP D 540 7.04 28.10 10.43
N TYR D 541 7.95 27.23 9.96
CA TYR D 541 8.63 27.45 8.70
C TYR D 541 7.62 27.26 7.56
N THR D 542 6.75 26.26 7.73
CA THR D 542 5.78 25.88 6.72
C THR D 542 4.83 27.04 6.44
N LYS D 543 4.42 27.72 7.51
CA LYS D 543 3.46 28.81 7.42
C LYS D 543 4.05 29.92 6.56
N ALA D 544 5.36 30.15 6.73
CA ALA D 544 6.07 31.18 5.99
C ALA D 544 6.18 30.78 4.52
N TYR D 545 6.44 29.49 4.27
CA TYR D 545 6.57 28.99 2.92
C TYR D 545 5.26 29.17 2.16
N SER D 546 4.15 28.82 2.83
CA SER D 546 2.82 28.99 2.28
C SER D 546 2.62 30.45 1.87
N ALA D 547 3.21 31.37 2.65
CA ALA D 547 3.01 32.80 2.45
C ALA D 547 4.12 33.37 1.56
N GLY D 548 5.07 32.50 1.18
CA GLY D 548 6.14 32.89 0.29
C GLY D 548 7.11 33.88 0.93
N GLN D 549 7.26 33.79 2.26
CA GLN D 549 8.11 34.72 3.00
C GLN D 549 9.42 34.02 3.36
N TRP D 550 10.45 34.28 2.53
CA TRP D 550 11.78 33.74 2.77
C TRP D 550 12.29 34.21 4.12
N LEU D 551 13.21 33.44 4.70
CA LEU D 551 13.85 33.80 5.96
C LEU D 551 15.28 34.24 5.69
N ARG D 552 15.61 35.47 6.09
CA ARG D 552 17.00 35.90 6.14
C ARG D 552 17.64 35.27 7.37
N VAL D 553 18.37 34.17 7.15
CA VAL D 553 18.92 33.38 8.24
C VAL D 553 20.16 34.08 8.78
N PRO D 554 20.27 34.23 10.12
CA PRO D 554 21.45 34.84 10.74
C PRO D 554 22.68 33.97 10.55
N PHE D 555 23.84 34.61 10.37
CA PHE D 555 25.09 33.89 10.14
C PHE D 555 26.20 34.40 11.04
N THR D 556 26.43 35.73 11.03
CA THR D 556 27.44 36.33 11.88
C THR D 556 26.97 36.23 13.33
N GLU D 557 27.92 36.36 14.26
CA GLU D 557 27.63 36.30 15.69
C GLU D 557 26.70 37.46 16.07
N ALA D 558 26.91 38.61 15.43
CA ALA D 558 26.10 39.78 15.71
C ALA D 558 24.67 39.57 15.22
N GLU D 559 24.54 38.89 14.06
CA GLU D 559 23.24 38.61 13.49
C GLU D 559 22.49 37.61 14.36
N ILE D 560 23.23 36.64 14.91
CA ILE D 560 22.64 35.58 15.72
C ILE D 560 22.16 36.15 17.05
N THR D 561 23.01 36.96 17.69
CA THR D 561 22.70 37.52 18.99
C THR D 561 21.63 38.59 18.85
N GLY D 562 21.58 39.23 17.68
CA GLY D 562 20.66 40.32 17.43
C GLY D 562 19.29 39.84 16.96
N ASN D 563 19.19 38.54 16.66
CA ASN D 563 17.95 37.95 16.18
C ASN D 563 16.87 38.15 17.24
N ALA D 564 15.63 38.33 16.78
CA ALA D 564 14.51 38.68 17.65
C ALA D 564 14.13 37.51 18.54
N ASP D 565 14.49 36.29 18.12
CA ASP D 565 14.07 35.09 18.83
C ASP D 565 15.28 34.40 19.45
N TYR D 566 16.34 35.18 19.70
CA TYR D 566 17.61 34.65 20.16
C TYR D 566 17.46 34.04 21.56
N ARG D 567 17.86 32.77 21.68
CA ARG D 567 18.02 32.11 22.96
C ARG D 567 19.25 31.20 22.91
N THR D 568 20.03 31.19 23.99
CA THR D 568 21.24 30.38 24.05
C THR D 568 21.18 29.46 25.26
N ALA D 569 21.82 28.29 25.11
CA ALA D 569 21.94 27.33 26.18
C ALA D 569 23.21 26.49 25.96
N THR D 570 23.88 26.12 27.05
CA THR D 570 25.11 25.36 26.94
C THR D 570 24.82 23.93 27.41
N VAL D 571 25.30 22.96 26.63
CA VAL D 571 25.17 21.55 26.97
C VAL D 571 26.57 20.97 27.12
N LYS D 572 26.82 20.31 28.27
CA LYS D 572 28.12 19.75 28.55
C LYS D 572 27.97 18.40 29.26
N GLU D 573 28.93 17.50 29.04
CA GLU D 573 28.99 16.22 29.73
C GLU D 573 30.39 15.65 29.60
N LEU D 574 30.73 14.71 30.49
CA LEU D 574 32.02 14.02 30.42
C LEU D 574 32.09 13.18 29.16
N GLU D 575 33.27 13.20 28.52
CA GLU D 575 33.51 12.49 27.28
C GLU D 575 33.90 11.03 27.59
C1 DKA E . -18.58 -14.27 7.04
O1 DKA E . -17.68 -14.90 7.55
C2 DKA E . -18.93 -14.27 5.58
C3 DKA E . -20.30 -14.76 5.26
C4 DKA E . -20.83 -14.21 3.96
C5 DKA E . -19.96 -14.51 2.76
C6 DKA E . -20.72 -14.72 1.49
C7 DKA E . -22.11 -15.28 1.69
C8 DKA E . -22.62 -16.09 0.52
C9 DKA E . -21.91 -17.40 0.32
C10 DKA E . -21.11 -17.45 -0.95
C1 DKA F . 17.77 16.20 -5.79
O1 DKA F . 17.93 15.22 -6.48
C2 DKA F . 18.48 16.50 -4.50
C3 DKA F . 19.84 15.86 -4.38
C4 DKA F . 19.85 14.68 -3.43
C5 DKA F . 20.30 15.01 -2.03
C6 DKA F . 21.62 15.73 -1.96
C7 DKA F . 22.32 15.61 -0.63
C8 DKA F . 23.73 15.07 -0.71
C9 DKA F . 23.80 13.57 -0.69
C10 DKA F . 24.69 12.98 -1.77
#